data_3V8S
#
_entry.id   3V8S
#
_cell.length_a   151.720
_cell.length_b   152.110
_cell.length_c   186.140
_cell.angle_alpha   90.00
_cell.angle_beta   90.00
_cell.angle_gamma   90.00
#
_symmetry.space_group_name_H-M   'C 2 2 21'
#
loop_
_entity.id
_entity.type
_entity.pdbx_description
1 polymer 'Rho-associated protein kinase 1'
2 non-polymer 1-(1H-indazol-5-yl)-3-(2-phenylethyl)urea
3 water water
#
_entity_poly.entity_id   1
_entity_poly.type   'polypeptide(L)'
_entity_poly.pdbx_seq_one_letter_code
;SFETRFEKMDNLLRDPKSEVNSDCLLDGLDALVYDLDFPALRKNKNIDNFLSRYKDTINKIRDLRMKAEDYEVVKVIGRG
AFGEVQLVRHKSTRKVYAMKLLSKFEMIKRSDSAFFWEERDIMAFANSPWVVQLFYAFQDDRYLYMVMEYMPGGDLVNLM
SNYDVPEKWARFYTAEVVLALDAIHSMGFIHRDVKPDNMLLDKSGHLKLADFGTCMKMNKEGMVRCDTAVGTPDYISPEV
LKSQGGDGYYGRECDWWSVGVFLYEMLVGDTPFYADSLVGTYSKIMNHKNSLTFPDDNDISKEAKNLICAFLTDREVRLG
RNGVEEIKRHLFFKNDQWAWETLRDTVAPVVPDLSSDIDTSNFDDLEEDKGEEETFPIPKAFVGNQLPFVGFTYYSNRRY
LSSANPNDNR
;
_entity_poly.pdbx_strand_id   A,B,C,D
#
# COMPACT_ATOMS: atom_id res chain seq x y z
N GLU A 3 10.63 -1.45 -13.79
CA GLU A 3 10.68 -0.42 -12.76
C GLU A 3 10.86 0.98 -13.37
N THR A 4 12.02 1.22 -13.99
CA THR A 4 12.30 2.50 -14.63
C THR A 4 11.36 2.77 -15.81
N ARG A 5 10.96 1.70 -16.50
CA ARG A 5 9.94 1.81 -17.55
C ARG A 5 8.60 2.17 -16.94
N PHE A 6 8.26 1.52 -15.83
CA PHE A 6 7.03 1.83 -15.10
C PHE A 6 7.07 3.24 -14.48
N GLU A 7 8.28 3.75 -14.22
CA GLU A 7 8.42 5.07 -13.59
C GLU A 7 8.20 6.22 -14.56
N LYS A 8 8.76 6.12 -15.76
CA LYS A 8 8.54 7.14 -16.77
C LYS A 8 7.07 7.19 -17.15
N MET A 9 6.45 6.02 -17.25
CA MET A 9 5.05 5.94 -17.66
C MET A 9 4.14 6.80 -16.80
N ASP A 10 4.23 6.64 -15.49
CA ASP A 10 3.37 7.43 -14.60
C ASP A 10 3.84 8.87 -14.49
N ASN A 11 5.04 9.16 -15.01
CA ASN A 11 5.46 10.54 -15.17
C ASN A 11 4.69 11.17 -16.34
N LEU A 12 4.67 10.47 -17.47
CA LEU A 12 3.91 10.91 -18.63
C LEU A 12 2.45 11.08 -18.29
N LEU A 13 1.97 10.26 -17.37
CA LEU A 13 0.56 10.30 -16.99
C LEU A 13 0.23 11.51 -16.12
N ARG A 14 1.22 11.95 -15.34
CA ARG A 14 1.08 13.13 -14.47
C ARG A 14 1.33 14.50 -15.13
N ASP A 15 2.34 14.58 -15.98
CA ASP A 15 2.78 15.87 -16.50
C ASP A 15 1.65 16.71 -17.11
N PRO A 16 1.44 17.93 -16.59
CA PRO A 16 0.40 18.80 -17.16
C PRO A 16 0.71 19.17 -18.61
N LYS A 17 1.98 19.07 -19.00
CA LYS A 17 2.38 19.31 -20.39
C LYS A 17 2.54 18.04 -21.24
N SER A 18 2.31 16.87 -20.65
CA SER A 18 2.39 15.63 -21.41
C SER A 18 1.12 15.42 -22.22
N GLU A 19 1.27 14.84 -23.41
CA GLU A 19 0.14 14.57 -24.28
C GLU A 19 -0.57 13.25 -23.97
N VAL A 20 0.10 12.39 -23.23
CA VAL A 20 -0.56 11.21 -22.66
C VAL A 20 -1.03 11.36 -21.21
N ASN A 21 -1.05 12.59 -20.69
CA ASN A 21 -1.54 12.74 -19.33
C ASN A 21 -3.01 12.36 -19.21
N SER A 22 -3.47 12.13 -17.98
CA SER A 22 -4.82 11.67 -17.70
C SER A 22 -5.92 12.46 -18.38
N ASP A 23 -5.78 13.78 -18.43
CA ASP A 23 -6.75 14.62 -19.10
C ASP A 23 -6.86 14.28 -20.59
N CYS A 24 -5.72 14.09 -21.25
CA CYS A 24 -5.73 13.79 -22.68
C CYS A 24 -6.32 12.42 -22.92
N LEU A 25 -5.90 11.46 -22.12
CA LEU A 25 -6.41 10.09 -22.24
C LEU A 25 -7.93 10.05 -22.10
N LEU A 26 -8.47 10.79 -21.14
CA LEU A 26 -9.92 10.87 -20.97
C LEU A 26 -10.57 11.61 -22.15
N ASP A 27 -9.95 12.68 -22.62
CA ASP A 27 -10.45 13.40 -23.79
C ASP A 27 -10.50 12.45 -25.01
N GLY A 28 -9.49 11.60 -25.14
CA GLY A 28 -9.46 10.64 -26.24
C GLY A 28 -10.71 9.76 -26.28
N LEU A 29 -11.04 9.16 -25.14
CA LEU A 29 -12.15 8.25 -25.06
C LEU A 29 -13.44 8.99 -25.31
N ASP A 30 -13.55 10.17 -24.71
CA ASP A 30 -14.74 11.00 -24.82
C ASP A 30 -14.96 11.44 -26.27
N ALA A 31 -13.87 11.80 -26.93
CA ALA A 31 -13.90 12.23 -28.31
C ALA A 31 -14.31 11.07 -29.21
N LEU A 32 -13.73 9.91 -28.94
CA LEU A 32 -14.04 8.71 -29.69
C LEU A 32 -15.54 8.39 -29.60
N VAL A 33 -16.09 8.41 -28.39
CA VAL A 33 -17.49 8.07 -28.22
C VAL A 33 -18.43 9.06 -28.95
N TYR A 34 -18.17 10.37 -28.83
CA TYR A 34 -18.97 11.36 -29.53
C TYR A 34 -18.92 11.06 -31.04
N ASP A 35 -17.72 10.78 -31.54
CA ASP A 35 -17.56 10.63 -32.99
C ASP A 35 -18.07 9.29 -33.54
N LEU A 36 -18.20 8.29 -32.67
CA LEU A 36 -18.80 7.04 -33.09
C LEU A 36 -20.31 6.91 -32.94
N ASP A 37 -20.96 7.73 -32.12
CA ASP A 37 -22.30 7.31 -31.77
C ASP A 37 -23.30 8.01 -32.67
N PHE A 38 -23.60 7.31 -33.76
CA PHE A 38 -24.53 7.70 -34.82
C PHE A 38 -25.06 6.41 -35.44
N PRO A 39 -26.32 6.43 -35.96
CA PRO A 39 -26.96 5.20 -36.45
C PRO A 39 -26.24 4.55 -37.63
N ALA A 40 -25.81 5.36 -38.58
CA ALA A 40 -25.06 4.83 -39.70
C ALA A 40 -23.84 4.05 -39.20
N LEU A 41 -23.12 4.64 -38.26
CA LEU A 41 -21.87 4.06 -37.76
C LEU A 41 -22.13 2.81 -36.94
N ARG A 42 -23.25 2.79 -36.25
CA ARG A 42 -23.62 1.64 -35.44
C ARG A 42 -23.98 0.40 -36.26
N LYS A 43 -24.16 0.55 -37.57
CA LYS A 43 -24.29 -0.61 -38.45
C LYS A 43 -23.05 -1.49 -38.32
N ASN A 44 -21.92 -0.85 -38.09
CA ASN A 44 -20.68 -1.57 -37.83
C ASN A 44 -20.74 -2.17 -36.42
N LYS A 45 -20.50 -3.47 -36.34
CA LYS A 45 -20.64 -4.26 -35.12
C LYS A 45 -19.52 -3.97 -34.09
N ASN A 46 -18.30 -3.73 -34.58
CA ASN A 46 -17.21 -3.29 -33.73
C ASN A 46 -17.62 -2.03 -33.00
N ILE A 47 -18.18 -1.11 -33.76
CA ILE A 47 -18.54 0.20 -33.23
C ILE A 47 -19.72 0.09 -32.29
N ASP A 48 -20.73 -0.67 -32.70
CA ASP A 48 -21.93 -0.86 -31.92
C ASP A 48 -21.65 -1.54 -30.58
N ASN A 49 -20.76 -2.53 -30.61
CA ASN A 49 -20.41 -3.27 -29.40
C ASN A 49 -19.51 -2.50 -28.44
N PHE A 50 -18.68 -1.63 -29.00
CA PHE A 50 -17.78 -0.82 -28.19
C PHE A 50 -18.61 0.21 -27.44
N LEU A 51 -19.58 0.80 -28.13
CA LEU A 51 -20.42 1.81 -27.50
C LEU A 51 -21.35 1.24 -26.42
N SER A 52 -21.82 0.02 -26.57
CA SER A 52 -22.70 -0.57 -25.57
C SER A 52 -21.87 -0.86 -24.33
N ARG A 53 -20.68 -1.39 -24.57
CA ARG A 53 -19.73 -1.71 -23.52
C ARG A 53 -19.30 -0.49 -22.66
N TYR A 54 -19.14 0.68 -23.30
CA TYR A 54 -18.66 1.88 -22.60
C TYR A 54 -19.74 2.89 -22.23
N LYS A 55 -20.99 2.58 -22.52
CA LYS A 55 -22.06 3.55 -22.37
C LYS A 55 -22.13 4.11 -20.96
N ASP A 56 -22.26 3.23 -19.98
CA ASP A 56 -22.38 3.67 -18.59
C ASP A 56 -21.14 4.43 -18.12
N THR A 57 -19.95 3.91 -18.45
CA THR A 57 -18.74 4.58 -17.99
C THR A 57 -18.58 5.97 -18.61
N ILE A 58 -18.88 6.11 -19.91
CA ILE A 58 -18.78 7.42 -20.53
C ILE A 58 -19.76 8.43 -19.89
N ASN A 59 -20.98 7.99 -19.63
CA ASN A 59 -21.93 8.81 -18.89
C ASN A 59 -21.40 9.24 -17.52
N LYS A 60 -20.80 8.30 -16.81
CA LYS A 60 -20.26 8.55 -15.48
C LYS A 60 -19.18 9.61 -15.56
N ILE A 61 -18.22 9.37 -16.43
CA ILE A 61 -17.06 10.23 -16.58
C ILE A 61 -17.40 11.66 -17.02
N ARG A 62 -18.38 11.80 -17.90
CA ARG A 62 -18.77 13.13 -18.35
C ARG A 62 -19.31 13.91 -17.17
N ASP A 63 -19.96 13.20 -16.26
CA ASP A 63 -20.53 13.83 -15.09
C ASP A 63 -19.49 14.17 -14.01
N LEU A 64 -18.50 13.31 -13.85
CA LEU A 64 -17.53 13.53 -12.79
C LEU A 64 -16.58 14.69 -13.09
N ARG A 65 -16.22 14.83 -14.36
CA ARG A 65 -15.25 15.84 -14.77
C ARG A 65 -15.90 17.22 -14.81
N MET A 66 -15.07 18.24 -14.72
CA MET A 66 -15.55 19.61 -14.82
C MET A 66 -16.36 19.80 -16.09
N LYS A 67 -17.48 20.47 -15.95
CA LYS A 67 -18.44 20.63 -17.03
C LYS A 67 -19.16 21.97 -16.89
N ALA A 68 -19.87 22.38 -17.94
CA ALA A 68 -20.48 23.70 -18.00
C ALA A 68 -21.53 23.93 -16.92
N GLU A 69 -22.30 22.89 -16.60
CA GLU A 69 -23.37 23.00 -15.61
C GLU A 69 -22.84 23.24 -14.20
N ASP A 70 -21.54 23.08 -14.01
CA ASP A 70 -20.91 23.36 -12.72
C ASP A 70 -20.88 24.87 -12.41
N TYR A 71 -21.01 25.69 -13.45
CA TYR A 71 -20.91 27.15 -13.32
C TYR A 71 -22.23 27.81 -13.60
N GLU A 72 -22.54 28.86 -12.84
CA GLU A 72 -23.72 29.67 -13.10
C GLU A 72 -23.34 30.89 -13.95
N VAL A 73 -24.11 31.16 -15.00
CA VAL A 73 -23.83 32.30 -15.89
C VAL A 73 -24.47 33.56 -15.34
N VAL A 74 -23.66 34.53 -14.96
CA VAL A 74 -24.15 35.80 -14.46
C VAL A 74 -24.50 36.74 -15.62
N LYS A 75 -23.65 36.77 -16.64
CA LYS A 75 -23.88 37.67 -17.76
C LYS A 75 -22.85 37.49 -18.86
N VAL A 76 -23.22 37.91 -20.07
CA VAL A 76 -22.35 37.82 -21.23
C VAL A 76 -21.59 39.14 -21.37
N ILE A 77 -20.29 39.09 -21.16
CA ILE A 77 -19.46 40.29 -21.17
C ILE A 77 -18.63 40.53 -22.43
N GLY A 78 -18.69 39.61 -23.39
CA GLY A 78 -18.03 39.79 -24.68
C GLY A 78 -18.42 38.78 -25.73
N ARG A 79 -18.30 39.15 -27.00
CA ARG A 79 -18.60 38.29 -28.17
C ARG A 79 -17.54 38.37 -29.26
N GLY A 80 -16.98 37.24 -29.66
CA GLY A 80 -15.94 37.19 -30.68
C GLY A 80 -16.26 36.52 -32.02
N ALA A 81 -17.51 36.13 -32.23
CA ALA A 81 -17.92 35.47 -33.47
C ALA A 81 -17.35 34.06 -33.63
N PHE A 82 -16.32 33.74 -32.85
CA PHE A 82 -15.94 32.35 -32.63
C PHE A 82 -16.51 31.90 -31.27
N GLY A 83 -17.21 32.81 -30.60
CA GLY A 83 -17.83 32.51 -29.34
C GLY A 83 -18.05 33.73 -28.47
N GLU A 84 -18.12 33.53 -27.16
CA GLU A 84 -18.40 34.62 -26.24
C GLU A 84 -17.66 34.44 -24.94
N VAL A 85 -17.65 35.50 -24.12
CA VAL A 85 -17.11 35.41 -22.79
C VAL A 85 -18.21 35.70 -21.78
N GLN A 86 -18.30 34.88 -20.73
CA GLN A 86 -19.37 35.02 -19.75
C GLN A 86 -18.79 35.24 -18.37
N LEU A 87 -19.37 36.17 -17.61
CA LEU A 87 -19.06 36.21 -16.18
C LEU A 87 -19.80 35.05 -15.56
N VAL A 88 -19.11 34.18 -14.83
CA VAL A 88 -19.75 33.03 -14.22
C VAL A 88 -19.43 32.92 -12.74
N ARG A 89 -20.28 32.20 -12.00
CA ARG A 89 -19.95 31.83 -10.63
C ARG A 89 -19.98 30.33 -10.47
N HIS A 90 -18.93 29.75 -9.92
CA HIS A 90 -18.96 28.33 -9.67
C HIS A 90 -20.05 28.06 -8.61
N LYS A 91 -20.96 27.16 -8.95
CA LYS A 91 -22.15 26.92 -8.12
C LYS A 91 -21.82 26.43 -6.72
N SER A 92 -20.69 25.76 -6.59
CA SER A 92 -20.27 25.22 -5.31
C SER A 92 -19.27 26.14 -4.58
N THR A 93 -18.12 26.43 -5.19
CA THR A 93 -17.11 27.24 -4.49
C THR A 93 -17.56 28.68 -4.30
N ARG A 94 -18.48 29.14 -5.14
CA ARG A 94 -18.93 30.54 -5.19
C ARG A 94 -17.94 31.52 -5.85
N LYS A 95 -16.79 31.02 -6.27
CA LYS A 95 -15.78 31.85 -6.92
C LYS A 95 -16.21 32.38 -8.30
N VAL A 96 -15.93 33.66 -8.57
CA VAL A 96 -16.31 34.21 -9.88
C VAL A 96 -15.17 34.21 -10.89
N TYR A 97 -15.51 33.99 -12.15
CA TYR A 97 -14.49 33.85 -13.18
C TYR A 97 -15.02 34.41 -14.45
N ALA A 98 -14.12 34.68 -15.40
CA ALA A 98 -14.56 34.95 -16.77
C ALA A 98 -14.42 33.66 -17.57
N MET A 99 -15.44 33.31 -18.31
CA MET A 99 -15.38 32.06 -19.06
C MET A 99 -15.60 32.29 -20.54
N LYS A 100 -14.59 31.91 -21.33
CA LYS A 100 -14.70 31.97 -22.76
C LYS A 100 -15.18 30.63 -23.33
N LEU A 101 -16.13 30.73 -24.24
CA LEU A 101 -16.65 29.63 -25.04
C LEU A 101 -16.21 29.74 -26.48
N LEU A 102 -15.62 28.67 -27.00
CA LEU A 102 -15.22 28.63 -28.40
C LEU A 102 -15.99 27.52 -29.09
N SER A 103 -16.74 27.92 -30.13
CA SER A 103 -17.58 27.00 -30.88
C SER A 103 -16.72 26.05 -31.70
N LYS A 104 -16.90 24.74 -31.48
CA LYS A 104 -16.21 23.74 -32.28
C LYS A 104 -16.69 23.78 -33.73
N PHE A 105 -18.00 23.89 -33.92
CA PHE A 105 -18.57 23.98 -35.26
C PHE A 105 -17.95 25.12 -36.08
N GLU A 106 -17.96 26.32 -35.53
CA GLU A 106 -17.38 27.47 -36.23
C GLU A 106 -15.91 27.29 -36.56
N MET A 107 -15.15 26.72 -35.62
CA MET A 107 -13.72 26.53 -35.85
C MET A 107 -13.43 25.46 -36.91
N ILE A 108 -14.29 24.46 -37.00
CA ILE A 108 -14.13 23.46 -38.06
C ILE A 108 -14.56 24.09 -39.39
N LYS A 109 -15.73 24.71 -39.37
CA LYS A 109 -16.30 25.37 -40.54
C LYS A 109 -15.35 26.38 -41.18
N ARG A 110 -14.75 27.23 -40.34
CA ARG A 110 -13.93 28.30 -40.86
C ARG A 110 -12.50 27.82 -41.00
N SER A 111 -12.30 26.53 -40.74
CA SER A 111 -10.97 26.00 -40.46
C SER A 111 -10.39 26.82 -39.30
N ASP A 112 -9.09 27.11 -39.32
CA ASP A 112 -8.46 27.72 -38.14
C ASP A 112 -8.96 27.03 -36.86
N SER A 113 -8.66 25.74 -36.72
CA SER A 113 -8.97 24.97 -35.51
C SER A 113 -7.79 24.79 -34.57
N ALA A 114 -6.64 25.42 -34.86
CA ALA A 114 -5.46 25.30 -33.98
C ALA A 114 -5.03 26.45 -33.03
N PHE A 115 -5.67 27.61 -33.09
CA PHE A 115 -5.15 28.81 -32.40
C PHE A 115 -5.30 28.79 -30.87
N PHE A 116 -6.25 28.00 -30.39
CA PHE A 116 -6.56 27.96 -28.97
C PHE A 116 -5.49 27.24 -28.17
N TRP A 117 -4.64 26.47 -28.85
CA TRP A 117 -3.58 25.76 -28.16
C TRP A 117 -2.64 26.74 -27.47
N GLU A 118 -2.15 27.72 -28.22
CA GLU A 118 -1.20 28.68 -27.66
C GLU A 118 -1.91 29.68 -26.75
N GLU A 119 -3.17 29.98 -27.05
CA GLU A 119 -3.95 30.80 -26.17
C GLU A 119 -4.06 30.13 -24.79
N ARG A 120 -4.48 28.88 -24.77
CA ARG A 120 -4.54 28.12 -23.54
C ARG A 120 -3.20 28.10 -22.82
N ASP A 121 -2.14 27.79 -23.56
CA ASP A 121 -0.83 27.65 -22.95
C ASP A 121 -0.30 28.95 -22.36
N ILE A 122 -0.47 30.05 -23.09
CA ILE A 122 0.02 31.33 -22.61
C ILE A 122 -0.68 31.68 -21.30
N MET A 123 -1.99 31.50 -21.26
CA MET A 123 -2.72 31.85 -20.05
C MET A 123 -2.45 30.90 -18.88
N ALA A 124 -2.17 29.63 -19.18
CA ALA A 124 -2.00 28.66 -18.13
C ALA A 124 -0.62 28.77 -17.51
N PHE A 125 0.39 28.88 -18.37
CA PHE A 125 1.78 28.87 -17.93
C PHE A 125 2.54 30.21 -17.89
N ALA A 126 1.94 31.31 -18.32
CA ALA A 126 2.67 32.59 -18.30
C ALA A 126 3.18 32.92 -16.90
N ASN A 127 2.30 32.75 -15.91
CA ASN A 127 2.66 33.05 -14.54
C ASN A 127 3.23 34.46 -14.44
N SER A 128 2.47 35.43 -14.93
CA SER A 128 2.92 36.80 -15.01
C SER A 128 1.79 37.71 -14.57
N PRO A 129 2.13 38.79 -13.86
CA PRO A 129 1.14 39.80 -13.48
C PRO A 129 0.58 40.55 -14.69
N TRP A 130 1.26 40.44 -15.83
CA TRP A 130 0.82 41.10 -17.06
C TRP A 130 -0.16 40.26 -17.89
N VAL A 131 -0.38 39.01 -17.50
CA VAL A 131 -1.20 38.09 -18.31
C VAL A 131 -2.36 37.47 -17.54
N VAL A 132 -3.58 37.59 -18.09
CA VAL A 132 -4.73 36.98 -17.44
C VAL A 132 -4.49 35.49 -17.26
N GLN A 133 -4.73 35.01 -16.05
CA GLN A 133 -4.48 33.61 -15.74
C GLN A 133 -5.62 32.70 -16.17
N LEU A 134 -5.26 31.52 -16.67
CA LEU A 134 -6.23 30.46 -16.89
C LEU A 134 -6.18 29.44 -15.74
N PHE A 135 -7.34 29.15 -15.20
CA PHE A 135 -7.46 28.19 -14.12
C PHE A 135 -7.78 26.81 -14.67
N TYR A 136 -8.84 26.72 -15.47
CA TYR A 136 -9.26 25.45 -16.06
C TYR A 136 -9.64 25.58 -17.52
N ALA A 137 -9.45 24.49 -18.25
CA ALA A 137 -9.98 24.36 -19.61
C ALA A 137 -10.69 23.04 -19.69
N PHE A 138 -11.86 23.03 -20.32
CA PHE A 138 -12.56 21.78 -20.51
C PHE A 138 -13.42 21.89 -21.74
N GLN A 139 -14.20 20.86 -22.03
CA GLN A 139 -14.95 20.88 -23.27
C GLN A 139 -16.13 19.92 -23.22
N ASP A 140 -17.09 20.17 -24.10
CA ASP A 140 -18.10 19.16 -24.40
C ASP A 140 -18.16 19.04 -25.92
N ASP A 141 -19.14 18.32 -26.44
CA ASP A 141 -19.21 18.11 -27.88
C ASP A 141 -19.35 19.40 -28.69
N ARG A 142 -20.00 20.41 -28.11
CA ARG A 142 -20.18 21.73 -28.74
C ARG A 142 -19.04 22.76 -28.59
N TYR A 143 -18.46 22.86 -27.40
CA TYR A 143 -17.62 24.01 -27.09
C TYR A 143 -16.33 23.66 -26.40
N LEU A 144 -15.36 24.56 -26.54
CA LEU A 144 -14.21 24.57 -25.66
C LEU A 144 -14.48 25.65 -24.63
N TYR A 145 -14.00 25.44 -23.41
CA TYR A 145 -14.20 26.37 -22.32
C TYR A 145 -12.89 26.72 -21.65
N MET A 146 -12.69 28.01 -21.43
CA MET A 146 -11.53 28.48 -20.72
C MET A 146 -11.99 29.33 -19.55
N VAL A 147 -11.56 28.95 -18.34
CA VAL A 147 -11.96 29.65 -17.11
C VAL A 147 -10.80 30.50 -16.61
N MET A 148 -10.98 31.81 -16.68
CA MET A 148 -9.90 32.76 -16.48
C MET A 148 -10.23 33.67 -15.32
N GLU A 149 -9.22 34.35 -14.77
CA GLU A 149 -9.51 35.35 -13.78
C GLU A 149 -10.42 36.41 -14.36
N TYR A 150 -11.32 36.93 -13.53
CA TYR A 150 -12.20 37.99 -13.95
C TYR A 150 -11.49 39.32 -13.73
N MET A 151 -11.64 40.25 -14.67
CA MET A 151 -10.97 41.53 -14.57
C MET A 151 -12.03 42.61 -14.50
N PRO A 152 -12.50 42.91 -13.28
CA PRO A 152 -13.69 43.75 -13.09
C PRO A 152 -13.49 45.22 -13.46
N GLY A 153 -12.25 45.65 -13.66
CA GLY A 153 -12.00 46.98 -14.18
C GLY A 153 -12.49 47.24 -15.59
N GLY A 154 -12.72 46.17 -16.36
CA GLY A 154 -13.11 46.35 -17.74
C GLY A 154 -11.94 46.71 -18.63
N ASP A 155 -12.21 47.04 -19.89
CA ASP A 155 -11.08 47.26 -20.80
C ASP A 155 -10.81 48.73 -21.04
N LEU A 156 -9.75 48.99 -21.77
CA LEU A 156 -9.36 50.36 -22.07
C LEU A 156 -10.40 51.11 -22.89
N VAL A 157 -11.16 50.40 -23.73
CA VAL A 157 -12.16 51.06 -24.55
C VAL A 157 -13.20 51.69 -23.65
N ASN A 158 -13.62 50.96 -22.63
CA ASN A 158 -14.60 51.47 -21.70
C ASN A 158 -14.03 52.66 -20.93
N LEU A 159 -12.76 52.57 -20.55
CA LEU A 159 -12.11 53.67 -19.86
C LEU A 159 -12.07 54.92 -20.75
N MET A 160 -11.68 54.78 -22.02
CA MET A 160 -11.60 55.93 -22.92
C MET A 160 -12.96 56.54 -23.22
N SER A 161 -14.02 55.73 -23.14
CA SER A 161 -15.35 56.23 -23.41
C SER A 161 -15.84 57.08 -22.24
N ASN A 162 -15.35 56.78 -21.04
CA ASN A 162 -15.75 57.51 -19.84
C ASN A 162 -14.88 58.71 -19.41
N TYR A 163 -13.68 58.80 -19.95
CA TYR A 163 -12.77 59.86 -19.57
C TYR A 163 -11.98 60.40 -20.74
N ASP A 164 -11.65 61.68 -20.67
CA ASP A 164 -10.57 62.24 -21.47
C ASP A 164 -9.28 61.84 -20.75
N VAL A 165 -8.40 61.17 -21.49
CA VAL A 165 -7.20 60.60 -20.90
C VAL A 165 -6.03 61.59 -20.95
N PRO A 166 -5.61 62.09 -19.77
CA PRO A 166 -4.48 63.04 -19.74
C PRO A 166 -3.22 62.34 -20.16
N GLU A 167 -2.21 63.10 -20.59
CA GLU A 167 -0.92 62.49 -20.90
C GLU A 167 -0.35 61.67 -19.78
N LYS A 168 -0.64 62.10 -18.54
CA LYS A 168 -0.14 61.38 -17.37
C LYS A 168 -0.69 59.95 -17.27
N TRP A 169 -1.97 59.77 -17.57
CA TRP A 169 -2.56 58.42 -17.60
C TRP A 169 -2.06 57.67 -18.83
N ALA A 170 -2.01 58.36 -19.97
CA ALA A 170 -1.59 57.71 -21.21
C ALA A 170 -0.17 57.15 -21.05
N ARG A 171 0.68 57.87 -20.33
CA ARG A 171 2.05 57.43 -20.08
C ARG A 171 2.05 56.14 -19.24
N PHE A 172 1.19 56.10 -18.22
CA PHE A 172 1.04 54.92 -17.37
C PHE A 172 0.54 53.68 -18.15
N TYR A 173 -0.57 53.80 -18.85
CA TYR A 173 -1.11 52.66 -19.61
C TYR A 173 -0.21 52.16 -20.73
N THR A 174 0.46 53.09 -21.42
CA THR A 174 1.38 52.70 -22.47
C THR A 174 2.55 51.96 -21.85
N ALA A 175 3.03 52.47 -20.72
CA ALA A 175 4.11 51.80 -20.01
C ALA A 175 3.71 50.39 -19.59
N GLU A 176 2.51 50.21 -19.07
CA GLU A 176 2.07 48.87 -18.66
C GLU A 176 1.95 47.96 -19.88
N VAL A 177 1.42 48.51 -20.97
CA VAL A 177 1.28 47.73 -22.19
C VAL A 177 2.63 47.27 -22.69
N VAL A 178 3.61 48.17 -22.64
CA VAL A 178 4.95 47.83 -23.09
C VAL A 178 5.56 46.70 -22.27
N LEU A 179 5.39 46.78 -20.95
CA LEU A 179 5.90 45.74 -20.05
C LEU A 179 5.19 44.43 -20.29
N ALA A 180 3.88 44.49 -20.56
CA ALA A 180 3.10 43.27 -20.81
C ALA A 180 3.49 42.60 -22.13
N LEU A 181 3.63 43.39 -23.20
CA LEU A 181 4.02 42.85 -24.50
C LEU A 181 5.39 42.23 -24.42
N ASP A 182 6.29 42.88 -23.71
CA ASP A 182 7.62 42.34 -23.58
C ASP A 182 7.62 40.98 -22.85
N ALA A 183 6.72 40.82 -21.89
CA ALA A 183 6.64 39.55 -21.17
C ALA A 183 6.21 38.47 -22.17
N ILE A 184 5.24 38.82 -23.01
CA ILE A 184 4.78 37.90 -24.08
C ILE A 184 5.85 37.57 -25.14
N HIS A 185 6.59 38.57 -25.60
CA HIS A 185 7.71 38.34 -26.52
C HIS A 185 8.79 37.43 -25.92
N SER A 186 9.06 37.62 -24.62
CA SER A 186 10.04 36.80 -23.91
C SER A 186 9.62 35.33 -23.81
N MET A 187 8.32 35.09 -23.82
CA MET A 187 7.83 33.72 -23.87
C MET A 187 7.94 33.16 -25.28
N GLY A 188 8.23 34.01 -26.26
CA GLY A 188 8.45 33.56 -27.62
C GLY A 188 7.31 33.82 -28.59
N PHE A 189 6.37 34.67 -28.20
CA PHE A 189 5.20 34.96 -29.05
C PHE A 189 5.08 36.41 -29.52
N ILE A 190 4.52 36.55 -30.73
CA ILE A 190 4.02 37.83 -31.18
C ILE A 190 2.50 37.80 -30.96
N HIS A 191 1.98 38.81 -30.28
CA HIS A 191 0.54 38.88 -29.99
C HIS A 191 -0.33 39.07 -31.24
N ARG A 192 -0.01 40.11 -32.00
CA ARG A 192 -0.64 40.39 -33.29
C ARG A 192 -2.05 41.00 -33.23
N ASP A 193 -2.70 41.05 -32.08
CA ASP A 193 -3.95 41.80 -32.08
C ASP A 193 -3.96 42.66 -30.84
N VAL A 194 -3.22 43.74 -30.87
CA VAL A 194 -3.02 44.50 -29.65
C VAL A 194 -3.94 45.67 -29.84
N LYS A 195 -4.74 45.99 -28.83
CA LYS A 195 -5.75 47.03 -28.96
C LYS A 195 -6.40 47.23 -27.59
N PRO A 196 -7.03 48.39 -27.39
CA PRO A 196 -7.64 48.75 -26.10
C PRO A 196 -8.63 47.67 -25.65
N ASP A 197 -9.30 47.03 -26.61
CA ASP A 197 -10.31 46.02 -26.31
C ASP A 197 -9.73 44.81 -25.59
N ASN A 198 -8.45 44.55 -25.84
CA ASN A 198 -7.72 43.43 -25.22
C ASN A 198 -6.89 43.84 -24.00
N MET A 199 -7.03 45.09 -23.58
CA MET A 199 -6.31 45.52 -22.39
C MET A 199 -7.31 45.62 -21.21
N LEU A 200 -7.12 44.80 -20.20
CA LEU A 200 -8.07 44.72 -19.10
C LEU A 200 -7.48 45.25 -17.80
N LEU A 201 -8.34 45.79 -16.96
CA LEU A 201 -7.90 46.33 -15.67
C LEU A 201 -8.41 45.45 -14.52
N ASP A 202 -7.51 45.09 -13.63
CA ASP A 202 -7.85 44.36 -12.43
C ASP A 202 -8.50 45.27 -11.36
N LYS A 203 -8.83 44.70 -10.21
CA LYS A 203 -9.56 45.45 -9.19
C LYS A 203 -8.76 46.66 -8.68
N SER A 204 -7.43 46.59 -8.77
CA SER A 204 -6.62 47.72 -8.37
C SER A 204 -6.34 48.69 -9.54
N GLY A 205 -6.94 48.43 -10.70
CA GLY A 205 -6.76 49.31 -11.85
C GLY A 205 -5.45 49.11 -12.64
N HIS A 206 -4.72 48.06 -12.33
CA HIS A 206 -3.56 47.63 -13.12
C HIS A 206 -3.90 46.74 -14.33
N LEU A 207 -3.03 46.76 -15.34
CA LEU A 207 -3.35 46.23 -16.67
C LEU A 207 -2.90 44.79 -16.88
N LYS A 208 -3.73 44.02 -17.58
CA LYS A 208 -3.31 42.72 -18.09
C LYS A 208 -3.73 42.56 -19.54
N LEU A 209 -2.95 41.82 -20.31
CA LEU A 209 -3.37 41.45 -21.66
C LEU A 209 -4.25 40.22 -21.60
N ALA A 210 -5.26 40.21 -22.47
CA ALA A 210 -6.10 39.05 -22.71
C ALA A 210 -6.22 38.80 -24.21
N ASP A 211 -6.96 37.75 -24.57
CA ASP A 211 -7.26 37.40 -25.98
C ASP A 211 -6.03 37.11 -26.84
N PHE A 212 -5.43 35.96 -26.56
CA PHE A 212 -4.20 35.52 -27.20
C PHE A 212 -4.46 34.62 -28.41
N GLY A 213 -5.71 34.57 -28.84
CA GLY A 213 -6.11 33.80 -30.00
C GLY A 213 -5.46 34.14 -31.33
N THR A 214 -4.83 35.30 -31.43
CA THR A 214 -4.12 35.65 -32.66
C THR A 214 -2.60 35.43 -32.55
N CYS A 215 -2.13 34.94 -31.41
CA CYS A 215 -0.69 34.77 -31.17
C CYS A 215 0.02 33.77 -32.08
N MET A 216 1.29 34.02 -32.35
CA MET A 216 2.07 33.10 -33.14
C MET A 216 3.48 33.00 -32.58
N LYS A 217 3.98 31.77 -32.51
CA LYS A 217 5.31 31.50 -32.00
C LYS A 217 6.40 31.90 -32.99
N MET A 218 7.39 32.64 -32.50
CA MET A 218 8.52 33.09 -33.29
C MET A 218 9.50 31.95 -33.57
N ASN A 219 10.10 31.95 -34.75
CA ASN A 219 11.16 31.00 -35.01
C ASN A 219 12.38 31.46 -34.25
N LYS A 220 13.47 30.73 -34.37
CA LYS A 220 14.68 31.03 -33.62
C LYS A 220 15.29 32.37 -34.05
N GLU A 221 14.84 32.88 -35.18
CA GLU A 221 15.31 34.18 -35.66
C GLU A 221 14.46 35.33 -35.13
N GLY A 222 13.37 35.00 -34.45
CA GLY A 222 12.48 36.02 -33.91
C GLY A 222 11.43 36.44 -34.92
N MET A 223 11.17 35.59 -35.91
CA MET A 223 10.26 35.93 -36.99
C MET A 223 9.14 34.91 -37.12
N VAL A 224 8.10 35.31 -37.82
CA VAL A 224 7.05 34.41 -38.23
C VAL A 224 6.83 34.54 -39.75
N ARG A 225 6.44 33.43 -40.37
CA ARG A 225 6.19 33.40 -41.79
C ARG A 225 4.69 33.21 -41.89
N CYS A 226 3.99 34.22 -42.38
CA CYS A 226 2.53 34.14 -42.45
C CYS A 226 2.00 34.94 -43.63
N ASP A 227 1.05 34.36 -44.35
CA ASP A 227 0.43 34.98 -45.51
C ASP A 227 -0.99 35.55 -45.31
N THR A 228 -1.44 35.63 -44.07
CA THR A 228 -2.81 36.07 -43.76
C THR A 228 -2.83 37.34 -42.89
N ALA A 229 -3.49 38.39 -43.35
CA ALA A 229 -3.70 39.56 -42.51
C ALA A 229 -4.59 39.21 -41.31
N VAL A 230 -4.10 39.50 -40.10
CA VAL A 230 -4.87 39.28 -38.88
C VAL A 230 -4.94 40.53 -38.03
N GLY A 231 -5.67 40.45 -36.93
CA GLY A 231 -5.86 41.60 -36.07
C GLY A 231 -7.16 42.29 -36.36
N THR A 232 -7.23 43.57 -36.06
CA THR A 232 -8.42 44.36 -36.34
C THR A 232 -8.06 45.63 -37.10
N PRO A 233 -8.93 46.05 -38.03
CA PRO A 233 -8.58 47.00 -39.08
C PRO A 233 -7.90 48.29 -38.59
N ASP A 234 -8.37 48.93 -37.52
CA ASP A 234 -7.74 50.17 -37.09
C ASP A 234 -6.31 50.00 -36.62
N TYR A 235 -5.99 48.84 -36.04
CA TYR A 235 -4.68 48.63 -35.42
C TYR A 235 -3.64 47.84 -36.21
N ILE A 236 -4.00 47.36 -37.39
CA ILE A 236 -3.11 46.44 -38.09
C ILE A 236 -1.93 47.20 -38.70
N SER A 237 -0.74 46.64 -38.54
CA SER A 237 0.48 47.22 -39.08
C SER A 237 0.55 47.03 -40.60
N PRO A 238 1.34 47.87 -41.27
CA PRO A 238 1.45 47.74 -42.73
C PRO A 238 2.09 46.41 -43.14
N GLU A 239 3.02 45.85 -42.35
CA GLU A 239 3.67 44.59 -42.73
C GLU A 239 2.67 43.45 -42.69
N VAL A 240 1.79 43.47 -41.69
CA VAL A 240 0.83 42.37 -41.55
C VAL A 240 -0.25 42.51 -42.60
N LEU A 241 -0.67 43.73 -42.84
CA LEU A 241 -1.66 43.99 -43.87
C LEU A 241 -1.11 43.55 -45.25
N LYS A 242 0.16 43.80 -45.50
CA LYS A 242 0.80 43.49 -46.76
C LYS A 242 0.98 41.99 -46.95
N SER A 243 1.15 41.29 -45.84
CA SER A 243 1.42 39.86 -45.86
C SER A 243 0.30 39.09 -46.53
N GLN A 244 -0.88 39.70 -46.61
CA GLN A 244 -2.02 39.08 -47.28
C GLN A 244 -1.65 38.83 -48.75
N GLY A 245 -1.93 37.64 -49.24
CA GLY A 245 -1.37 37.28 -50.53
C GLY A 245 0.17 37.36 -50.59
N GLY A 246 0.83 36.65 -49.68
CA GLY A 246 2.19 36.20 -49.90
C GLY A 246 3.38 36.99 -49.38
N ASP A 247 4.43 36.25 -49.02
CA ASP A 247 5.72 36.86 -48.67
C ASP A 247 5.85 37.42 -47.25
N GLY A 248 4.81 37.30 -46.43
CA GLY A 248 4.91 37.82 -45.08
C GLY A 248 5.96 37.09 -44.24
N TYR A 249 6.95 37.85 -43.82
CA TYR A 249 7.94 37.37 -42.88
C TYR A 249 8.21 38.56 -41.98
N TYR A 250 7.89 38.47 -40.70
CA TYR A 250 8.01 39.65 -39.85
C TYR A 250 8.20 39.29 -38.37
N GLY A 251 8.68 40.26 -37.58
CA GLY A 251 8.98 40.08 -36.18
C GLY A 251 8.05 40.80 -35.22
N ARG A 252 8.45 40.87 -33.96
CA ARG A 252 7.61 41.41 -32.89
C ARG A 252 7.23 42.88 -33.00
N GLU A 253 7.96 43.64 -33.81
CA GLU A 253 7.71 45.07 -33.91
C GLU A 253 6.31 45.44 -34.43
N CYS A 254 5.55 44.48 -34.95
CA CYS A 254 4.17 44.77 -35.34
C CYS A 254 3.30 45.09 -34.11
N ASP A 255 3.60 44.45 -32.98
CA ASP A 255 2.91 44.78 -31.74
C ASP A 255 3.23 46.24 -31.37
N TRP A 256 4.47 46.67 -31.60
CA TRP A 256 4.83 48.05 -31.29
C TRP A 256 4.07 49.06 -32.15
N TRP A 257 3.84 48.74 -33.42
CA TRP A 257 3.03 49.62 -34.25
C TRP A 257 1.69 49.86 -33.55
N SER A 258 1.04 48.77 -33.15
CA SER A 258 -0.27 48.86 -32.51
C SER A 258 -0.27 49.70 -31.21
N VAL A 259 0.83 49.70 -30.47
CA VAL A 259 0.94 50.57 -29.29
C VAL A 259 0.89 52.05 -29.68
N GLY A 260 1.49 52.39 -30.81
CA GLY A 260 1.37 53.75 -31.33
C GLY A 260 -0.04 54.15 -31.69
N VAL A 261 -0.79 53.23 -32.31
CA VAL A 261 -2.19 53.51 -32.60
C VAL A 261 -2.97 53.78 -31.29
N PHE A 262 -2.74 52.92 -30.31
CA PHE A 262 -3.32 53.04 -28.99
C PHE A 262 -3.05 54.43 -28.37
N LEU A 263 -1.78 54.81 -28.33
CA LEU A 263 -1.39 56.11 -27.74
C LEU A 263 -2.04 57.28 -28.45
N TYR A 264 -2.08 57.23 -29.78
CA TYR A 264 -2.73 58.27 -30.58
C TYR A 264 -4.21 58.39 -30.21
N GLU A 265 -4.85 57.25 -30.05
CA GLU A 265 -6.27 57.25 -29.75
C GLU A 265 -6.57 57.79 -28.35
N MET A 266 -5.73 57.46 -27.38
CA MET A 266 -5.88 58.04 -26.05
C MET A 266 -5.78 59.56 -26.11
N LEU A 267 -4.78 60.07 -26.81
CA LEU A 267 -4.51 61.50 -26.80
C LEU A 267 -5.36 62.32 -27.77
N VAL A 268 -5.57 61.78 -28.97
CA VAL A 268 -6.33 62.50 -29.97
C VAL A 268 -7.84 62.32 -29.82
N GLY A 269 -8.26 61.12 -29.45
CA GLY A 269 -9.67 60.84 -29.29
C GLY A 269 -10.30 60.18 -30.50
N ASP A 270 -9.51 59.99 -31.57
CA ASP A 270 -9.90 59.26 -32.77
C ASP A 270 -8.74 58.34 -33.15
N THR A 271 -9.00 57.26 -33.88
CA THR A 271 -7.90 56.41 -34.36
C THR A 271 -7.25 57.12 -35.53
N PRO A 272 -5.93 56.95 -35.69
CA PRO A 272 -5.13 57.74 -36.63
C PRO A 272 -5.46 57.47 -38.10
N PHE A 273 -5.87 56.24 -38.38
CA PHE A 273 -6.28 55.76 -39.70
C PHE A 273 -7.78 55.64 -39.97
N TYR A 274 -8.60 56.28 -39.14
CA TYR A 274 -10.06 56.23 -39.29
C TYR A 274 -10.57 56.53 -40.69
N ALA A 275 -11.52 55.71 -41.14
CA ALA A 275 -12.28 55.96 -42.37
C ALA A 275 -13.67 55.38 -42.24
N ASP A 276 -14.58 55.81 -43.09
CA ASP A 276 -15.95 55.31 -43.03
C ASP A 276 -16.07 53.87 -43.50
N SER A 277 -15.00 53.34 -44.10
CA SER A 277 -14.98 51.96 -44.56
C SER A 277 -13.69 51.25 -44.19
N LEU A 278 -13.73 49.92 -44.14
CA LEU A 278 -12.54 49.11 -43.98
C LEU A 278 -11.50 49.48 -45.03
N VAL A 279 -11.96 49.54 -46.26
CA VAL A 279 -11.11 49.81 -47.41
C VAL A 279 -10.36 51.14 -47.26
N GLY A 280 -11.07 52.18 -46.87
CA GLY A 280 -10.45 53.47 -46.62
C GLY A 280 -9.38 53.33 -45.54
N THR A 281 -9.67 52.55 -44.51
CA THR A 281 -8.70 52.37 -43.43
C THR A 281 -7.46 51.63 -43.89
N TYR A 282 -7.63 50.49 -44.59
CA TYR A 282 -6.49 49.76 -45.14
C TYR A 282 -5.64 50.66 -46.04
N SER A 283 -6.30 51.43 -46.88
CA SER A 283 -5.62 52.34 -47.78
C SER A 283 -4.81 53.43 -47.03
N LYS A 284 -5.41 54.03 -46.01
CA LYS A 284 -4.69 54.99 -45.18
C LYS A 284 -3.47 54.38 -44.47
N ILE A 285 -3.61 53.13 -44.03
CA ILE A 285 -2.50 52.45 -43.35
C ILE A 285 -1.33 52.19 -44.27
N MET A 286 -1.60 51.67 -45.48
CA MET A 286 -0.54 51.50 -46.49
C MET A 286 0.09 52.85 -46.83
N ASN A 287 -0.73 53.89 -46.85
CA ASN A 287 -0.28 55.25 -47.16
C ASN A 287 0.17 56.03 -45.91
N HIS A 288 0.41 55.33 -44.80
CA HIS A 288 0.65 55.98 -43.51
C HIS A 288 1.61 57.19 -43.48
N LYS A 289 2.73 57.10 -44.18
CA LYS A 289 3.66 58.21 -44.29
C LYS A 289 2.96 59.53 -44.65
N ASN A 290 2.00 59.46 -45.56
CA ASN A 290 1.17 60.61 -45.93
C ASN A 290 -0.08 60.87 -45.10
N SER A 291 -0.76 59.80 -44.69
CA SER A 291 -2.08 59.92 -44.06
C SER A 291 -2.03 60.30 -42.55
N LEU A 292 -0.90 60.05 -41.90
CA LEU A 292 -0.82 60.32 -40.47
C LEU A 292 -0.67 61.82 -40.22
N THR A 293 -1.63 62.39 -39.49
CA THR A 293 -1.59 63.81 -39.15
C THR A 293 -2.07 63.98 -37.73
N PHE A 294 -1.75 65.12 -37.13
CA PHE A 294 -2.34 65.52 -35.87
C PHE A 294 -3.22 66.70 -36.16
N PRO A 295 -4.24 66.95 -35.31
CA PRO A 295 -5.13 68.07 -35.57
C PRO A 295 -4.40 69.39 -35.40
N ASP A 296 -4.74 70.38 -36.20
CA ASP A 296 -4.30 71.72 -35.85
C ASP A 296 -5.46 72.38 -35.11
N ASP A 297 -5.17 73.21 -34.11
CA ASP A 297 -3.84 73.36 -33.55
C ASP A 297 -3.92 72.66 -32.20
N ASN A 298 -3.34 71.48 -32.12
CA ASN A 298 -3.49 70.67 -30.94
C ASN A 298 -2.58 71.17 -29.83
N ASP A 299 -2.96 70.87 -28.59
CA ASP A 299 -2.15 71.13 -27.40
C ASP A 299 -1.32 69.93 -26.90
N ILE A 300 -1.20 68.89 -27.71
CA ILE A 300 -0.43 67.71 -27.34
C ILE A 300 1.07 67.98 -27.28
N SER A 301 1.77 67.34 -26.34
CA SER A 301 3.20 67.57 -26.20
C SER A 301 4.05 66.95 -27.31
N LYS A 302 5.17 67.60 -27.62
CA LYS A 302 6.05 67.18 -28.69
C LYS A 302 6.48 65.75 -28.45
N GLU A 303 6.91 65.44 -27.24
CA GLU A 303 7.45 64.13 -26.95
C GLU A 303 6.38 63.03 -27.15
N ALA A 304 5.13 63.31 -26.79
CA ALA A 304 4.04 62.37 -27.06
C ALA A 304 3.86 62.13 -28.56
N LYS A 305 3.87 63.21 -29.33
CA LYS A 305 3.75 63.10 -30.78
C LYS A 305 4.97 62.40 -31.38
N ASN A 306 6.15 62.69 -30.84
CA ASN A 306 7.35 61.99 -31.26
C ASN A 306 7.27 60.48 -31.04
N LEU A 307 6.82 60.06 -29.85
CA LEU A 307 6.72 58.64 -29.58
C LEU A 307 5.68 57.99 -30.52
N ILE A 308 4.55 58.64 -30.72
CA ILE A 308 3.55 58.13 -31.63
C ILE A 308 4.14 57.92 -33.03
N CYS A 309 4.84 58.95 -33.55
CA CYS A 309 5.46 58.86 -34.87
C CYS A 309 6.59 57.85 -34.93
N ALA A 310 7.29 57.64 -33.81
CA ALA A 310 8.37 56.66 -33.79
C ALA A 310 7.81 55.23 -33.80
N PHE A 311 6.57 55.06 -33.34
CA PHE A 311 5.89 53.78 -33.46
C PHE A 311 5.24 53.61 -34.83
N LEU A 312 4.58 54.65 -35.32
CA LEU A 312 3.85 54.42 -36.54
C LEU A 312 4.74 54.88 -37.70
N THR A 313 5.52 53.94 -38.18
CA THR A 313 6.46 54.16 -39.25
C THR A 313 6.84 52.78 -39.71
N ASP A 314 7.66 52.69 -40.75
CA ASP A 314 7.97 51.39 -41.36
C ASP A 314 8.79 50.55 -40.40
N ARG A 315 8.59 49.25 -40.44
CA ARG A 315 9.12 48.38 -39.39
C ARG A 315 10.63 48.48 -39.20
N GLU A 316 11.37 48.64 -40.29
CA GLU A 316 12.82 48.57 -40.21
C GLU A 316 13.39 49.69 -39.35
N VAL A 317 12.74 50.86 -39.35
CA VAL A 317 13.11 51.97 -38.47
C VAL A 317 12.23 52.16 -37.22
N ARG A 318 11.30 51.23 -36.98
CA ARG A 318 10.34 51.40 -35.88
C ARG A 318 11.00 51.38 -34.50
N LEU A 319 10.57 52.27 -33.62
CA LEU A 319 11.02 52.19 -32.22
C LEU A 319 10.65 50.81 -31.67
N GLY A 320 11.63 50.14 -31.06
CA GLY A 320 11.44 48.80 -30.55
C GLY A 320 12.18 47.79 -31.41
N ARG A 321 12.57 48.23 -32.60
CA ARG A 321 13.28 47.38 -33.55
C ARG A 321 14.54 46.80 -32.91
N ASN A 322 15.28 47.66 -32.23
CA ASN A 322 16.55 47.26 -31.62
C ASN A 322 16.40 46.62 -30.24
N GLY A 323 15.26 46.81 -29.60
CA GLY A 323 14.95 46.09 -28.38
C GLY A 323 14.02 46.92 -27.54
N VAL A 324 13.49 46.34 -26.49
CA VAL A 324 12.49 47.05 -25.68
C VAL A 324 13.09 48.24 -24.94
N GLU A 325 14.38 48.16 -24.61
CA GLU A 325 15.03 49.23 -23.85
C GLU A 325 14.94 50.59 -24.52
N GLU A 326 15.03 50.62 -25.85
CA GLU A 326 14.97 51.91 -26.53
C GLU A 326 13.58 52.54 -26.42
N ILE A 327 12.57 51.72 -26.19
CA ILE A 327 11.23 52.24 -25.95
C ILE A 327 11.17 52.86 -24.55
N LYS A 328 11.65 52.11 -23.56
CA LYS A 328 11.62 52.56 -22.17
C LYS A 328 12.40 53.85 -21.92
N ARG A 329 13.43 54.09 -22.74
CA ARG A 329 14.25 55.29 -22.56
C ARG A 329 13.66 56.52 -23.23
N HIS A 330 12.60 56.34 -24.02
CA HIS A 330 12.02 57.48 -24.72
C HIS A 330 11.58 58.55 -23.76
N LEU A 331 11.80 59.80 -24.15
CA LEU A 331 11.54 60.94 -23.29
C LEU A 331 10.09 61.06 -22.84
N PHE A 332 9.15 60.56 -23.62
CA PHE A 332 7.76 60.65 -23.22
C PHE A 332 7.50 60.00 -21.86
N PHE A 333 8.26 58.96 -21.51
CA PHE A 333 7.99 58.25 -20.27
C PHE A 333 8.64 58.90 -19.08
N LYS A 334 9.57 59.82 -19.34
CA LYS A 334 10.32 60.43 -18.26
C LYS A 334 9.36 61.11 -17.29
N ASN A 335 9.44 60.70 -16.03
CA ASN A 335 8.57 61.21 -14.97
C ASN A 335 9.15 60.92 -13.58
N ASP A 336 8.69 61.65 -12.57
CA ASP A 336 9.13 61.43 -11.19
C ASP A 336 8.19 60.62 -10.28
N GLN A 337 7.05 60.18 -10.81
CA GLN A 337 6.12 59.35 -10.03
C GLN A 337 6.47 57.87 -9.97
N TRP A 338 6.88 57.29 -11.09
CA TRP A 338 7.12 55.85 -11.13
C TRP A 338 8.37 55.46 -11.90
N ALA A 339 8.87 54.27 -11.61
CA ALA A 339 10.00 53.69 -12.30
C ALA A 339 9.55 52.39 -12.95
N TRP A 340 10.26 51.96 -13.99
CA TRP A 340 9.89 50.79 -14.79
C TRP A 340 9.82 49.49 -14.02
N GLU A 341 10.78 49.28 -13.13
CA GLU A 341 10.89 48.02 -12.40
C GLU A 341 9.77 47.82 -11.37
N THR A 342 9.32 48.91 -10.78
CA THR A 342 8.20 48.92 -9.82
C THR A 342 6.84 49.44 -10.30
N LEU A 343 6.70 49.71 -11.59
CA LEU A 343 5.48 50.36 -12.09
C LEU A 343 4.18 49.71 -11.59
N ARG A 344 4.16 48.39 -11.51
CA ARG A 344 2.91 47.72 -11.12
C ARG A 344 2.62 47.80 -9.61
N ASP A 345 3.56 48.32 -8.83
CA ASP A 345 3.32 48.50 -7.40
C ASP A 345 2.78 49.88 -7.03
N THR A 346 2.57 50.74 -8.02
CA THR A 346 2.12 52.11 -7.78
C THR A 346 0.59 52.23 -7.74
N VAL A 347 0.08 53.43 -7.48
CA VAL A 347 -1.38 53.65 -7.51
C VAL A 347 -1.86 53.98 -8.93
N ALA A 348 -2.68 53.09 -9.48
CA ALA A 348 -3.17 53.27 -10.84
C ALA A 348 -3.98 54.53 -10.93
N PRO A 349 -4.12 55.09 -12.15
CA PRO A 349 -4.88 56.33 -12.35
C PRO A 349 -6.36 56.20 -11.97
N VAL A 350 -6.99 55.10 -12.36
CA VAL A 350 -8.39 54.90 -12.02
C VAL A 350 -8.59 53.56 -11.31
N VAL A 351 -8.89 53.61 -10.02
CA VAL A 351 -9.15 52.40 -9.27
C VAL A 351 -10.66 52.19 -9.27
N PRO A 352 -11.12 51.09 -9.88
CA PRO A 352 -12.57 50.91 -10.06
C PRO A 352 -13.32 50.86 -8.73
N ASP A 353 -14.54 51.38 -8.75
CA ASP A 353 -15.38 51.33 -7.58
C ASP A 353 -16.44 50.24 -7.80
N LEU A 354 -16.30 49.13 -7.08
CA LEU A 354 -17.10 47.94 -7.36
C LEU A 354 -18.13 47.65 -6.26
N SER A 355 -19.37 47.38 -6.68
CA SER A 355 -20.47 47.13 -5.74
C SER A 355 -20.47 45.71 -5.16
N SER A 356 -19.96 44.74 -5.91
CA SER A 356 -19.92 43.36 -5.44
C SER A 356 -18.89 42.61 -6.26
N ASP A 357 -18.65 41.35 -5.94
CA ASP A 357 -17.70 40.54 -6.72
C ASP A 357 -18.32 40.20 -8.10
N ILE A 358 -19.58 40.56 -8.25
CA ILE A 358 -20.35 40.34 -9.46
C ILE A 358 -20.54 41.57 -10.36
N ASP A 359 -19.88 42.68 -10.00
CA ASP A 359 -20.16 43.97 -10.65
C ASP A 359 -19.70 43.99 -12.12
N THR A 360 -20.66 44.25 -13.00
CA THR A 360 -20.47 44.32 -14.45
C THR A 360 -20.40 45.74 -15.05
N SER A 361 -20.42 46.75 -14.18
CA SER A 361 -20.60 48.14 -14.61
C SER A 361 -19.56 48.64 -15.60
N ASN A 362 -18.41 47.96 -15.67
CA ASN A 362 -17.37 48.34 -16.62
C ASN A 362 -17.41 47.60 -17.95
N PHE A 363 -18.46 46.82 -18.17
CA PHE A 363 -18.66 46.13 -19.44
C PHE A 363 -19.99 46.51 -20.08
N ASP A 364 -19.99 46.67 -21.40
CA ASP A 364 -21.21 46.97 -22.13
C ASP A 364 -22.25 45.87 -21.99
N ASP A 365 -23.49 46.28 -21.77
CA ASP A 365 -24.60 45.35 -21.68
C ASP A 365 -24.60 44.53 -22.95
N LEU A 366 -24.55 43.21 -22.80
CA LEU A 366 -24.66 42.35 -23.96
C LEU A 366 -25.87 41.43 -23.81
N GLU A 367 -26.70 41.42 -24.84
CA GLU A 367 -27.86 40.56 -24.86
C GLU A 367 -27.40 39.12 -24.73
N GLU A 368 -28.11 38.34 -23.92
CA GLU A 368 -27.84 36.92 -23.85
C GLU A 368 -28.75 36.32 -24.90
N ASP A 369 -28.18 35.84 -25.99
CA ASP A 369 -28.99 35.36 -27.10
C ASP A 369 -29.93 36.48 -27.58
N LYS A 370 -31.23 36.25 -27.41
CA LYS A 370 -32.32 37.05 -28.00
C LYS A 370 -32.64 36.51 -29.41
N GLY A 371 -31.78 35.61 -29.88
CA GLY A 371 -31.99 34.93 -31.15
C GLY A 371 -32.33 33.47 -30.97
N GLU A 372 -32.07 32.68 -32.02
CA GLU A 372 -32.29 31.24 -31.98
C GLU A 372 -30.97 30.49 -31.70
N GLU A 373 -31.00 29.18 -31.82
CA GLU A 373 -29.89 28.29 -31.49
C GLU A 373 -29.61 27.41 -32.70
N GLU A 374 -28.38 26.92 -32.83
CA GLU A 374 -28.12 25.80 -33.76
C GLU A 374 -26.65 25.40 -33.91
N THR A 375 -26.46 24.16 -34.39
CA THR A 375 -25.23 23.72 -35.04
C THR A 375 -25.22 22.20 -35.35
N PHE A 376 -24.15 21.75 -35.99
CA PHE A 376 -23.80 20.36 -36.36
C PHE A 376 -24.42 19.77 -37.65
N PRO A 377 -23.60 19.01 -38.40
CA PRO A 377 -24.01 18.03 -39.42
C PRO A 377 -23.97 16.60 -38.86
N ILE A 378 -24.41 15.60 -39.64
CA ILE A 378 -24.43 14.19 -39.23
C ILE A 378 -23.64 13.20 -40.10
N PRO A 379 -22.61 12.55 -39.51
CA PRO A 379 -21.74 11.63 -40.26
C PRO A 379 -22.43 10.32 -40.66
N LYS A 380 -22.23 9.89 -41.90
CA LYS A 380 -22.57 8.52 -42.30
C LYS A 380 -21.33 7.63 -42.37
N ALA A 381 -20.17 8.23 -42.14
CA ALA A 381 -18.93 7.50 -41.89
C ALA A 381 -18.17 8.24 -40.80
N PHE A 382 -17.17 7.60 -40.20
CA PHE A 382 -16.44 8.26 -39.12
C PHE A 382 -15.75 9.50 -39.71
N VAL A 383 -16.12 10.66 -39.19
CA VAL A 383 -15.49 11.95 -39.48
C VAL A 383 -14.32 12.34 -38.58
N GLY A 384 -14.44 12.07 -37.28
CA GLY A 384 -13.44 12.52 -36.32
C GLY A 384 -13.42 14.03 -36.06
N ASN A 385 -14.58 14.68 -36.00
CA ASN A 385 -14.61 16.13 -35.79
C ASN A 385 -14.16 16.54 -34.38
N GLN A 386 -14.13 15.58 -33.45
CA GLN A 386 -13.60 15.85 -32.11
C GLN A 386 -12.07 15.68 -31.98
N LEU A 387 -11.44 15.05 -32.97
CA LEU A 387 -10.00 14.74 -32.84
C LEU A 387 -9.07 15.95 -32.66
N PRO A 388 -9.35 17.06 -33.35
CA PRO A 388 -8.43 18.18 -33.14
C PRO A 388 -8.49 18.79 -31.72
N PHE A 389 -9.52 18.45 -30.95
CA PHE A 389 -9.65 19.01 -29.61
C PHE A 389 -9.13 18.11 -28.48
N VAL A 390 -8.64 16.93 -28.83
CA VAL A 390 -8.20 15.99 -27.82
C VAL A 390 -6.95 16.55 -27.15
N GLY A 391 -6.97 16.67 -25.83
CA GLY A 391 -5.83 17.21 -25.10
C GLY A 391 -6.03 18.63 -24.58
N PHE A 392 -7.15 19.25 -24.92
CA PHE A 392 -7.42 20.62 -24.48
C PHE A 392 -7.73 20.75 -22.98
N THR A 393 -8.39 19.75 -22.42
CA THR A 393 -8.79 19.80 -21.02
C THR A 393 -7.59 20.08 -20.12
N TYR A 394 -7.77 20.98 -19.16
CA TYR A 394 -6.67 21.34 -18.25
C TYR A 394 -7.15 21.67 -16.85
N TYR A 395 -6.44 21.17 -15.85
CA TYR A 395 -6.69 21.51 -14.44
C TYR A 395 -5.46 22.14 -13.77
N SER A 396 -5.58 23.40 -13.37
CA SER A 396 -4.51 24.04 -12.59
C SER A 396 -4.45 23.33 -11.26
N ASN A 397 -3.26 22.87 -10.87
CA ASN A 397 -3.16 22.03 -9.65
C ASN A 397 -1.81 22.13 -8.95
N SER B 1 -18.25 8.85 4.52
CA SER B 1 -18.64 8.21 3.26
C SER B 1 -18.52 9.12 2.00
N PHE B 2 -18.70 10.43 2.17
CA PHE B 2 -18.77 11.33 1.02
C PHE B 2 -17.44 11.60 0.31
N GLU B 3 -17.49 11.63 -1.02
CA GLU B 3 -16.32 11.94 -1.84
C GLU B 3 -16.72 12.93 -2.92
N THR B 4 -15.83 13.88 -3.23
CA THR B 4 -16.09 14.80 -4.35
C THR B 4 -15.98 14.06 -5.69
N ARG B 5 -16.59 14.63 -6.72
CA ARG B 5 -16.49 14.10 -8.08
C ARG B 5 -15.03 13.97 -8.52
N PHE B 6 -14.21 14.95 -8.15
CA PHE B 6 -12.80 14.88 -8.45
C PHE B 6 -12.14 13.65 -7.81
N GLU B 7 -12.44 13.39 -6.54
CA GLU B 7 -11.90 12.21 -5.86
C GLU B 7 -12.38 10.93 -6.53
N LYS B 8 -13.66 10.88 -6.85
CA LYS B 8 -14.22 9.73 -7.53
C LYS B 8 -13.51 9.47 -8.86
N MET B 9 -13.37 10.49 -9.69
CA MET B 9 -12.74 10.31 -11.01
C MET B 9 -11.32 9.78 -10.81
N ASP B 10 -10.61 10.37 -9.85
CA ASP B 10 -9.27 9.94 -9.51
C ASP B 10 -9.18 8.46 -9.06
N ASN B 11 -10.18 7.99 -8.32
CA ASN B 11 -10.22 6.58 -7.93
C ASN B 11 -10.41 5.70 -9.16
N LEU B 12 -11.36 6.06 -10.00
CA LEU B 12 -11.59 5.37 -11.27
C LEU B 12 -10.31 5.18 -12.08
N LEU B 13 -9.44 6.18 -12.09
CA LEU B 13 -8.20 6.10 -12.85
C LEU B 13 -7.21 5.09 -12.28
N ARG B 14 -7.23 4.93 -10.96
CA ARG B 14 -6.28 4.06 -10.28
C ARG B 14 -6.79 2.65 -9.93
N ASP B 15 -8.09 2.43 -10.07
CA ASP B 15 -8.70 1.18 -9.66
C ASP B 15 -8.50 0.12 -10.76
N PRO B 16 -7.79 -0.97 -10.43
CA PRO B 16 -7.46 -2.07 -11.35
C PRO B 16 -8.71 -2.70 -11.95
N LYS B 17 -9.84 -2.64 -11.26
CA LYS B 17 -11.08 -3.22 -11.80
C LYS B 17 -11.88 -2.19 -12.61
N SER B 18 -11.35 -0.98 -12.71
CA SER B 18 -12.05 0.04 -13.48
C SER B 18 -11.71 -0.05 -14.95
N GLU B 19 -12.70 0.20 -15.79
CA GLU B 19 -12.52 0.19 -17.24
C GLU B 19 -11.91 1.50 -17.73
N VAL B 20 -11.93 2.52 -16.88
CA VAL B 20 -11.24 3.78 -17.13
C VAL B 20 -9.92 4.01 -16.43
N ASN B 21 -9.34 2.98 -15.84
CA ASN B 21 -8.01 3.20 -15.30
C ASN B 21 -7.04 3.52 -16.45
N SER B 22 -5.91 4.11 -16.07
CA SER B 22 -4.93 4.62 -17.01
C SER B 22 -4.55 3.63 -18.10
N ASP B 23 -4.30 2.38 -17.70
CA ASP B 23 -3.87 1.36 -18.67
C ASP B 23 -4.97 1.10 -19.69
N CYS B 24 -6.21 1.08 -19.22
CA CYS B 24 -7.33 0.95 -20.12
C CYS B 24 -7.47 2.11 -21.10
N LEU B 25 -7.19 3.32 -20.64
CA LEU B 25 -7.32 4.50 -21.49
C LEU B 25 -6.16 4.57 -22.49
N LEU B 26 -5.00 4.06 -22.09
CA LEU B 26 -3.92 3.95 -23.02
C LEU B 26 -4.30 3.07 -24.20
N ASP B 27 -4.97 1.95 -23.92
CA ASP B 27 -5.50 1.06 -24.94
C ASP B 27 -6.30 1.81 -25.98
N GLY B 28 -7.28 2.60 -25.53
CA GLY B 28 -8.13 3.36 -26.41
C GLY B 28 -7.30 4.13 -27.42
N LEU B 29 -6.34 4.89 -26.91
CA LEU B 29 -5.52 5.71 -27.77
C LEU B 29 -4.75 4.83 -28.75
N ASP B 30 -4.15 3.77 -28.22
CA ASP B 30 -3.34 2.87 -29.03
C ASP B 30 -4.18 2.25 -30.17
N ALA B 31 -5.43 1.91 -29.87
CA ALA B 31 -6.29 1.24 -30.82
C ALA B 31 -6.70 2.19 -31.92
N LEU B 32 -6.97 3.42 -31.52
CA LEU B 32 -7.46 4.44 -32.42
C LEU B 32 -6.39 4.74 -33.44
N VAL B 33 -5.15 4.79 -32.98
CA VAL B 33 -4.02 5.03 -33.84
C VAL B 33 -3.82 3.87 -34.81
N TYR B 34 -3.88 2.64 -34.31
CA TYR B 34 -3.82 1.48 -35.18
C TYR B 34 -4.87 1.56 -36.28
N ASP B 35 -6.11 1.82 -35.89
CA ASP B 35 -7.24 1.75 -36.82
C ASP B 35 -7.39 2.96 -37.76
N LEU B 36 -6.77 4.08 -37.42
CA LEU B 36 -6.83 5.25 -38.30
C LEU B 36 -5.64 5.39 -39.23
N ASP B 37 -4.56 4.65 -38.99
CA ASP B 37 -3.37 5.05 -39.70
C ASP B 37 -3.20 4.20 -40.95
N PHE B 38 -3.82 4.69 -42.02
CA PHE B 38 -3.79 4.09 -43.33
C PHE B 38 -3.86 5.26 -44.28
N PRO B 39 -3.29 5.12 -45.48
CA PRO B 39 -3.26 6.25 -46.41
C PRO B 39 -4.64 6.76 -46.84
N ALA B 40 -5.62 5.89 -47.01
CA ALA B 40 -6.96 6.38 -47.37
C ALA B 40 -7.60 7.25 -46.27
N LEU B 41 -7.50 6.82 -45.01
CA LEU B 41 -8.14 7.51 -43.90
C LEU B 41 -7.45 8.87 -43.65
N ARG B 42 -6.16 8.92 -43.93
CA ARG B 42 -5.39 10.15 -43.75
C ARG B 42 -5.75 11.27 -44.72
N LYS B 43 -6.57 10.98 -45.72
CA LYS B 43 -7.05 12.06 -46.58
C LYS B 43 -8.05 12.93 -45.81
N ASN B 44 -8.57 12.42 -44.71
CA ASN B 44 -9.36 13.24 -43.82
C ASN B 44 -8.37 14.03 -42.96
N LYS B 45 -8.45 15.35 -43.05
CA LYS B 45 -7.52 16.23 -42.31
C LYS B 45 -7.61 16.09 -40.77
N ASN B 46 -8.82 15.91 -40.23
CA ASN B 46 -8.98 15.61 -38.81
C ASN B 46 -8.10 14.44 -38.41
N ILE B 47 -8.23 13.34 -39.14
CA ILE B 47 -7.44 12.16 -38.87
C ILE B 47 -5.96 12.39 -39.11
N ASP B 48 -5.63 13.02 -40.23
CA ASP B 48 -4.22 13.22 -40.60
C ASP B 48 -3.48 14.07 -39.58
N ASN B 49 -4.09 15.18 -39.17
CA ASN B 49 -3.48 16.03 -38.16
C ASN B 49 -3.36 15.32 -36.80
N PHE B 50 -4.43 14.64 -36.40
CA PHE B 50 -4.43 13.90 -35.12
C PHE B 50 -3.21 12.99 -35.05
N LEU B 51 -3.01 12.18 -36.08
CA LEU B 51 -1.91 11.21 -36.12
C LEU B 51 -0.53 11.85 -36.15
N SER B 52 -0.41 12.97 -36.84
CA SER B 52 0.85 13.73 -36.81
C SER B 52 1.16 14.21 -35.39
N ARG B 53 0.16 14.78 -34.71
CA ARG B 53 0.36 15.21 -33.32
C ARG B 53 0.86 14.04 -32.47
N TYR B 54 0.19 12.90 -32.60
CA TYR B 54 0.32 11.84 -31.61
C TYR B 54 1.30 10.70 -31.90
N LYS B 55 1.94 10.71 -33.06
CA LYS B 55 2.70 9.51 -33.43
C LYS B 55 4.08 9.38 -32.81
N ASP B 56 4.73 10.49 -32.49
CA ASP B 56 5.94 10.42 -31.67
C ASP B 56 5.62 9.81 -30.31
N THR B 57 4.68 10.44 -29.61
CA THR B 57 4.25 9.96 -28.31
C THR B 57 3.84 8.50 -28.37
N ILE B 58 3.08 8.15 -29.40
CA ILE B 58 2.55 6.80 -29.49
C ILE B 58 3.66 5.76 -29.67
N ASN B 59 4.70 6.10 -30.42
CA ASN B 59 5.79 5.18 -30.63
C ASN B 59 6.61 4.98 -29.35
N LYS B 60 6.82 6.06 -28.60
CA LYS B 60 7.54 5.95 -27.34
C LYS B 60 6.70 5.19 -26.31
N ILE B 61 5.40 5.49 -26.26
CA ILE B 61 4.47 4.74 -25.41
C ILE B 61 4.55 3.24 -25.71
N ARG B 62 4.39 2.87 -26.98
CA ARG B 62 4.46 1.47 -27.36
C ARG B 62 5.78 0.87 -26.98
N ASP B 63 6.80 1.72 -26.85
CA ASP B 63 8.11 1.23 -26.45
C ASP B 63 8.23 0.96 -24.95
N LEU B 64 7.67 1.83 -24.12
CA LEU B 64 7.77 1.66 -22.68
C LEU B 64 6.87 0.57 -22.13
N ARG B 65 5.61 0.54 -22.58
CA ARG B 65 4.64 -0.41 -22.05
C ARG B 65 5.12 -1.82 -22.32
N MET B 66 4.69 -2.75 -21.46
CA MET B 66 5.03 -4.15 -21.62
C MET B 66 4.68 -4.62 -23.03
N LYS B 67 5.53 -5.49 -23.58
CA LYS B 67 5.33 -6.01 -24.94
C LYS B 67 5.89 -7.43 -25.13
N ALA B 68 5.48 -8.08 -26.21
CA ALA B 68 5.87 -9.47 -26.45
C ALA B 68 7.39 -9.60 -26.46
N GLU B 69 8.08 -8.58 -26.95
CA GLU B 69 9.53 -8.64 -27.10
C GLU B 69 10.23 -8.65 -25.75
N ASP B 70 9.50 -8.34 -24.69
CA ASP B 70 10.08 -8.35 -23.35
C ASP B 70 10.30 -9.77 -22.81
N TYR B 71 9.79 -10.78 -23.52
CA TYR B 71 9.83 -12.17 -23.05
C TYR B 71 10.45 -13.12 -24.07
N GLU B 72 11.31 -14.01 -23.60
CA GLU B 72 11.84 -15.09 -24.44
C GLU B 72 10.96 -16.33 -24.37
N VAL B 73 10.72 -16.95 -25.52
CA VAL B 73 9.89 -18.14 -25.62
C VAL B 73 10.77 -19.36 -25.43
N VAL B 74 10.55 -20.07 -24.33
CA VAL B 74 11.31 -21.27 -24.02
C VAL B 74 10.76 -22.47 -24.76
N LYS B 75 9.45 -22.56 -24.84
CA LYS B 75 8.83 -23.75 -25.40
C LYS B 75 7.32 -23.57 -25.47
N VAL B 76 6.66 -24.35 -26.31
CA VAL B 76 5.20 -24.31 -26.46
C VAL B 76 4.59 -25.48 -25.70
N ILE B 77 3.83 -25.16 -24.64
CA ILE B 77 3.20 -26.19 -23.81
C ILE B 77 1.71 -26.46 -23.99
N GLY B 78 1.03 -25.70 -24.83
CA GLY B 78 -0.37 -25.93 -25.12
C GLY B 78 -0.84 -25.21 -26.37
N ARG B 79 -1.90 -25.71 -27.00
CA ARG B 79 -2.44 -25.05 -28.20
C ARG B 79 -3.98 -25.07 -28.24
N GLY B 80 -4.58 -23.89 -28.38
CA GLY B 80 -6.04 -23.73 -28.32
C GLY B 80 -6.89 -23.33 -29.52
N ALA B 81 -6.28 -23.23 -30.69
CA ALA B 81 -6.99 -22.82 -31.92
C ALA B 81 -7.32 -21.33 -32.08
N PHE B 82 -7.36 -20.57 -30.97
CA PHE B 82 -7.29 -19.11 -31.09
C PHE B 82 -5.87 -18.70 -30.79
N GLY B 83 -5.03 -19.67 -30.48
CA GLY B 83 -3.64 -19.39 -30.18
C GLY B 83 -3.07 -20.46 -29.29
N GLU B 84 -2.01 -20.13 -28.57
CA GLU B 84 -1.30 -21.14 -27.79
C GLU B 84 -0.81 -20.63 -26.44
N VAL B 85 -0.21 -21.53 -25.66
CA VAL B 85 0.42 -21.16 -24.41
C VAL B 85 1.91 -21.53 -24.46
N GLN B 86 2.76 -20.56 -24.14
CA GLN B 86 4.20 -20.73 -24.20
C GLN B 86 4.83 -20.52 -22.83
N LEU B 87 5.84 -21.33 -22.53
CA LEU B 87 6.70 -21.09 -21.38
C LEU B 87 7.64 -19.95 -21.75
N VAL B 88 7.62 -18.89 -20.96
CA VAL B 88 8.42 -17.72 -21.27
C VAL B 88 9.30 -17.35 -20.09
N ARG B 89 10.36 -16.59 -20.36
CA ARG B 89 11.13 -15.96 -19.30
C ARG B 89 11.22 -14.48 -19.60
N HIS B 90 10.99 -13.66 -18.59
CA HIS B 90 11.12 -12.22 -18.77
C HIS B 90 12.60 -11.86 -18.91
N LYS B 91 12.92 -10.95 -19.82
CA LYS B 91 14.31 -10.61 -20.14
C LYS B 91 15.07 -9.92 -19.00
N SER B 92 14.47 -8.88 -18.47
CA SER B 92 15.05 -8.10 -17.39
C SER B 92 15.06 -8.88 -16.08
N THR B 93 13.88 -9.35 -15.65
CA THR B 93 13.74 -10.00 -14.34
C THR B 93 14.12 -11.48 -14.29
N ARG B 94 14.16 -12.12 -15.46
CA ARG B 94 14.51 -13.55 -15.53
C ARG B 94 13.42 -14.49 -14.99
N LYS B 95 12.34 -13.95 -14.47
CA LYS B 95 11.27 -14.80 -13.92
C LYS B 95 10.55 -15.59 -15.02
N VAL B 96 10.08 -16.78 -14.65
CA VAL B 96 9.48 -17.72 -15.59
C VAL B 96 7.95 -17.75 -15.48
N TYR B 97 7.26 -17.76 -16.63
CA TYR B 97 5.80 -17.70 -16.66
C TYR B 97 5.22 -18.57 -17.75
N ALA B 98 3.91 -18.82 -17.66
CA ALA B 98 3.14 -19.32 -18.79
C ALA B 98 2.41 -18.16 -19.45
N MET B 99 2.54 -18.04 -20.77
CA MET B 99 1.95 -16.92 -21.50
C MET B 99 1.01 -17.39 -22.58
N LYS B 100 -0.25 -16.97 -22.48
CA LYS B 100 -1.26 -17.38 -23.44
C LYS B 100 -1.35 -16.34 -24.54
N LEU B 101 -1.35 -16.80 -25.78
CA LEU B 101 -1.53 -15.90 -26.92
C LEU B 101 -2.90 -16.08 -27.54
N LEU B 102 -3.58 -14.98 -27.83
CA LEU B 102 -4.84 -15.03 -28.55
C LEU B 102 -4.77 -14.18 -29.83
N SER B 103 -5.20 -14.78 -30.94
CA SER B 103 -5.05 -14.15 -32.25
C SER B 103 -6.20 -13.23 -32.56
N LYS B 104 -5.88 -11.95 -32.70
CA LYS B 104 -6.91 -10.99 -33.03
C LYS B 104 -7.50 -11.29 -34.43
N PHE B 105 -6.67 -11.71 -35.37
CA PHE B 105 -7.19 -12.03 -36.71
C PHE B 105 -8.29 -13.10 -36.64
N GLU B 106 -8.01 -14.20 -35.94
CA GLU B 106 -8.96 -15.32 -35.82
C GLU B 106 -10.23 -14.96 -35.09
N MET B 107 -10.09 -14.25 -33.97
CA MET B 107 -11.25 -13.83 -33.20
C MET B 107 -12.20 -12.97 -34.04
N ILE B 108 -11.65 -12.00 -34.78
CA ILE B 108 -12.47 -11.18 -35.67
C ILE B 108 -13.10 -12.01 -36.78
N LYS B 109 -12.26 -12.77 -37.48
CA LYS B 109 -12.71 -13.60 -38.61
C LYS B 109 -13.82 -14.55 -38.19
N ARG B 110 -13.66 -15.18 -37.04
CA ARG B 110 -14.58 -16.21 -36.59
C ARG B 110 -15.69 -15.54 -35.79
N SER B 111 -15.61 -14.21 -35.74
CA SER B 111 -16.56 -13.38 -34.99
C SER B 111 -16.81 -13.91 -33.57
N ASP B 112 -15.78 -14.47 -32.96
CA ASP B 112 -15.86 -14.72 -31.53
C ASP B 112 -14.81 -13.78 -30.93
N SER B 113 -15.21 -12.55 -30.61
CA SER B 113 -14.28 -11.56 -30.03
C SER B 113 -14.55 -11.08 -28.59
N ALA B 114 -15.61 -11.59 -27.96
CA ALA B 114 -15.99 -11.21 -26.59
C ALA B 114 -15.72 -12.22 -25.46
N PHE B 115 -15.11 -13.35 -25.75
CA PHE B 115 -15.19 -14.48 -24.84
C PHE B 115 -14.18 -14.50 -23.69
N PHE B 116 -13.14 -13.66 -23.77
CA PHE B 116 -12.01 -13.73 -22.88
C PHE B 116 -12.09 -12.82 -21.64
N TRP B 117 -13.15 -12.03 -21.52
CA TRP B 117 -13.25 -11.08 -20.41
C TRP B 117 -13.40 -11.77 -19.04
N GLU B 118 -14.21 -12.82 -19.01
CA GLU B 118 -14.41 -13.61 -17.78
C GLU B 118 -13.11 -14.24 -17.31
N GLU B 119 -12.39 -14.86 -18.23
CA GLU B 119 -11.11 -15.47 -17.95
C GLU B 119 -10.11 -14.42 -17.46
N ARG B 120 -10.12 -13.23 -18.08
CA ARG B 120 -9.30 -12.15 -17.59
C ARG B 120 -9.67 -11.80 -16.14
N ASP B 121 -10.97 -11.56 -15.91
CA ASP B 121 -11.49 -11.13 -14.61
C ASP B 121 -11.17 -12.14 -13.52
N ILE B 122 -11.49 -13.40 -13.78
CA ILE B 122 -11.26 -14.47 -12.82
C ILE B 122 -9.79 -14.59 -12.41
N MET B 123 -8.89 -14.67 -13.39
CA MET B 123 -7.50 -14.95 -13.09
C MET B 123 -6.82 -13.72 -12.51
N ALA B 124 -7.27 -12.54 -12.88
CA ALA B 124 -6.68 -11.33 -12.33
C ALA B 124 -7.09 -11.15 -10.88
N PHE B 125 -8.38 -11.32 -10.62
CA PHE B 125 -8.99 -10.95 -9.34
C PHE B 125 -9.45 -12.03 -8.34
N ALA B 126 -9.39 -13.31 -8.71
CA ALA B 126 -9.89 -14.36 -7.80
C ALA B 126 -9.13 -14.32 -6.48
N ASN B 127 -7.82 -14.11 -6.57
CA ASN B 127 -7.00 -14.05 -5.37
C ASN B 127 -7.24 -15.28 -4.51
N SER B 128 -7.11 -16.45 -5.12
CA SER B 128 -7.33 -17.73 -4.47
C SER B 128 -6.20 -18.72 -4.75
N PRO B 129 -5.80 -19.51 -3.74
CA PRO B 129 -4.76 -20.53 -3.99
C PRO B 129 -5.26 -21.60 -4.96
N TRP B 130 -6.56 -21.60 -5.20
CA TRP B 130 -7.18 -22.58 -6.12
C TRP B 130 -7.31 -22.13 -7.56
N VAL B 131 -6.77 -20.97 -7.89
CA VAL B 131 -6.95 -20.43 -9.24
C VAL B 131 -5.66 -19.83 -9.77
N VAL B 132 -5.24 -20.25 -10.96
CA VAL B 132 -4.05 -19.72 -11.61
C VAL B 132 -4.18 -18.21 -11.73
N GLN B 133 -3.17 -17.48 -11.26
CA GLN B 133 -3.25 -16.01 -11.24
C GLN B 133 -2.71 -15.40 -12.53
N LEU B 134 -3.39 -14.38 -13.02
CA LEU B 134 -2.89 -13.57 -14.13
C LEU B 134 -2.09 -12.38 -13.58
N PHE B 135 -0.80 -12.34 -13.92
CA PHE B 135 0.07 -11.23 -13.53
C PHE B 135 -0.03 -10.02 -14.46
N TYR B 136 0.02 -10.26 -15.77
CA TYR B 136 -0.06 -9.19 -16.74
C TYR B 136 -0.89 -9.58 -17.96
N ALA B 137 -1.72 -8.64 -18.40
CA ALA B 137 -2.43 -8.77 -19.66
C ALA B 137 -2.03 -7.56 -20.50
N PHE B 138 -1.59 -7.84 -21.72
CA PHE B 138 -1.24 -6.76 -22.65
C PHE B 138 -1.56 -7.17 -24.07
N GLN B 139 -1.32 -6.27 -25.02
CA GLN B 139 -1.67 -6.54 -26.40
C GLN B 139 -0.87 -5.71 -27.38
N ASP B 140 -0.81 -6.20 -28.62
CA ASP B 140 -0.36 -5.40 -29.76
C ASP B 140 -1.45 -5.51 -30.83
N ASP B 141 -1.18 -5.04 -32.05
CA ASP B 141 -2.22 -5.06 -33.09
C ASP B 141 -2.58 -6.48 -33.56
N ARG B 142 -1.79 -7.47 -33.18
CA ARG B 142 -1.98 -8.86 -33.61
C ARG B 142 -2.55 -9.78 -32.54
N TYR B 143 -1.93 -9.78 -31.37
CA TYR B 143 -2.33 -10.68 -30.30
C TYR B 143 -2.77 -10.01 -29.00
N LEU B 144 -3.55 -10.78 -28.23
CA LEU B 144 -3.75 -10.53 -26.82
C LEU B 144 -2.79 -11.46 -26.12
N TYR B 145 -2.20 -10.99 -25.01
CA TYR B 145 -1.26 -11.80 -24.23
C TYR B 145 -1.66 -11.89 -22.75
N MET B 146 -1.60 -13.09 -22.18
CA MET B 146 -1.85 -13.26 -20.76
C MET B 146 -0.68 -13.94 -20.08
N VAL B 147 0.00 -13.20 -19.21
CA VAL B 147 1.14 -13.78 -18.49
C VAL B 147 0.67 -14.36 -17.15
N MET B 148 0.75 -15.69 -17.03
CA MET B 148 0.20 -16.42 -15.89
C MET B 148 1.27 -17.16 -15.11
N GLU B 149 0.96 -17.51 -13.86
CA GLU B 149 1.90 -18.35 -13.12
C GLU B 149 2.05 -19.68 -13.85
N TYR B 150 3.30 -20.07 -14.03
CA TYR B 150 3.63 -21.37 -14.60
C TYR B 150 3.29 -22.50 -13.58
N MET B 151 2.72 -23.58 -14.08
CA MET B 151 2.33 -24.71 -13.24
C MET B 151 3.06 -25.98 -13.68
N PRO B 152 4.31 -26.15 -13.21
CA PRO B 152 5.21 -27.22 -13.67
C PRO B 152 4.76 -28.64 -13.32
N GLY B 153 3.79 -28.75 -12.43
CA GLY B 153 3.17 -30.03 -12.15
C GLY B 153 2.45 -30.66 -13.33
N GLY B 154 2.01 -29.84 -14.30
CA GLY B 154 1.25 -30.39 -15.43
C GLY B 154 -0.19 -30.65 -15.05
N ASP B 155 -0.96 -31.24 -15.95
CA ASP B 155 -2.40 -31.41 -15.68
C ASP B 155 -2.80 -32.82 -15.27
N LEU B 156 -4.08 -33.01 -14.96
CA LEU B 156 -4.51 -34.27 -14.40
C LEU B 156 -4.71 -35.37 -15.42
N VAL B 157 -4.80 -35.01 -16.69
CA VAL B 157 -4.84 -36.01 -17.73
C VAL B 157 -3.49 -36.73 -17.77
N ASN B 158 -2.43 -35.94 -17.74
CA ASN B 158 -1.08 -36.47 -17.68
C ASN B 158 -0.92 -37.40 -16.44
N LEU B 159 -1.26 -36.89 -15.26
CA LEU B 159 -1.12 -37.68 -14.03
C LEU B 159 -1.89 -39.00 -14.07
N MET B 160 -3.12 -38.98 -14.58
CA MET B 160 -3.92 -40.19 -14.71
C MET B 160 -3.32 -41.17 -15.75
N SER B 161 -2.52 -40.63 -16.66
CA SER B 161 -1.89 -41.47 -17.67
C SER B 161 -0.60 -42.12 -17.17
N ASN B 162 0.14 -41.41 -16.31
CA ASN B 162 1.37 -41.92 -15.71
C ASN B 162 1.20 -42.78 -14.44
N TYR B 163 0.00 -42.78 -13.85
CA TYR B 163 -0.21 -43.49 -12.59
C TYR B 163 -1.51 -44.27 -12.53
N ASP B 164 -1.51 -45.29 -11.68
CA ASP B 164 -2.77 -45.92 -11.29
C ASP B 164 -3.21 -45.20 -10.03
N VAL B 165 -4.44 -44.69 -10.03
CA VAL B 165 -4.87 -43.83 -8.93
C VAL B 165 -5.75 -44.53 -7.91
N PRO B 166 -5.21 -44.69 -6.70
CA PRO B 166 -5.90 -45.25 -5.53
C PRO B 166 -6.93 -44.28 -4.98
N GLU B 167 -7.94 -44.82 -4.32
CA GLU B 167 -8.97 -44.01 -3.71
C GLU B 167 -8.44 -42.87 -2.85
N LYS B 168 -7.34 -43.08 -2.14
CA LYS B 168 -6.83 -42.02 -1.28
C LYS B 168 -6.37 -40.81 -2.08
N TRP B 169 -5.72 -41.05 -3.21
CA TRP B 169 -5.33 -39.96 -4.10
C TRP B 169 -6.58 -39.27 -4.66
N ALA B 170 -7.48 -40.08 -5.19
CA ALA B 170 -8.69 -39.56 -5.81
C ALA B 170 -9.44 -38.63 -4.86
N ARG B 171 -9.56 -39.06 -3.60
CA ARG B 171 -10.21 -38.26 -2.57
C ARG B 171 -9.54 -36.90 -2.42
N PHE B 172 -8.22 -36.89 -2.51
CA PHE B 172 -7.48 -35.65 -2.35
C PHE B 172 -7.74 -34.66 -3.52
N TYR B 173 -7.58 -35.12 -4.75
CA TYR B 173 -7.79 -34.27 -5.92
C TYR B 173 -9.23 -33.81 -6.08
N THR B 174 -10.16 -34.71 -5.81
CA THR B 174 -11.58 -34.38 -5.80
C THR B 174 -11.88 -33.26 -4.82
N ALA B 175 -11.37 -33.39 -3.60
CA ALA B 175 -11.55 -32.36 -2.57
C ALA B 175 -10.98 -31.02 -3.00
N GLU B 176 -9.77 -31.03 -3.57
CA GLU B 176 -9.18 -29.78 -4.03
C GLU B 176 -10.03 -29.15 -5.15
N VAL B 177 -10.62 -29.99 -6.01
CA VAL B 177 -11.50 -29.51 -7.07
C VAL B 177 -12.79 -28.93 -6.51
N VAL B 178 -13.34 -29.58 -5.49
CA VAL B 178 -14.53 -29.04 -4.82
C VAL B 178 -14.27 -27.61 -4.30
N LEU B 179 -13.11 -27.41 -3.68
CA LEU B 179 -12.77 -26.10 -3.14
C LEU B 179 -12.51 -25.04 -4.23
N ALA B 180 -11.82 -25.44 -5.28
CA ALA B 180 -11.59 -24.55 -6.41
C ALA B 180 -12.91 -24.07 -7.05
N LEU B 181 -13.79 -25.02 -7.36
CA LEU B 181 -15.08 -24.69 -7.89
C LEU B 181 -15.89 -23.79 -6.96
N ASP B 182 -15.85 -24.08 -5.65
CA ASP B 182 -16.63 -23.25 -4.73
C ASP B 182 -16.14 -21.81 -4.76
N ALA B 183 -14.83 -21.64 -4.97
CA ALA B 183 -14.24 -20.31 -5.00
C ALA B 183 -14.77 -19.57 -6.21
N ILE B 184 -14.81 -20.25 -7.35
CA ILE B 184 -15.34 -19.69 -8.57
C ILE B 184 -16.82 -19.39 -8.47
N HIS B 185 -17.59 -20.29 -7.88
CA HIS B 185 -19.00 -20.04 -7.69
C HIS B 185 -19.21 -18.83 -6.80
N SER B 186 -18.40 -18.72 -5.74
CA SER B 186 -18.47 -17.59 -4.82
C SER B 186 -18.12 -16.27 -5.49
N MET B 187 -17.40 -16.33 -6.60
CA MET B 187 -17.09 -15.13 -7.38
C MET B 187 -18.24 -14.78 -8.31
N GLY B 188 -19.24 -15.65 -8.39
CA GLY B 188 -20.38 -15.42 -9.24
C GLY B 188 -20.30 -16.08 -10.62
N PHE B 189 -19.33 -16.96 -10.84
CA PHE B 189 -19.20 -17.62 -12.14
C PHE B 189 -19.51 -19.11 -12.11
N ILE B 190 -20.08 -19.59 -13.21
CA ILE B 190 -20.22 -21.02 -13.43
C ILE B 190 -19.16 -21.41 -14.44
N HIS B 191 -18.43 -22.49 -14.17
CA HIS B 191 -17.28 -22.84 -15.01
C HIS B 191 -17.68 -23.36 -16.39
N ARG B 192 -18.60 -24.31 -16.39
CA ARG B 192 -19.23 -24.89 -17.58
C ARG B 192 -18.46 -25.95 -18.38
N ASP B 193 -17.13 -26.02 -18.29
CA ASP B 193 -16.53 -27.32 -18.59
C ASP B 193 -15.40 -27.67 -17.65
N VAL B 194 -15.71 -28.49 -16.68
CA VAL B 194 -14.74 -28.87 -15.70
C VAL B 194 -14.20 -30.21 -16.18
N LYS B 195 -12.88 -30.36 -16.18
CA LYS B 195 -12.31 -31.62 -16.63
C LYS B 195 -10.80 -31.62 -16.40
N PRO B 196 -10.21 -32.82 -16.34
CA PRO B 196 -8.82 -33.02 -15.93
C PRO B 196 -7.88 -32.12 -16.71
N ASP B 197 -8.26 -31.81 -17.95
CA ASP B 197 -7.46 -30.93 -18.80
C ASP B 197 -7.30 -29.54 -18.21
N ASN B 198 -8.33 -29.11 -17.46
CA ASN B 198 -8.37 -27.76 -16.89
C ASN B 198 -7.76 -27.69 -15.49
N MET B 199 -7.22 -28.81 -15.02
CA MET B 199 -6.70 -28.89 -13.66
C MET B 199 -5.18 -28.96 -13.70
N LEU B 200 -4.51 -27.90 -13.25
CA LEU B 200 -3.05 -27.89 -13.23
C LEU B 200 -2.48 -28.14 -11.82
N LEU B 201 -1.31 -28.76 -11.76
CA LEU B 201 -0.61 -29.00 -10.50
C LEU B 201 0.58 -28.06 -10.33
N ASP B 202 0.70 -27.40 -9.18
CA ASP B 202 1.82 -26.48 -8.97
C ASP B 202 3.11 -27.18 -8.49
N LYS B 203 4.13 -26.39 -8.19
CA LYS B 203 5.42 -26.94 -7.76
C LYS B 203 5.29 -27.95 -6.61
N SER B 204 4.37 -27.69 -5.70
CA SER B 204 4.17 -28.58 -4.57
C SER B 204 3.21 -29.74 -4.87
N GLY B 205 2.68 -29.77 -6.09
CA GLY B 205 1.73 -30.80 -6.48
C GLY B 205 0.29 -30.55 -6.07
N HIS B 206 -0.02 -29.31 -5.72
CA HIS B 206 -1.39 -28.95 -5.36
C HIS B 206 -2.14 -28.36 -6.56
N LEU B 207 -3.43 -28.64 -6.67
CA LEU B 207 -4.22 -28.32 -7.85
C LEU B 207 -4.64 -26.84 -7.93
N LYS B 208 -4.70 -26.30 -9.14
CA LYS B 208 -5.45 -25.06 -9.42
C LYS B 208 -6.24 -25.23 -10.72
N LEU B 209 -7.38 -24.57 -10.81
CA LEU B 209 -8.11 -24.54 -12.06
C LEU B 209 -7.45 -23.51 -12.95
N ALA B 210 -7.30 -23.83 -14.24
CA ALA B 210 -6.90 -22.90 -15.29
C ALA B 210 -7.88 -22.98 -16.48
N ASP B 211 -7.66 -22.17 -17.52
CA ASP B 211 -8.57 -22.19 -18.69
C ASP B 211 -10.03 -21.86 -18.37
N PHE B 212 -10.31 -20.58 -18.17
CA PHE B 212 -11.65 -20.10 -17.84
C PHE B 212 -12.51 -19.61 -19.03
N GLY B 213 -12.05 -19.90 -20.23
CA GLY B 213 -12.71 -19.46 -21.45
C GLY B 213 -14.22 -19.67 -21.55
N THR B 214 -14.76 -20.72 -20.92
CA THR B 214 -16.20 -20.95 -21.00
C THR B 214 -17.02 -20.43 -19.82
N CYS B 215 -16.37 -19.78 -18.85
CA CYS B 215 -17.06 -19.28 -17.66
C CYS B 215 -18.08 -18.19 -17.97
N MET B 216 -19.17 -18.18 -17.24
CA MET B 216 -20.20 -17.16 -17.38
C MET B 216 -20.69 -16.64 -16.04
N LYS B 217 -20.92 -15.34 -15.98
CA LYS B 217 -21.42 -14.72 -14.77
C LYS B 217 -22.86 -15.13 -14.53
N MET B 218 -23.17 -15.56 -13.31
CA MET B 218 -24.53 -15.91 -12.94
C MET B 218 -25.41 -14.67 -12.77
N ASN B 219 -26.68 -14.80 -13.12
CA ASN B 219 -27.61 -13.72 -12.85
C ASN B 219 -27.99 -13.82 -11.37
N LYS B 220 -29.00 -13.06 -10.96
CA LYS B 220 -29.38 -13.02 -9.56
C LYS B 220 -30.03 -14.32 -9.09
N GLU B 221 -30.52 -15.12 -10.02
CA GLU B 221 -31.08 -16.42 -9.69
C GLU B 221 -29.97 -17.46 -9.58
N GLY B 222 -28.78 -17.09 -10.03
CA GLY B 222 -27.65 -18.00 -10.11
C GLY B 222 -27.67 -18.83 -11.38
N MET B 223 -28.27 -18.31 -12.44
CA MET B 223 -28.44 -19.05 -13.69
C MET B 223 -27.67 -18.39 -14.80
N VAL B 224 -27.31 -19.20 -15.79
CA VAL B 224 -26.82 -18.71 -17.06
C VAL B 224 -27.48 -19.45 -18.24
N ARG B 225 -27.31 -18.91 -19.43
CA ARG B 225 -27.63 -19.63 -20.66
C ARG B 225 -26.36 -19.74 -21.51
N CYS B 226 -25.90 -20.96 -21.75
CA CYS B 226 -24.63 -21.16 -22.45
C CYS B 226 -24.64 -20.37 -23.74
N ASP B 227 -23.60 -19.56 -23.95
CA ASP B 227 -23.49 -18.80 -25.19
C ASP B 227 -22.88 -19.69 -26.26
N THR B 228 -21.58 -19.93 -26.12
CA THR B 228 -20.88 -20.88 -26.96
C THR B 228 -21.23 -22.28 -26.48
N ALA B 229 -21.31 -23.23 -27.41
CA ALA B 229 -21.42 -24.62 -27.01
C ALA B 229 -20.01 -24.97 -26.61
N VAL B 230 -19.77 -26.18 -26.15
CA VAL B 230 -18.38 -26.59 -26.02
C VAL B 230 -18.05 -27.74 -26.97
N GLY B 231 -16.83 -28.22 -26.84
CA GLY B 231 -16.26 -29.28 -27.65
C GLY B 231 -16.83 -30.56 -27.11
N THR B 232 -15.93 -31.49 -26.84
CA THR B 232 -16.29 -32.77 -26.25
C THR B 232 -17.32 -32.63 -25.12
N PRO B 233 -18.39 -33.43 -25.22
CA PRO B 233 -19.49 -33.70 -24.28
C PRO B 233 -19.15 -34.54 -23.04
N ASP B 234 -17.99 -35.20 -23.01
CA ASP B 234 -17.72 -36.22 -21.99
C ASP B 234 -18.02 -35.82 -20.52
N TYR B 235 -17.61 -34.63 -20.13
CA TYR B 235 -17.88 -34.17 -18.77
C TYR B 235 -19.10 -33.28 -18.60
N ILE B 236 -19.86 -33.08 -19.68
CA ILE B 236 -21.01 -32.17 -19.67
C ILE B 236 -22.30 -32.84 -19.20
N SER B 237 -23.06 -32.13 -18.37
CA SER B 237 -24.29 -32.65 -17.79
C SER B 237 -25.45 -32.63 -18.80
N PRO B 238 -26.50 -33.41 -18.52
CA PRO B 238 -27.65 -33.55 -19.40
C PRO B 238 -28.40 -32.24 -19.60
N GLU B 239 -28.52 -31.45 -18.54
CA GLU B 239 -29.28 -30.21 -18.65
C GLU B 239 -28.54 -29.17 -19.48
N VAL B 240 -27.21 -29.19 -19.43
CA VAL B 240 -26.44 -28.34 -20.31
C VAL B 240 -26.53 -28.80 -21.78
N LEU B 241 -26.57 -30.10 -22.01
CA LEU B 241 -26.74 -30.60 -23.37
C LEU B 241 -28.08 -30.15 -23.91
N LYS B 242 -29.14 -30.35 -23.12
CA LYS B 242 -30.49 -29.97 -23.50
C LYS B 242 -30.64 -28.47 -23.75
N SER B 243 -29.99 -27.66 -22.94
CA SER B 243 -30.15 -26.22 -23.07
C SER B 243 -29.51 -25.74 -24.36
N GLN B 244 -28.54 -26.50 -24.85
CA GLN B 244 -27.90 -26.20 -26.12
C GLN B 244 -28.94 -26.22 -27.25
N GLY B 245 -29.97 -27.06 -27.11
CA GLY B 245 -31.05 -27.17 -28.07
C GLY B 245 -32.13 -26.11 -27.89
N GLY B 246 -31.79 -25.09 -27.08
CA GLY B 246 -32.63 -23.92 -26.93
C GLY B 246 -33.55 -23.93 -25.73
N ASP B 247 -33.57 -25.06 -25.02
CA ASP B 247 -34.54 -25.27 -23.94
C ASP B 247 -34.54 -24.25 -22.78
N GLY B 248 -33.37 -23.92 -22.24
CA GLY B 248 -33.35 -23.04 -21.08
C GLY B 248 -32.08 -22.71 -20.32
N TYR B 249 -32.31 -22.35 -19.05
CA TYR B 249 -31.29 -21.91 -18.11
C TYR B 249 -30.83 -23.08 -17.26
N TYR B 250 -29.57 -23.03 -16.85
CA TYR B 250 -29.07 -23.92 -15.81
C TYR B 250 -28.20 -23.16 -14.81
N GLY B 251 -28.05 -23.75 -13.62
CA GLY B 251 -27.22 -23.21 -12.56
C GLY B 251 -25.91 -23.96 -12.29
N ARG B 252 -25.28 -23.65 -11.17
CA ARG B 252 -23.94 -24.14 -10.88
C ARG B 252 -23.84 -25.64 -10.66
N GLU B 253 -24.97 -26.30 -10.45
CA GLU B 253 -24.94 -27.75 -10.25
C GLU B 253 -24.39 -28.47 -11.48
N CYS B 254 -24.32 -27.78 -12.62
CA CYS B 254 -23.75 -28.40 -13.82
C CYS B 254 -22.27 -28.73 -13.61
N ASP B 255 -21.59 -27.88 -12.83
CA ASP B 255 -20.20 -28.13 -12.48
C ASP B 255 -20.03 -29.37 -11.59
N TRP B 256 -20.99 -29.62 -10.69
CA TRP B 256 -20.90 -30.77 -9.79
C TRP B 256 -21.11 -32.07 -10.52
N TRP B 257 -21.88 -32.04 -11.60
CA TRP B 257 -21.99 -33.20 -12.46
C TRP B 257 -20.60 -33.57 -12.98
N SER B 258 -19.88 -32.57 -13.48
CA SER B 258 -18.54 -32.80 -14.00
C SER B 258 -17.61 -33.44 -12.97
N VAL B 259 -17.70 -33.02 -11.71
CA VAL B 259 -16.85 -33.59 -10.65
C VAL B 259 -17.15 -35.09 -10.52
N GLY B 260 -18.43 -35.44 -10.49
CA GLY B 260 -18.84 -36.83 -10.53
C GLY B 260 -18.16 -37.61 -11.65
N VAL B 261 -18.13 -37.04 -12.86
CA VAL B 261 -17.53 -37.75 -13.98
C VAL B 261 -16.04 -37.93 -13.74
N PHE B 262 -15.41 -36.86 -13.29
CA PHE B 262 -13.99 -36.86 -12.93
C PHE B 262 -13.65 -37.91 -11.88
N LEU B 263 -14.49 -38.04 -10.85
CA LEU B 263 -14.19 -39.00 -9.79
C LEU B 263 -14.19 -40.39 -10.41
N TYR B 264 -15.24 -40.66 -11.18
CA TYR B 264 -15.40 -41.93 -11.85
C TYR B 264 -14.18 -42.21 -12.73
N GLU B 265 -13.70 -41.21 -13.43
CA GLU B 265 -12.60 -41.45 -14.34
C GLU B 265 -11.30 -41.84 -13.62
N MET B 266 -11.04 -41.19 -12.49
CA MET B 266 -9.82 -41.47 -11.73
C MET B 266 -9.85 -42.89 -11.15
N LEU B 267 -11.01 -43.28 -10.66
CA LEU B 267 -11.16 -44.58 -10.02
C LEU B 267 -11.30 -45.72 -11.01
N VAL B 268 -12.19 -45.55 -12.00
CA VAL B 268 -12.49 -46.57 -12.98
C VAL B 268 -11.52 -46.65 -14.17
N GLY B 269 -10.91 -45.53 -14.55
CA GLY B 269 -9.96 -45.52 -15.66
C GLY B 269 -10.48 -44.99 -16.99
N ASP B 270 -11.81 -45.03 -17.17
CA ASP B 270 -12.45 -44.37 -18.31
C ASP B 270 -13.57 -43.46 -17.80
N THR B 271 -13.98 -42.48 -18.60
CA THR B 271 -15.16 -41.72 -18.22
C THR B 271 -16.39 -42.60 -18.39
N PRO B 272 -17.41 -42.35 -17.59
CA PRO B 272 -18.61 -43.20 -17.48
C PRO B 272 -19.50 -43.24 -18.71
N PHE B 273 -19.50 -42.18 -19.51
CA PHE B 273 -20.25 -42.12 -20.77
C PHE B 273 -19.40 -42.29 -22.03
N TYR B 274 -18.15 -42.68 -21.85
CA TYR B 274 -17.27 -42.88 -22.98
C TYR B 274 -17.95 -43.72 -24.09
N ALA B 275 -17.71 -43.32 -25.34
CA ALA B 275 -18.13 -44.08 -26.53
C ALA B 275 -17.20 -43.66 -27.66
N ASP B 276 -17.06 -44.50 -28.69
CA ASP B 276 -16.11 -44.15 -29.74
C ASP B 276 -16.67 -43.16 -30.77
N SER B 277 -17.91 -42.72 -30.56
CA SER B 277 -18.36 -41.53 -31.25
C SER B 277 -18.95 -40.47 -30.31
N LEU B 278 -18.90 -39.24 -30.79
CA LEU B 278 -19.53 -38.11 -30.16
C LEU B 278 -21.02 -38.41 -29.87
N VAL B 279 -21.75 -38.84 -30.90
CA VAL B 279 -23.19 -39.07 -30.79
C VAL B 279 -23.50 -40.22 -29.84
N GLY B 280 -22.58 -41.17 -29.74
CA GLY B 280 -22.77 -42.28 -28.82
C GLY B 280 -22.68 -41.83 -27.37
N THR B 281 -21.76 -40.90 -27.12
CA THR B 281 -21.57 -40.33 -25.79
C THR B 281 -22.76 -39.45 -25.40
N TYR B 282 -23.14 -38.56 -26.32
CA TYR B 282 -24.30 -37.70 -26.15
C TYR B 282 -25.49 -38.55 -25.74
N SER B 283 -25.70 -39.64 -26.46
CA SER B 283 -26.83 -40.52 -26.17
C SER B 283 -26.71 -41.16 -24.78
N LYS B 284 -25.52 -41.70 -24.47
CA LYS B 284 -25.31 -42.30 -23.16
C LYS B 284 -25.61 -41.29 -22.03
N ILE B 285 -25.15 -40.06 -22.19
CA ILE B 285 -25.37 -39.03 -21.19
C ILE B 285 -26.85 -38.78 -20.97
N MET B 286 -27.60 -38.56 -22.03
CA MET B 286 -29.06 -38.33 -21.88
C MET B 286 -29.73 -39.54 -21.23
N ASN B 287 -29.20 -40.73 -21.53
CA ASN B 287 -29.70 -42.00 -21.04
C ASN B 287 -29.07 -42.43 -19.71
N HIS B 288 -28.37 -41.51 -19.05
CA HIS B 288 -27.56 -41.80 -17.87
C HIS B 288 -28.22 -42.68 -16.80
N LYS B 289 -29.53 -42.55 -16.62
CA LYS B 289 -30.22 -43.39 -15.65
C LYS B 289 -29.94 -44.87 -15.91
N ASN B 290 -30.03 -45.27 -17.18
CA ASN B 290 -29.66 -46.61 -17.60
C ASN B 290 -28.17 -46.83 -17.87
N SER B 291 -27.53 -45.87 -18.54
CA SER B 291 -26.19 -46.06 -19.10
C SER B 291 -25.05 -46.08 -18.08
N LEU B 292 -25.30 -45.53 -16.89
CA LEU B 292 -24.25 -45.45 -15.87
C LEU B 292 -24.10 -46.80 -15.19
N THR B 293 -22.90 -47.37 -15.31
CA THR B 293 -22.63 -48.71 -14.82
C THR B 293 -21.29 -48.75 -14.10
N PHE B 294 -21.25 -49.45 -12.99
CA PHE B 294 -19.99 -49.68 -12.31
C PHE B 294 -19.32 -50.98 -12.73
N PRO B 295 -17.98 -50.98 -12.74
CA PRO B 295 -17.22 -51.96 -13.52
C PRO B 295 -17.30 -53.40 -13.07
N ASP B 296 -16.59 -54.24 -13.83
CA ASP B 296 -16.33 -55.63 -13.48
C ASP B 296 -15.46 -55.69 -12.23
N ASP B 297 -14.32 -55.00 -12.34
CA ASP B 297 -13.15 -55.26 -11.51
C ASP B 297 -13.47 -55.44 -10.05
N ASN B 298 -13.84 -54.33 -9.42
CA ASN B 298 -13.92 -54.28 -7.98
C ASN B 298 -15.30 -53.81 -7.60
N ASP B 299 -15.65 -54.04 -6.35
CA ASP B 299 -16.61 -53.19 -5.71
C ASP B 299 -15.72 -52.16 -5.05
N ILE B 300 -15.69 -50.96 -5.59
CA ILE B 300 -14.80 -49.95 -5.05
C ILE B 300 -15.54 -49.41 -3.85
N SER B 301 -14.92 -48.56 -3.04
CA SER B 301 -15.54 -48.25 -1.77
C SER B 301 -16.96 -47.78 -2.03
N LYS B 302 -17.90 -48.30 -1.27
CA LYS B 302 -19.30 -47.94 -1.49
C LYS B 302 -19.50 -46.45 -1.31
N GLU B 303 -18.66 -45.81 -0.50
CA GLU B 303 -18.76 -44.37 -0.29
C GLU B 303 -18.41 -43.66 -1.60
N ALA B 304 -17.41 -44.17 -2.29
CA ALA B 304 -17.02 -43.64 -3.58
C ALA B 304 -18.19 -43.78 -4.57
N LYS B 305 -18.66 -44.99 -4.76
CA LYS B 305 -19.78 -45.24 -5.65
C LYS B 305 -20.95 -44.36 -5.27
N ASN B 306 -21.10 -44.13 -3.98
CA ASN B 306 -22.22 -43.36 -3.49
C ASN B 306 -22.08 -41.88 -3.84
N LEU B 307 -20.86 -41.37 -3.77
CA LEU B 307 -20.62 -39.98 -4.07
C LEU B 307 -20.83 -39.76 -5.58
N ILE B 308 -20.21 -40.63 -6.38
CA ILE B 308 -20.34 -40.55 -7.83
C ILE B 308 -21.81 -40.51 -8.22
N CYS B 309 -22.60 -41.46 -7.73
CA CYS B 309 -24.01 -41.56 -8.09
C CYS B 309 -24.81 -40.38 -7.59
N ALA B 310 -24.31 -39.75 -6.53
CA ALA B 310 -24.98 -38.57 -5.99
C ALA B 310 -24.74 -37.36 -6.91
N PHE B 311 -23.61 -37.37 -7.60
CA PHE B 311 -23.31 -36.31 -8.55
C PHE B 311 -24.01 -36.57 -9.88
N LEU B 312 -23.98 -37.81 -10.36
CA LEU B 312 -24.56 -38.05 -11.68
C LEU B 312 -26.01 -38.44 -11.50
N THR B 313 -26.88 -37.45 -11.71
CA THR B 313 -28.27 -37.60 -11.37
C THR B 313 -28.91 -36.33 -11.84
N ASP B 314 -30.23 -36.33 -11.97
CA ASP B 314 -30.91 -35.14 -12.44
C ASP B 314 -30.65 -34.02 -11.44
N ARG B 315 -30.69 -32.78 -11.91
CA ARG B 315 -30.20 -31.65 -11.14
C ARG B 315 -31.03 -31.38 -9.90
N GLU B 316 -32.33 -31.66 -9.98
CA GLU B 316 -33.22 -31.39 -8.85
C GLU B 316 -32.84 -32.17 -7.60
N VAL B 317 -32.36 -33.39 -7.78
CA VAL B 317 -31.85 -34.21 -6.69
C VAL B 317 -30.32 -34.29 -6.54
N ARG B 318 -29.59 -33.57 -7.38
CA ARG B 318 -28.13 -33.68 -7.38
C ARG B 318 -27.47 -33.09 -6.13
N LEU B 319 -26.43 -33.76 -5.65
CA LEU B 319 -25.62 -33.29 -4.54
C LEU B 319 -24.95 -31.96 -4.87
N GLY B 320 -25.08 -31.00 -3.98
CA GLY B 320 -24.54 -29.67 -4.21
C GLY B 320 -25.61 -28.64 -4.51
N ARG B 321 -26.81 -29.11 -4.81
CA ARG B 321 -27.90 -28.19 -5.09
C ARG B 321 -28.23 -27.39 -3.84
N ASN B 322 -27.97 -27.97 -2.68
CA ASN B 322 -28.20 -27.30 -1.40
C ASN B 322 -26.97 -26.55 -0.91
N GLY B 323 -25.96 -26.46 -1.76
CA GLY B 323 -24.72 -25.78 -1.39
C GLY B 323 -23.59 -26.75 -1.14
N VAL B 324 -22.41 -26.21 -0.91
CA VAL B 324 -21.17 -26.98 -0.89
C VAL B 324 -20.97 -27.77 0.40
N GLU B 325 -21.60 -27.31 1.48
CA GLU B 325 -21.46 -27.98 2.76
C GLU B 325 -21.92 -29.42 2.69
N GLU B 326 -23.05 -29.65 2.04
CA GLU B 326 -23.56 -31.00 1.98
C GLU B 326 -22.59 -31.91 1.23
N ILE B 327 -21.75 -31.31 0.41
CA ILE B 327 -20.77 -32.10 -0.33
C ILE B 327 -19.62 -32.46 0.59
N LYS B 328 -19.15 -31.45 1.32
CA LYS B 328 -18.00 -31.62 2.20
C LYS B 328 -18.23 -32.65 3.31
N ARG B 329 -19.50 -32.84 3.67
CA ARG B 329 -19.88 -33.75 4.74
C ARG B 329 -19.99 -35.20 4.29
N HIS B 330 -19.95 -35.43 2.97
CA HIS B 330 -20.05 -36.77 2.46
C HIS B 330 -18.98 -37.68 3.05
N LEU B 331 -19.38 -38.88 3.45
CA LEU B 331 -18.50 -39.83 4.11
C LEU B 331 -17.26 -40.18 3.29
N PHE B 332 -17.34 -40.03 1.97
CA PHE B 332 -16.21 -40.36 1.10
C PHE B 332 -14.99 -39.50 1.42
N PHE B 333 -15.23 -38.33 1.98
CA PHE B 333 -14.13 -37.41 2.28
C PHE B 333 -13.44 -37.68 3.64
N LYS B 334 -14.07 -38.50 4.48
CA LYS B 334 -13.51 -38.84 5.79
C LYS B 334 -12.15 -39.52 5.66
N ASN B 335 -11.15 -38.94 6.34
CA ASN B 335 -9.80 -39.51 6.31
C ASN B 335 -8.87 -38.97 7.41
N ASP B 336 -7.67 -39.55 7.47
CA ASP B 336 -6.65 -39.23 8.49
C ASP B 336 -5.73 -38.05 8.21
N GLN B 337 -5.36 -37.89 6.94
CA GLN B 337 -4.24 -37.02 6.57
C GLN B 337 -4.58 -35.55 6.55
N TRP B 338 -5.82 -35.22 6.17
CA TRP B 338 -6.14 -33.81 6.00
C TRP B 338 -7.55 -33.48 6.46
N ALA B 339 -7.75 -32.19 6.70
CA ALA B 339 -9.07 -31.61 6.93
C ALA B 339 -9.33 -30.53 5.87
N TRP B 340 -10.60 -30.17 5.69
CA TRP B 340 -10.96 -29.21 4.66
C TRP B 340 -10.21 -27.89 4.74
N GLU B 341 -10.00 -27.37 5.95
CA GLU B 341 -9.35 -26.07 6.09
C GLU B 341 -7.83 -26.17 5.93
N THR B 342 -7.27 -27.35 6.19
CA THR B 342 -5.82 -27.55 6.08
C THR B 342 -5.37 -28.23 4.79
N LEU B 343 -6.32 -28.53 3.92
CA LEU B 343 -6.05 -29.36 2.74
C LEU B 343 -4.78 -28.96 1.98
N ARG B 344 -4.62 -27.67 1.72
CA ARG B 344 -3.49 -27.24 0.88
C ARG B 344 -2.15 -27.21 1.60
N ASP B 345 -2.17 -27.35 2.93
CA ASP B 345 -0.93 -27.46 3.69
C ASP B 345 -0.44 -28.93 3.81
N THR B 346 -1.30 -29.86 3.41
CA THR B 346 -0.97 -31.29 3.39
C THR B 346 0.14 -31.53 2.39
N VAL B 347 0.88 -32.62 2.54
CA VAL B 347 1.82 -33.05 1.51
C VAL B 347 1.03 -33.78 0.44
N ALA B 348 1.28 -33.42 -0.83
CA ALA B 348 0.48 -33.94 -1.93
C ALA B 348 0.94 -35.31 -2.39
N PRO B 349 0.01 -36.10 -2.96
CA PRO B 349 0.25 -37.47 -3.42
C PRO B 349 1.45 -37.55 -4.34
N VAL B 350 1.55 -36.62 -5.28
CA VAL B 350 2.66 -36.59 -6.22
C VAL B 350 3.29 -35.22 -6.19
N VAL B 351 4.52 -35.14 -5.69
CA VAL B 351 5.24 -33.88 -5.72
C VAL B 351 6.26 -33.97 -6.84
N PRO B 352 6.20 -33.03 -7.78
CA PRO B 352 7.01 -33.18 -8.98
C PRO B 352 8.52 -33.00 -8.74
N ASP B 353 9.31 -33.80 -9.44
CA ASP B 353 10.76 -33.67 -9.42
C ASP B 353 11.19 -32.82 -10.62
N LEU B 354 11.77 -31.65 -10.34
CA LEU B 354 12.04 -30.66 -11.38
C LEU B 354 13.53 -30.31 -11.44
N SER B 355 14.12 -30.50 -12.62
CA SER B 355 15.55 -30.27 -12.81
C SER B 355 15.89 -28.78 -12.86
N SER B 356 14.99 -28.00 -13.43
CA SER B 356 15.22 -26.58 -13.61
C SER B 356 13.91 -25.83 -13.47
N ASP B 357 13.99 -24.51 -13.30
CA ASP B 357 12.82 -23.66 -13.34
C ASP B 357 12.19 -23.68 -14.73
N ILE B 358 12.92 -24.23 -15.70
CA ILE B 358 12.47 -24.35 -17.08
C ILE B 358 11.90 -25.75 -17.43
N ASP B 359 11.85 -26.65 -16.44
CA ASP B 359 11.52 -28.04 -16.73
C ASP B 359 10.06 -28.17 -17.18
N THR B 360 9.88 -28.68 -18.39
CA THR B 360 8.57 -28.96 -19.00
C THR B 360 8.15 -30.43 -19.00
N SER B 361 8.91 -31.28 -18.32
CA SER B 361 8.71 -32.73 -18.43
C SER B 361 7.28 -33.21 -18.25
N ASN B 362 6.45 -32.45 -17.53
CA ASN B 362 5.06 -32.86 -17.34
C ASN B 362 4.11 -32.43 -18.45
N PHE B 363 4.66 -31.80 -19.49
CA PHE B 363 3.89 -31.35 -20.64
C PHE B 363 4.29 -32.00 -21.95
N ASP B 364 3.30 -32.42 -22.73
CA ASP B 364 3.57 -32.87 -24.09
C ASP B 364 4.18 -31.72 -24.86
N ASP B 365 5.29 -31.99 -25.55
CA ASP B 365 6.01 -30.96 -26.28
C ASP B 365 5.36 -30.61 -27.62
N LEU B 366 5.40 -29.33 -27.96
CA LEU B 366 4.84 -28.85 -29.21
C LEU B 366 5.89 -28.01 -29.92
N GLU B 367 5.90 -28.07 -31.24
CA GLU B 367 7.01 -27.55 -32.02
C GLU B 367 7.02 -26.03 -32.08
N GLU B 368 6.08 -25.49 -32.84
CA GLU B 368 5.94 -24.06 -32.99
C GLU B 368 4.90 -23.85 -34.08
N ASP B 369 4.32 -22.66 -34.14
CA ASP B 369 3.31 -22.38 -35.16
C ASP B 369 3.92 -22.43 -36.55
N LYS B 370 4.91 -21.58 -36.81
CA LYS B 370 5.61 -21.57 -38.09
C LYS B 370 4.70 -21.26 -39.28
N GLY B 371 3.40 -21.18 -39.02
CA GLY B 371 2.44 -20.72 -40.01
C GLY B 371 2.62 -19.23 -40.17
N GLU B 372 1.81 -18.60 -41.02
CA GLU B 372 2.00 -17.17 -41.28
C GLU B 372 0.85 -16.24 -40.89
N GLU B 373 1.24 -15.02 -40.53
CA GLU B 373 0.29 -14.02 -40.05
C GLU B 373 -0.61 -13.51 -41.17
N GLU B 374 -1.91 -13.67 -40.99
CA GLU B 374 -2.88 -13.09 -41.89
C GLU B 374 -3.24 -11.68 -41.45
N THR B 375 -3.47 -10.82 -42.42
CA THR B 375 -3.84 -9.43 -42.15
C THR B 375 -5.21 -9.14 -42.76
N PHE B 376 -5.93 -8.19 -42.16
CA PHE B 376 -7.21 -7.73 -42.70
C PHE B 376 -7.00 -6.93 -43.98
N PRO B 377 -8.02 -6.88 -44.83
CA PRO B 377 -7.98 -5.89 -45.92
C PRO B 377 -7.81 -4.48 -45.37
N ILE B 378 -7.10 -3.63 -46.11
CA ILE B 378 -6.85 -2.26 -45.70
C ILE B 378 -8.13 -1.43 -45.65
N PRO B 379 -8.43 -0.85 -44.48
CA PRO B 379 -9.60 0.03 -44.32
C PRO B 379 -9.67 1.12 -45.39
N LYS B 380 -10.85 1.30 -45.98
CA LYS B 380 -11.11 2.44 -46.86
C LYS B 380 -11.80 3.55 -46.09
N ALA B 381 -12.27 3.19 -44.90
CA ALA B 381 -12.94 4.07 -43.97
C ALA B 381 -12.75 3.40 -42.62
N PHE B 382 -12.97 4.13 -41.54
CA PHE B 382 -12.81 3.57 -40.20
C PHE B 382 -13.63 2.30 -40.02
N VAL B 383 -12.94 1.25 -39.62
CA VAL B 383 -13.46 -0.10 -39.42
C VAL B 383 -13.48 -0.44 -37.90
N GLY B 384 -12.35 -0.23 -37.23
CA GLY B 384 -12.26 -0.39 -35.79
C GLY B 384 -12.13 -1.84 -35.32
N ASN B 385 -11.33 -2.62 -36.04
CA ASN B 385 -11.06 -3.97 -35.61
C ASN B 385 -10.32 -4.08 -34.26
N GLN B 386 -9.74 -2.98 -33.78
CA GLN B 386 -9.13 -2.99 -32.46
C GLN B 386 -10.12 -2.67 -31.32
N LEU B 387 -11.28 -2.16 -31.68
CA LEU B 387 -12.23 -1.72 -30.66
C LEU B 387 -12.67 -2.80 -29.65
N PRO B 388 -12.86 -4.04 -30.12
CA PRO B 388 -13.31 -5.06 -29.15
C PRO B 388 -12.24 -5.36 -28.10
N PHE B 389 -11.00 -4.97 -28.36
CA PHE B 389 -9.92 -5.30 -27.46
C PHE B 389 -9.51 -4.18 -26.51
N VAL B 390 -10.13 -3.02 -26.63
CA VAL B 390 -9.81 -1.92 -25.77
C VAL B 390 -10.16 -2.21 -24.30
N GLY B 391 -9.22 -2.00 -23.40
CA GLY B 391 -9.48 -2.27 -22.00
C GLY B 391 -8.90 -3.60 -21.51
N PHE B 392 -8.23 -4.33 -22.38
CA PHE B 392 -7.71 -5.64 -22.00
C PHE B 392 -6.46 -5.55 -21.11
N THR B 393 -5.69 -4.50 -21.29
CA THR B 393 -4.42 -4.39 -20.62
C THR B 393 -4.63 -4.45 -19.10
N TYR B 394 -3.75 -5.17 -18.41
CA TYR B 394 -3.81 -5.20 -16.94
C TYR B 394 -2.45 -5.47 -16.34
N TYR B 395 -2.13 -4.77 -15.25
CA TYR B 395 -0.86 -4.92 -14.54
C TYR B 395 -1.09 -5.13 -13.05
N SER B 396 -0.64 -6.26 -12.51
CA SER B 396 -0.80 -6.47 -11.08
C SER B 396 0.29 -5.68 -10.36
N ASN B 397 -0.14 -4.76 -9.49
CA ASN B 397 0.73 -3.65 -9.12
C ASN B 397 1.27 -3.65 -7.69
N GLU C 3 1.52 -24.60 35.63
CA GLU C 3 2.28 -25.84 35.63
C GLU C 3 3.60 -25.72 34.86
N THR C 4 4.04 -26.83 34.27
CA THR C 4 5.21 -26.84 33.41
C THR C 4 5.08 -25.84 32.27
N ARG C 5 3.86 -25.67 31.77
CA ARG C 5 3.62 -24.78 30.63
C ARG C 5 4.04 -23.36 30.94
N PHE C 6 3.58 -22.82 32.07
CA PHE C 6 3.96 -21.48 32.49
C PHE C 6 5.46 -21.41 32.82
N GLU C 7 6.02 -22.55 33.20
CA GLU C 7 7.44 -22.61 33.59
C GLU C 7 8.39 -22.63 32.39
N LYS C 8 8.01 -23.33 31.33
CA LYS C 8 8.82 -23.33 30.12
C LYS C 8 8.79 -21.95 29.48
N MET C 9 7.59 -21.36 29.43
CA MET C 9 7.43 -20.01 28.89
C MET C 9 8.40 -19.05 29.56
N ASP C 10 8.47 -19.16 30.89
CA ASP C 10 9.38 -18.38 31.71
C ASP C 10 10.84 -18.56 31.28
N ASN C 11 11.20 -19.79 30.93
CA ASN C 11 12.56 -20.08 30.50
C ASN C 11 12.85 -19.49 29.13
N LEU C 12 11.89 -19.66 28.21
CA LEU C 12 12.03 -19.11 26.86
C LEU C 12 12.22 -17.60 26.93
N LEU C 13 11.63 -16.97 27.93
CA LEU C 13 11.68 -15.53 28.05
C LEU C 13 13.02 -15.02 28.58
N ARG C 14 13.65 -15.83 29.44
CA ARG C 14 14.96 -15.49 30.00
C ARG C 14 16.17 -15.86 29.13
N ASP C 15 16.11 -17.01 28.48
CA ASP C 15 17.29 -17.56 27.80
C ASP C 15 17.94 -16.57 26.84
N PRO C 16 19.23 -16.25 27.05
CA PRO C 16 19.97 -15.35 26.16
C PRO C 16 20.09 -15.92 24.76
N LYS C 17 19.94 -17.24 24.61
CA LYS C 17 19.93 -17.87 23.29
C LYS C 17 18.53 -18.14 22.72
N SER C 18 17.49 -17.83 23.50
CA SER C 18 16.11 -18.01 23.00
C SER C 18 15.73 -16.93 22.00
N GLU C 19 14.89 -17.28 21.04
CA GLU C 19 14.42 -16.33 20.04
C GLU C 19 13.16 -15.58 20.47
N VAL C 20 12.50 -16.08 21.50
CA VAL C 20 11.43 -15.33 22.18
C VAL C 20 11.84 -14.60 23.45
N ASN C 21 13.14 -14.51 23.72
CA ASN C 21 13.53 -13.79 24.94
C ASN C 21 13.13 -12.32 24.86
N SER C 22 13.09 -11.68 26.03
CA SER C 22 12.66 -10.29 26.18
C SER C 22 13.26 -9.33 25.17
N ASP C 23 14.55 -9.49 24.87
CA ASP C 23 15.22 -8.65 23.89
C ASP C 23 14.63 -8.80 22.49
N CYS C 24 14.35 -10.04 22.08
CA CYS C 24 13.79 -10.28 20.76
C CYS C 24 12.37 -9.76 20.68
N LEU C 25 11.63 -9.94 21.76
CA LEU C 25 10.25 -9.49 21.78
C LEU C 25 10.18 -7.96 21.65
N LEU C 26 11.08 -7.24 22.33
CA LEU C 26 11.13 -5.79 22.21
C LEU C 26 11.61 -5.36 20.82
N ASP C 27 12.58 -6.08 20.27
CA ASP C 27 13.08 -5.83 18.91
C ASP C 27 11.91 -5.97 17.94
N GLY C 28 11.09 -7.01 18.14
CA GLY C 28 9.91 -7.23 17.33
C GLY C 28 8.99 -6.01 17.22
N LEU C 29 8.63 -5.45 18.37
CA LEU C 29 7.70 -4.34 18.40
C LEU C 29 8.32 -3.09 17.80
N ASP C 30 9.59 -2.88 18.11
CA ASP C 30 10.32 -1.70 17.67
C ASP C 30 10.48 -1.73 16.14
N ALA C 31 10.71 -2.93 15.61
CA ALA C 31 10.90 -3.12 14.18
C ALA C 31 9.59 -2.86 13.43
N LEU C 32 8.51 -3.39 14.00
CA LEU C 32 7.18 -3.20 13.47
C LEU C 32 6.83 -1.72 13.38
N VAL C 33 7.06 -0.99 14.47
CA VAL C 33 6.72 0.43 14.49
C VAL C 33 7.52 1.24 13.44
N TYR C 34 8.84 1.02 13.37
CA TYR C 34 9.67 1.63 12.34
C TYR C 34 9.09 1.34 10.93
N ASP C 35 8.77 0.08 10.67
CA ASP C 35 8.33 -0.32 9.32
C ASP C 35 6.92 0.10 8.97
N LEU C 36 6.10 0.37 9.98
CA LEU C 36 4.76 0.84 9.72
C LEU C 36 4.61 2.34 9.65
N ASP C 37 5.57 3.11 10.15
CA ASP C 37 5.18 4.49 10.37
C ASP C 37 5.64 5.33 9.22
N PHE C 38 4.71 5.48 8.26
CA PHE C 38 4.86 6.24 7.02
C PHE C 38 3.47 6.70 6.61
N PRO C 39 3.34 7.85 5.95
CA PRO C 39 2.00 8.39 5.64
C PRO C 39 1.19 7.47 4.71
N ALA C 40 1.86 6.85 3.75
CA ALA C 40 1.16 5.96 2.85
C ALA C 40 0.56 4.76 3.58
N LEU C 41 1.30 4.24 4.56
CA LEU C 41 0.85 3.07 5.32
C LEU C 41 -0.23 3.46 6.32
N ARG C 42 -0.16 4.69 6.79
CA ARG C 42 -1.15 5.20 7.74
C ARG C 42 -2.52 5.45 7.11
N LYS C 43 -2.64 5.34 5.80
CA LYS C 43 -3.95 5.32 5.17
C LYS C 43 -4.75 4.13 5.67
N ASN C 44 -4.06 3.03 5.94
CA ASN C 44 -4.70 1.87 6.55
C ASN C 44 -5.00 2.18 8.02
N LYS C 45 -6.25 2.04 8.44
CA LYS C 45 -6.65 2.46 9.78
C LYS C 45 -6.21 1.46 10.87
N ASN C 46 -6.05 0.19 10.53
CA ASN C 46 -5.45 -0.78 11.43
C ASN C 46 -4.09 -0.28 11.83
N ILE C 47 -3.34 0.15 10.82
CA ILE C 47 -1.97 0.59 11.01
C ILE C 47 -1.94 1.90 11.76
N ASP C 48 -2.80 2.82 11.36
CA ASP C 48 -2.86 4.16 11.94
C ASP C 48 -3.22 4.12 13.41
N ASN C 49 -4.19 3.28 13.76
CA ASN C 49 -4.67 3.16 15.13
C ASN C 49 -3.69 2.42 16.03
N PHE C 50 -2.93 1.51 15.45
CA PHE C 50 -1.97 0.73 16.21
C PHE C 50 -0.84 1.66 16.63
N LEU C 51 -0.43 2.52 15.71
CA LEU C 51 0.66 3.44 15.98
C LEU C 51 0.29 4.52 16.98
N SER C 52 -0.93 5.04 16.91
CA SER C 52 -1.37 6.06 17.85
C SER C 52 -1.41 5.45 19.24
N ARG C 53 -1.92 4.24 19.30
CA ARG C 53 -2.02 3.49 20.54
C ARG C 53 -0.65 3.21 21.22
N TYR C 54 0.37 2.89 20.43
CA TYR C 54 1.68 2.53 20.95
C TYR C 54 2.73 3.63 20.92
N LYS C 55 2.34 4.82 20.48
CA LYS C 55 3.31 5.89 20.25
C LYS C 55 4.12 6.20 21.51
N ASP C 56 3.43 6.46 22.60
CA ASP C 56 4.07 6.81 23.86
C ASP C 56 4.96 5.71 24.40
N THR C 57 4.46 4.47 24.40
CA THR C 57 5.22 3.37 24.98
C THR C 57 6.49 3.11 24.15
N ILE C 58 6.35 3.21 22.83
CA ILE C 58 7.50 2.99 21.95
C ILE C 58 8.60 4.03 22.18
N ASN C 59 8.20 5.29 22.31
CA ASN C 59 9.14 6.36 22.65
C ASN C 59 9.84 6.08 23.98
N LYS C 60 9.06 5.66 24.95
CA LYS C 60 9.57 5.35 26.28
C LYS C 60 10.62 4.27 26.17
N ILE C 61 10.25 3.19 25.52
CA ILE C 61 11.10 2.02 25.42
C ILE C 61 12.41 2.26 24.67
N ARG C 62 12.36 3.06 23.60
CA ARG C 62 13.57 3.38 22.86
C ARG C 62 14.55 4.14 23.77
N ASP C 63 13.99 4.96 24.66
CA ASP C 63 14.83 5.70 25.59
C ASP C 63 15.39 4.84 26.72
N LEU C 64 14.61 3.89 27.21
CA LEU C 64 15.05 3.13 28.36
C LEU C 64 16.12 2.09 28.00
N ARG C 65 16.03 1.54 26.80
CA ARG C 65 16.97 0.52 26.39
C ARG C 65 18.30 1.14 26.00
N MET C 66 19.34 0.32 26.00
CA MET C 66 20.66 0.78 25.56
C MET C 66 20.59 1.38 24.17
N LYS C 67 21.26 2.52 23.97
CA LYS C 67 21.17 3.26 22.73
C LYS C 67 22.47 4.02 22.49
N ALA C 68 22.63 4.53 21.27
CA ALA C 68 23.88 5.15 20.83
C ALA C 68 24.29 6.38 21.66
N GLU C 69 23.31 7.17 22.07
CA GLU C 69 23.56 8.40 22.82
C GLU C 69 24.09 8.10 24.21
N ASP C 70 24.02 6.84 24.63
CA ASP C 70 24.56 6.43 25.92
C ASP C 70 26.10 6.44 25.92
N TYR C 71 26.70 6.38 24.72
CA TYR C 71 28.15 6.35 24.59
C TYR C 71 28.68 7.62 23.95
N GLU C 72 29.82 8.06 24.43
CA GLU C 72 30.53 9.17 23.82
C GLU C 72 31.57 8.64 22.84
N VAL C 73 31.66 9.24 21.66
CA VAL C 73 32.62 8.80 20.65
C VAL C 73 33.95 9.51 20.84
N VAL C 74 34.98 8.74 21.16
CA VAL C 74 36.33 9.28 21.34
C VAL C 74 37.04 9.44 20.00
N LYS C 75 36.89 8.43 19.14
CA LYS C 75 37.50 8.48 17.81
C LYS C 75 37.15 7.27 16.96
N VAL C 76 37.30 7.42 15.65
CA VAL C 76 37.05 6.35 14.71
C VAL C 76 38.34 5.59 14.44
N ILE C 77 38.39 4.33 14.86
CA ILE C 77 39.60 3.53 14.74
C ILE C 77 39.61 2.52 13.59
N GLY C 78 38.50 2.44 12.86
CA GLY C 78 38.41 1.54 11.70
C GLY C 78 37.21 1.78 10.80
N ARG C 79 37.34 1.40 9.53
CA ARG C 79 36.27 1.49 8.53
C ARG C 79 36.20 0.24 7.64
N GLY C 80 35.03 -0.37 7.56
CA GLY C 80 34.82 -1.57 6.75
C GLY C 80 33.88 -1.51 5.54
N ALA C 81 33.41 -0.31 5.19
CA ALA C 81 32.50 -0.14 4.05
C ALA C 81 31.10 -0.72 4.27
N PHE C 82 30.97 -1.58 5.27
CA PHE C 82 29.67 -1.86 5.86
C PHE C 82 29.50 -1.04 7.14
N GLY C 83 30.53 -0.27 7.46
CA GLY C 83 30.48 0.58 8.64
C GLY C 83 31.84 0.94 9.19
N GLU C 84 31.89 1.24 10.48
CA GLU C 84 33.13 1.68 11.11
C GLU C 84 33.23 1.14 12.51
N VAL C 85 34.40 1.26 13.10
CA VAL C 85 34.58 0.93 14.49
C VAL C 85 35.02 2.19 15.23
N GLN C 86 34.40 2.45 16.38
CA GLN C 86 34.70 3.66 17.15
C GLN C 86 35.18 3.31 18.54
N LEU C 87 36.20 4.02 19.01
CA LEU C 87 36.52 4.00 20.44
C LEU C 87 35.48 4.88 21.12
N VAL C 88 34.85 4.36 22.16
CA VAL C 88 33.79 5.10 22.84
C VAL C 88 33.93 4.96 24.34
N ARG C 89 33.32 5.90 25.07
CA ARG C 89 33.25 5.79 26.51
C ARG C 89 31.80 5.87 26.94
N HIS C 90 31.36 4.92 27.74
CA HIS C 90 30.03 5.01 28.28
C HIS C 90 29.94 6.27 29.14
N LYS C 91 28.99 7.13 28.82
CA LYS C 91 28.88 8.44 29.46
C LYS C 91 28.69 8.36 30.97
N SER C 92 28.10 7.27 31.44
CA SER C 92 27.87 7.08 32.86
C SER C 92 28.95 6.22 33.55
N THR C 93 29.14 4.97 33.12
CA THR C 93 30.10 4.11 33.81
C THR C 93 31.53 4.58 33.61
N ARG C 94 31.78 5.34 32.55
CA ARG C 94 33.12 5.79 32.17
C ARG C 94 34.00 4.70 31.52
N LYS C 95 33.45 3.49 31.42
CA LYS C 95 34.17 2.40 30.79
C LYS C 95 34.38 2.59 29.27
N VAL C 96 35.55 2.23 28.78
CA VAL C 96 35.82 2.37 27.34
C VAL C 96 35.70 1.05 26.57
N TYR C 97 35.24 1.15 25.32
CA TYR C 97 34.98 -0.04 24.54
C TYR C 97 35.26 0.26 23.11
N ALA C 98 35.40 -0.78 22.30
CA ALA C 98 35.38 -0.60 20.85
C ALA C 98 33.95 -0.84 20.38
N MET C 99 33.44 0.02 19.54
CA MET C 99 32.07 -0.15 19.08
C MET C 99 31.97 -0.19 17.57
N LYS C 100 31.46 -1.31 17.08
CA LYS C 100 31.25 -1.47 15.66
C LYS C 100 29.83 -1.09 15.28
N LEU C 101 29.74 -0.28 14.22
CA LEU C 101 28.48 0.11 13.59
C LEU C 101 28.32 -0.58 12.24
N LEU C 102 27.19 -1.25 12.03
CA LEU C 102 26.91 -1.88 10.77
C LEU C 102 25.68 -1.24 10.14
N SER C 103 25.86 -0.71 8.93
CA SER C 103 24.81 -0.02 8.20
C SER C 103 23.73 -1.01 7.76
N LYS C 104 22.48 -0.76 8.17
CA LYS C 104 21.35 -1.57 7.74
C LYS C 104 21.09 -1.34 6.23
N PHE C 105 21.13 -0.09 5.81
CA PHE C 105 20.97 0.25 4.41
C PHE C 105 21.93 -0.51 3.52
N GLU C 106 23.22 -0.46 3.83
CA GLU C 106 24.22 -1.16 3.03
C GLU C 106 24.00 -2.66 2.99
N MET C 107 23.72 -3.25 4.14
CA MET C 107 23.50 -4.69 4.21
C MET C 107 22.24 -5.12 3.46
N ILE C 108 21.23 -4.26 3.41
CA ILE C 108 20.04 -4.57 2.61
C ILE C 108 20.38 -4.40 1.12
N LYS C 109 20.92 -3.23 0.78
CA LYS C 109 21.26 -2.90 -0.60
C LYS C 109 22.25 -3.88 -1.24
N ARG C 110 23.27 -4.27 -0.49
CA ARG C 110 24.30 -5.15 -1.02
C ARG C 110 23.88 -6.59 -0.81
N SER C 111 22.64 -6.77 -0.36
CA SER C 111 22.10 -8.10 -0.11
C SER C 111 22.57 -8.65 1.23
N ASP C 112 23.69 -9.36 1.21
CA ASP C 112 24.25 -9.96 2.42
C ASP C 112 23.72 -9.29 3.69
N SER C 113 22.70 -9.91 4.29
CA SER C 113 22.13 -9.40 5.54
C SER C 113 22.26 -10.37 6.73
N ALA C 114 22.88 -11.54 6.53
CA ALA C 114 22.97 -12.54 7.62
C ALA C 114 24.28 -12.78 8.39
N PHE C 115 25.38 -12.13 7.99
CA PHE C 115 26.71 -12.51 8.49
C PHE C 115 26.92 -12.08 9.96
N PHE C 116 26.19 -11.07 10.39
CA PHE C 116 26.41 -10.49 11.71
C PHE C 116 25.93 -11.43 12.80
N TRP C 117 25.10 -12.40 12.46
CA TRP C 117 24.57 -13.29 13.48
C TRP C 117 25.68 -14.11 14.13
N GLU C 118 26.53 -14.72 13.30
CA GLU C 118 27.59 -15.57 13.81
C GLU C 118 28.74 -14.74 14.39
N GLU C 119 28.97 -13.57 13.81
CA GLU C 119 29.92 -12.64 14.37
C GLU C 119 29.51 -12.31 15.81
N ARG C 120 28.25 -11.95 16.01
CA ARG C 120 27.75 -11.62 17.34
C ARG C 120 27.86 -12.81 18.27
N ASP C 121 27.42 -13.96 17.81
CA ASP C 121 27.46 -15.16 18.64
C ASP C 121 28.87 -15.55 19.04
N ILE C 122 29.80 -15.52 18.09
CA ILE C 122 31.16 -15.91 18.39
C ILE C 122 31.72 -15.02 19.49
N MET C 123 31.55 -13.71 19.32
CA MET C 123 32.11 -12.79 20.30
C MET C 123 31.40 -12.85 21.65
N ALA C 124 30.11 -13.18 21.64
CA ALA C 124 29.35 -13.16 22.87
C ALA C 124 29.63 -14.41 23.69
N PHE C 125 29.61 -15.57 23.03
CA PHE C 125 29.71 -16.86 23.71
C PHE C 125 31.04 -17.61 23.65
N ALA C 126 32.02 -17.13 22.90
CA ALA C 126 33.30 -17.85 22.80
C ALA C 126 33.92 -18.10 24.17
N ASN C 127 33.87 -17.08 25.02
CA ASN C 127 34.48 -17.19 26.34
C ASN C 127 35.91 -17.72 26.24
N SER C 128 36.72 -17.08 25.41
CA SER C 128 38.05 -17.55 25.11
C SER C 128 38.99 -16.37 25.22
N PRO C 129 40.19 -16.59 25.77
CA PRO C 129 41.21 -15.53 25.78
C PRO C 129 41.69 -15.17 24.37
N TRP C 130 41.41 -16.01 23.38
CA TRP C 130 41.85 -15.74 22.00
C TRP C 130 40.83 -14.94 21.16
N VAL C 131 39.67 -14.63 21.72
CA VAL C 131 38.60 -13.96 20.97
C VAL C 131 38.12 -12.66 21.63
N VAL C 132 38.09 -11.57 20.87
CA VAL C 132 37.55 -10.34 21.43
C VAL C 132 36.12 -10.56 21.94
N GLN C 133 35.88 -10.22 23.20
CA GLN C 133 34.57 -10.45 23.79
C GLN C 133 33.58 -9.35 23.42
N LEU C 134 32.32 -9.72 23.25
CA LEU C 134 31.25 -8.74 23.04
C LEU C 134 30.42 -8.60 24.32
N PHE C 135 30.28 -7.36 24.79
CA PHE C 135 29.45 -7.10 25.96
C PHE C 135 27.97 -6.83 25.65
N TYR C 136 27.71 -6.04 24.61
CA TYR C 136 26.35 -5.66 24.27
C TYR C 136 26.18 -5.53 22.76
N ALA C 137 24.98 -5.81 22.29
CA ALA C 137 24.59 -5.52 20.92
C ALA C 137 23.25 -4.85 21.00
N PHE C 138 23.06 -3.82 20.20
CA PHE C 138 21.78 -3.16 20.16
C PHE C 138 21.63 -2.50 18.81
N GLN C 139 20.54 -1.78 18.61
CA GLN C 139 20.29 -1.24 17.29
C GLN C 139 19.32 -0.07 17.31
N ASP C 140 19.38 0.75 16.27
CA ASP C 140 18.30 1.68 15.98
C ASP C 140 17.89 1.45 14.53
N ASP C 141 17.05 2.32 13.99
CA ASP C 141 16.55 2.11 12.63
C ASP C 141 17.67 2.11 11.59
N ARG C 142 18.74 2.86 11.87
CA ARG C 142 19.90 2.96 10.97
C ARG C 142 21.02 1.88 11.07
N TYR C 143 21.38 1.50 12.29
CA TYR C 143 22.59 0.70 12.49
C TYR C 143 22.41 -0.44 13.45
N LEU C 144 23.29 -1.43 13.33
CA LEU C 144 23.52 -2.41 14.36
C LEU C 144 24.77 -1.95 15.08
N TYR C 145 24.84 -2.24 16.38
CA TYR C 145 25.94 -1.82 17.23
C TYR C 145 26.46 -3.03 18.01
N MET C 146 27.76 -3.19 18.02
CA MET C 146 28.37 -4.23 18.82
C MET C 146 29.42 -3.57 19.72
N VAL C 147 29.25 -3.74 21.02
CA VAL C 147 30.13 -3.14 22.00
C VAL C 147 31.09 -4.20 22.54
N MET C 148 32.35 -4.05 22.16
CA MET C 148 33.38 -5.07 22.35
C MET C 148 34.47 -4.50 23.23
N GLU C 149 35.27 -5.39 23.83
CA GLU C 149 36.43 -4.94 24.56
C GLU C 149 37.37 -4.19 23.63
N TYR C 150 37.99 -3.16 24.17
CA TYR C 150 38.94 -2.37 23.40
C TYR C 150 40.31 -3.04 23.50
N MET C 151 41.03 -3.05 22.37
CA MET C 151 42.34 -3.71 22.32
C MET C 151 43.37 -2.65 21.99
N PRO C 152 43.88 -1.99 23.04
CA PRO C 152 44.69 -0.77 22.87
C PRO C 152 46.07 -1.00 22.23
N GLY C 153 46.53 -2.24 22.21
CA GLY C 153 47.75 -2.59 21.50
C GLY C 153 47.70 -2.43 20.00
N GLY C 154 46.51 -2.36 19.42
CA GLY C 154 46.40 -2.23 17.96
C GLY C 154 46.62 -3.54 17.24
N ASP C 155 46.72 -3.49 15.91
CA ASP C 155 46.79 -4.75 15.16
C ASP C 155 48.19 -5.08 14.68
N LEU C 156 48.34 -6.25 14.08
CA LEU C 156 49.64 -6.68 13.58
C LEU C 156 50.17 -5.81 12.44
N VAL C 157 49.27 -5.18 11.69
CA VAL C 157 49.71 -4.27 10.63
C VAL C 157 50.47 -3.10 11.23
N ASN C 158 49.96 -2.56 12.32
CA ASN C 158 50.59 -1.42 12.94
C ASN C 158 51.92 -1.85 13.55
N LEU C 159 51.96 -3.05 14.13
CA LEU C 159 53.19 -3.54 14.70
C LEU C 159 54.27 -3.73 13.61
N MET C 160 53.87 -4.28 12.45
CA MET C 160 54.83 -4.49 11.36
C MET C 160 55.33 -3.18 10.76
N SER C 161 54.48 -2.16 10.73
CA SER C 161 54.89 -0.86 10.19
C SER C 161 55.94 -0.22 11.08
N ASN C 162 55.88 -0.48 12.38
CA ASN C 162 56.82 0.10 13.34
C ASN C 162 58.09 -0.71 13.68
N TYR C 163 58.12 -1.99 13.32
CA TYR C 163 59.25 -2.84 13.63
C TYR C 163 59.57 -3.83 12.52
N ASP C 164 60.85 -4.13 12.36
CA ASP C 164 61.27 -5.35 11.68
C ASP C 164 61.07 -6.49 12.67
N VAL C 165 60.34 -7.51 12.24
CA VAL C 165 59.93 -8.58 13.13
C VAL C 165 60.92 -9.75 13.12
N PRO C 166 61.67 -9.93 14.22
CA PRO C 166 62.63 -11.03 14.28
C PRO C 166 61.89 -12.35 14.18
N GLU C 167 62.59 -13.40 13.77
CA GLU C 167 61.99 -14.73 13.79
C GLU C 167 61.42 -15.11 15.14
N LYS C 168 62.04 -14.60 16.20
CA LYS C 168 61.59 -14.90 17.56
C LYS C 168 60.19 -14.34 17.85
N TRP C 169 59.93 -13.13 17.37
CA TRP C 169 58.57 -12.56 17.50
C TRP C 169 57.62 -13.25 16.54
N ALA C 170 58.09 -13.55 15.33
CA ALA C 170 57.20 -14.13 14.33
C ALA C 170 56.72 -15.48 14.83
N ARG C 171 57.59 -16.18 15.56
CA ARG C 171 57.26 -17.48 16.10
C ARG C 171 56.16 -17.33 17.17
N PHE C 172 56.34 -16.37 18.06
CA PHE C 172 55.33 -16.05 19.07
C PHE C 172 53.95 -15.70 18.45
N TYR C 173 53.90 -14.72 17.57
CA TYR C 173 52.62 -14.30 16.98
C TYR C 173 51.97 -15.38 16.15
N THR C 174 52.77 -16.12 15.39
CA THR C 174 52.23 -17.24 14.62
C THR C 174 51.64 -18.28 15.57
N ALA C 175 52.36 -18.58 16.65
CA ALA C 175 51.86 -19.57 17.60
C ALA C 175 50.53 -19.12 18.23
N GLU C 176 50.40 -17.83 18.56
CA GLU C 176 49.15 -17.34 19.14
C GLU C 176 48.01 -17.40 18.13
N VAL C 177 48.32 -17.06 16.88
CA VAL C 177 47.34 -17.17 15.81
C VAL C 177 46.82 -18.59 15.67
N VAL C 178 47.75 -19.55 15.73
CA VAL C 178 47.38 -20.95 15.58
C VAL C 178 46.43 -21.38 16.69
N LEU C 179 46.77 -20.99 17.92
CA LEU C 179 45.94 -21.33 19.06
C LEU C 179 44.58 -20.63 18.96
N ALA C 180 44.58 -19.40 18.47
CA ALA C 180 43.32 -18.66 18.32
C ALA C 180 42.42 -19.29 17.25
N LEU C 181 43.00 -19.58 16.08
CA LEU C 181 42.24 -20.21 15.00
C LEU C 181 41.71 -21.58 15.43
N ASP C 182 42.52 -22.35 16.14
CA ASP C 182 42.03 -23.64 16.60
C ASP C 182 40.85 -23.55 17.56
N ALA C 183 40.80 -22.47 18.34
CA ALA C 183 39.70 -22.28 19.27
C ALA C 183 38.44 -22.01 18.45
N ILE C 184 38.60 -21.20 17.40
CA ILE C 184 37.48 -20.92 16.48
C ILE C 184 36.99 -22.15 15.71
N HIS C 185 37.94 -22.97 15.24
CA HIS C 185 37.57 -24.22 14.56
C HIS C 185 36.81 -25.16 15.49
N SER C 186 37.26 -25.23 16.75
CA SER C 186 36.61 -26.08 17.77
C SER C 186 35.18 -25.64 18.04
N MET C 187 34.92 -24.35 17.89
CA MET C 187 33.57 -23.86 18.01
C MET C 187 32.74 -24.23 16.80
N GLY C 188 33.39 -24.71 15.74
CA GLY C 188 32.68 -25.12 14.53
C GLY C 188 32.71 -24.17 13.35
N PHE C 189 33.62 -23.19 13.37
CA PHE C 189 33.68 -22.19 12.30
C PHE C 189 35.00 -22.11 11.55
N ILE C 190 34.91 -21.75 10.28
CA ILE C 190 36.05 -21.36 9.50
C ILE C 190 36.03 -19.83 9.48
N HIS C 191 37.13 -19.21 9.81
CA HIS C 191 37.20 -17.75 9.85
C HIS C 191 37.10 -17.11 8.46
N ARG C 192 37.98 -17.58 7.57
CA ARG C 192 37.99 -17.17 6.17
C ARG C 192 38.54 -15.77 5.89
N ASP C 193 38.78 -14.93 6.89
CA ASP C 193 39.47 -13.69 6.55
C ASP C 193 40.54 -13.43 7.58
N VAL C 194 41.64 -14.15 7.47
CA VAL C 194 42.61 -14.14 8.54
C VAL C 194 43.70 -13.27 7.99
N LYS C 195 44.14 -12.30 8.75
CA LYS C 195 45.11 -11.34 8.23
C LYS C 195 45.54 -10.45 9.38
N PRO C 196 46.71 -9.83 9.25
CA PRO C 196 47.27 -8.99 10.33
C PRO C 196 46.28 -7.92 10.77
N ASP C 197 45.43 -7.44 9.87
CA ASP C 197 44.50 -6.37 10.22
C ASP C 197 43.49 -6.84 11.25
N ASN C 198 43.24 -8.16 11.27
CA ASN C 198 42.28 -8.77 12.19
C ASN C 198 42.92 -9.38 13.45
N MET C 199 44.21 -9.18 13.61
CA MET C 199 44.89 -9.67 14.79
C MET C 199 45.19 -8.47 15.71
N LEU C 200 44.59 -8.47 16.89
CA LEU C 200 44.70 -7.33 17.80
C LEU C 200 45.46 -7.70 19.05
N LEU C 201 46.14 -6.73 19.63
CA LEU C 201 46.89 -6.94 20.85
C LEU C 201 46.23 -6.27 22.05
N ASP C 202 46.09 -7.01 23.13
CA ASP C 202 45.58 -6.45 24.38
C ASP C 202 46.66 -5.61 25.10
N LYS C 203 46.33 -5.11 26.28
CA LYS C 203 47.23 -4.22 27.00
C LYS C 203 48.55 -4.90 27.39
N SER C 204 48.54 -6.21 27.56
CA SER C 204 49.77 -6.94 27.82
C SER C 204 50.48 -7.40 26.54
N GLY C 205 49.91 -7.07 25.37
CA GLY C 205 50.55 -7.41 24.10
C GLY C 205 50.29 -8.84 23.62
N HIS C 206 49.35 -9.53 24.25
CA HIS C 206 48.84 -10.80 23.74
C HIS C 206 47.74 -10.67 22.67
N LEU C 207 47.61 -11.70 21.84
CA LEU C 207 46.80 -11.62 20.61
C LEU C 207 45.37 -12.10 20.79
N LYS C 208 44.45 -11.43 20.11
CA LYS C 208 43.08 -11.92 19.98
C LYS C 208 42.62 -11.75 18.55
N LEU C 209 41.73 -12.63 18.11
CA LEU C 209 41.10 -12.43 16.80
C LEU C 209 39.89 -11.54 16.94
N ALA C 210 39.69 -10.70 15.93
CA ALA C 210 38.48 -9.92 15.78
C ALA C 210 37.97 -10.04 14.34
N ASP C 211 36.83 -9.39 14.06
CA ASP C 211 36.21 -9.32 12.73
C ASP C 211 35.78 -10.67 12.13
N PHE C 212 34.74 -11.24 12.72
CA PHE C 212 34.25 -12.57 12.41
C PHE C 212 33.14 -12.55 11.37
N GLY C 213 32.97 -11.39 10.74
CA GLY C 213 31.98 -11.18 9.69
C GLY C 213 32.06 -12.09 8.48
N THR C 214 33.21 -12.70 8.24
CA THR C 214 33.33 -13.60 7.10
C THR C 214 33.20 -15.09 7.51
N CYS C 215 32.99 -15.34 8.80
CA CYS C 215 32.93 -16.71 9.33
C CYS C 215 31.81 -17.59 8.77
N MET C 216 32.03 -18.89 8.73
CA MET C 216 31.01 -19.80 8.27
C MET C 216 31.06 -21.09 9.05
N LYS C 217 29.89 -21.60 9.41
CA LYS C 217 29.75 -22.81 10.20
C LYS C 217 29.99 -24.07 9.35
N MET C 218 30.86 -24.95 9.84
CA MET C 218 31.17 -26.20 9.16
C MET C 218 30.01 -27.17 9.27
N ASN C 219 29.77 -27.96 8.22
CA ASN C 219 28.80 -29.04 8.30
C ASN C 219 29.42 -30.12 9.15
N LYS C 220 28.70 -31.20 9.40
CA LYS C 220 29.19 -32.24 10.29
C LYS C 220 30.44 -32.92 9.72
N GLU C 221 30.66 -32.79 8.42
CA GLU C 221 31.85 -33.36 7.79
C GLU C 221 33.07 -32.44 7.95
N GLY C 222 32.85 -31.24 8.48
CA GLY C 222 33.92 -30.27 8.65
C GLY C 222 34.12 -29.37 7.44
N MET C 223 33.10 -29.27 6.58
CA MET C 223 33.22 -28.56 5.32
C MET C 223 32.16 -27.48 5.17
N VAL C 224 32.41 -26.56 4.26
CA VAL C 224 31.42 -25.61 3.85
C VAL C 224 31.26 -25.64 2.34
N ARG C 225 30.04 -25.40 1.89
CA ARG C 225 29.74 -25.38 0.48
C ARG C 225 29.47 -23.92 0.17
N CYS C 226 30.36 -23.30 -0.59
CA CYS C 226 30.23 -21.87 -0.86
C CYS C 226 30.76 -21.54 -2.25
N ASP C 227 30.00 -20.75 -2.99
CA ASP C 227 30.40 -20.34 -4.35
C ASP C 227 30.95 -18.91 -4.48
N THR C 228 31.20 -18.24 -3.36
CA THR C 228 31.64 -16.83 -3.39
C THR C 228 33.04 -16.65 -2.79
N ALA C 229 33.93 -16.08 -3.57
CA ALA C 229 35.25 -15.73 -3.05
C ALA C 229 35.12 -14.64 -1.98
N VAL C 230 35.67 -14.92 -0.80
CA VAL C 230 35.62 -13.97 0.32
C VAL C 230 37.02 -13.74 0.89
N GLY C 231 37.14 -12.76 1.77
CA GLY C 231 38.42 -12.44 2.38
C GLY C 231 39.06 -11.25 1.72
N THR C 232 40.38 -11.12 1.86
CA THR C 232 41.07 -10.01 1.21
C THR C 232 42.15 -10.51 0.24
N PRO C 233 42.33 -9.80 -0.88
CA PRO C 233 43.07 -10.31 -2.05
C PRO C 233 44.45 -10.90 -1.73
N ASP C 234 45.24 -10.27 -0.86
CA ASP C 234 46.57 -10.81 -0.56
C ASP C 234 46.56 -12.14 0.16
N TYR C 235 45.55 -12.37 1.00
CA TYR C 235 45.51 -13.56 1.88
C TYR C 235 44.63 -14.72 1.44
N ILE C 236 43.90 -14.56 0.32
CA ILE C 236 42.90 -15.55 -0.03
C ILE C 236 43.55 -16.82 -0.55
N SER C 237 43.05 -17.96 -0.10
CA SER C 237 43.58 -19.25 -0.52
C SER C 237 43.10 -19.60 -1.93
N PRO C 238 43.84 -20.46 -2.64
CA PRO C 238 43.44 -20.86 -3.99
C PRO C 238 42.07 -21.55 -4.02
N GLU C 239 41.73 -22.37 -3.02
CA GLU C 239 40.42 -23.06 -3.01
C GLU C 239 39.30 -22.06 -2.92
N VAL C 240 39.47 -21.03 -2.10
CA VAL C 240 38.40 -20.06 -1.90
C VAL C 240 38.30 -19.14 -3.11
N LEU C 241 39.45 -18.79 -3.68
CA LEU C 241 39.48 -17.99 -4.87
C LEU C 241 38.81 -18.77 -6.03
N LYS C 242 39.06 -20.07 -6.11
CA LYS C 242 38.52 -20.91 -7.16
C LYS C 242 37.01 -21.12 -7.02
N SER C 243 36.51 -21.05 -5.80
CA SER C 243 35.13 -21.36 -5.49
C SER C 243 34.18 -20.40 -6.19
N GLN C 244 34.70 -19.22 -6.55
CA GLN C 244 33.92 -18.21 -7.25
C GLN C 244 33.38 -18.76 -8.57
N GLY C 245 34.13 -19.67 -9.18
CA GLY C 245 33.69 -20.34 -10.39
C GLY C 245 32.66 -21.44 -10.18
N GLY C 246 32.30 -21.72 -8.93
CA GLY C 246 31.31 -22.74 -8.63
C GLY C 246 31.83 -24.01 -7.97
N ASP C 247 33.15 -24.13 -7.87
CA ASP C 247 33.79 -25.26 -7.18
C ASP C 247 33.20 -25.50 -5.76
N GLY C 248 33.53 -24.58 -4.87
CA GLY C 248 32.90 -24.42 -3.56
C GLY C 248 32.65 -25.51 -2.54
N TYR C 249 33.63 -26.36 -2.26
CA TYR C 249 33.50 -27.23 -1.10
C TYR C 249 34.84 -27.33 -0.39
N TYR C 250 34.95 -26.81 0.82
CA TYR C 250 36.28 -26.77 1.44
C TYR C 250 36.24 -26.73 2.98
N GLY C 251 37.39 -27.01 3.58
CA GLY C 251 37.53 -27.11 5.03
C GLY C 251 38.34 -26.01 5.69
N ARG C 252 38.66 -26.20 6.96
CA ARG C 252 39.34 -25.20 7.76
C ARG C 252 40.75 -24.85 7.30
N GLU C 253 41.36 -25.70 6.49
CA GLU C 253 42.74 -25.46 6.08
C GLU C 253 42.96 -24.17 5.27
N CYS C 254 41.88 -23.55 4.78
CA CYS C 254 42.03 -22.23 4.15
C CYS C 254 42.55 -21.18 5.14
N ASP C 255 42.18 -21.32 6.41
CA ASP C 255 42.71 -20.44 7.44
C ASP C 255 44.22 -20.68 7.58
N TRP C 256 44.65 -21.94 7.48
CA TRP C 256 46.09 -22.24 7.55
C TRP C 256 46.89 -21.61 6.42
N TRP C 257 46.33 -21.61 5.20
CA TRP C 257 46.98 -20.93 4.10
C TRP C 257 47.29 -19.49 4.51
N SER C 258 46.28 -18.78 5.02
CA SER C 258 46.44 -17.37 5.38
C SER C 258 47.50 -17.14 6.47
N VAL C 259 47.65 -18.08 7.39
CA VAL C 259 48.75 -18.01 8.37
C VAL C 259 50.12 -18.03 7.67
N GLY C 260 50.25 -18.87 6.64
CA GLY C 260 51.45 -18.82 5.82
C GLY C 260 51.73 -17.47 5.18
N VAL C 261 50.68 -16.82 4.65
CA VAL C 261 50.87 -15.49 4.07
C VAL C 261 51.38 -14.51 5.14
N PHE C 262 50.76 -14.57 6.31
CA PHE C 262 51.13 -13.74 7.44
C PHE C 262 52.60 -13.94 7.83
N LEU C 263 53.00 -15.19 8.03
CA LEU C 263 54.39 -15.47 8.40
C LEU C 263 55.37 -14.95 7.37
N TYR C 264 55.02 -15.09 6.09
CA TYR C 264 55.89 -14.62 5.01
C TYR C 264 56.04 -13.10 5.08
N GLU C 265 54.93 -12.42 5.31
CA GLU C 265 54.96 -10.96 5.38
C GLU C 265 55.76 -10.44 6.58
N MET C 266 55.66 -11.12 7.71
CA MET C 266 56.49 -10.74 8.86
C MET C 266 57.97 -10.87 8.56
N LEU C 267 58.35 -11.97 7.94
CA LEU C 267 59.77 -12.24 7.74
C LEU C 267 60.36 -11.56 6.52
N VAL C 268 59.60 -11.53 5.43
CA VAL C 268 60.08 -10.95 4.19
C VAL C 268 59.88 -9.44 4.08
N GLY C 269 58.75 -8.94 4.58
CA GLY C 269 58.48 -7.52 4.51
C GLY C 269 57.54 -7.15 3.38
N ASP C 270 57.20 -8.14 2.55
CA ASP C 270 56.23 -7.98 1.46
C ASP C 270 55.29 -9.18 1.51
N THR C 271 54.10 -9.05 0.91
CA THR C 271 53.20 -10.19 0.80
C THR C 271 53.71 -11.06 -0.36
N PRO C 272 53.56 -12.37 -0.22
CA PRO C 272 54.18 -13.32 -1.16
C PRO C 272 53.60 -13.23 -2.59
N PHE C 273 52.33 -12.87 -2.68
CA PHE C 273 51.63 -12.71 -3.95
C PHE C 273 51.41 -11.28 -4.46
N TYR C 274 52.17 -10.34 -3.90
CA TYR C 274 52.05 -8.92 -4.25
C TYR C 274 52.04 -8.64 -5.75
N ALA C 275 51.12 -7.76 -6.16
CA ALA C 275 51.10 -7.21 -7.52
C ALA C 275 50.49 -5.82 -7.52
N ASP C 276 50.73 -5.07 -8.58
CA ASP C 276 50.22 -3.71 -8.68
C ASP C 276 48.71 -3.66 -8.88
N SER C 277 48.11 -4.82 -9.14
CA SER C 277 46.66 -4.91 -9.31
C SER C 277 46.10 -6.15 -8.65
N LEU C 278 44.82 -6.08 -8.30
CA LEU C 278 44.09 -7.24 -7.80
C LEU C 278 44.25 -8.43 -8.75
N VAL C 279 44.06 -8.15 -10.03
CA VAL C 279 44.12 -9.18 -11.06
C VAL C 279 45.45 -9.93 -11.06
N GLY C 280 46.55 -9.18 -11.01
CA GLY C 280 47.86 -9.79 -10.92
C GLY C 280 47.97 -10.67 -9.68
N THR C 281 47.40 -10.20 -8.57
CA THR C 281 47.49 -10.94 -7.31
C THR C 281 46.71 -12.26 -7.38
N TYR C 282 45.46 -12.21 -7.85
CA TYR C 282 44.69 -13.43 -8.09
C TYR C 282 45.44 -14.39 -9.00
N SER C 283 46.04 -13.86 -10.06
CA SER C 283 46.76 -14.70 -10.99
C SER C 283 47.96 -15.40 -10.33
N LYS C 284 48.74 -14.65 -9.55
CA LYS C 284 49.87 -15.23 -8.81
C LYS C 284 49.46 -16.30 -7.80
N ILE C 285 48.33 -16.07 -7.13
CA ILE C 285 47.83 -17.04 -6.15
C ILE C 285 47.44 -18.35 -6.82
N MET C 286 46.67 -18.28 -7.89
CA MET C 286 46.34 -19.50 -8.68
C MET C 286 47.61 -20.19 -9.21
N ASN C 287 48.61 -19.39 -9.55
CA ASN C 287 49.90 -19.89 -10.02
C ASN C 287 50.91 -20.14 -8.87
N HIS C 288 50.44 -20.17 -7.63
CA HIS C 288 51.34 -20.19 -6.47
C HIS C 288 52.56 -21.15 -6.52
N LYS C 289 52.39 -22.36 -7.04
CA LYS C 289 53.53 -23.26 -7.12
C LYS C 289 54.72 -22.63 -7.88
N ASN C 290 54.42 -21.86 -8.92
CA ASN C 290 55.44 -21.10 -9.66
C ASN C 290 55.80 -19.71 -9.15
N SER C 291 54.81 -18.98 -8.64
CA SER C 291 55.02 -17.58 -8.25
C SER C 291 55.62 -17.38 -6.84
N LEU C 292 55.52 -18.37 -5.96
CA LEU C 292 56.06 -18.21 -4.62
C LEU C 292 57.57 -18.30 -4.64
N THR C 293 58.25 -17.24 -4.19
CA THR C 293 59.69 -17.22 -4.13
C THR C 293 60.16 -16.47 -2.88
N PHE C 294 61.41 -16.69 -2.50
CA PHE C 294 62.03 -15.90 -1.44
C PHE C 294 63.14 -15.08 -2.08
N PRO C 295 63.48 -13.94 -1.47
CA PRO C 295 64.52 -13.10 -2.07
C PRO C 295 65.84 -13.84 -2.05
N ASP C 296 66.65 -13.65 -3.07
CA ASP C 296 68.03 -14.07 -2.92
C ASP C 296 68.82 -12.82 -2.54
N ASP C 297 69.82 -12.96 -1.68
CA ASP C 297 70.08 -14.17 -0.97
C ASP C 297 69.66 -13.82 0.45
N ASN C 298 68.53 -14.34 0.86
CA ASN C 298 67.96 -13.96 2.12
C ASN C 298 68.71 -14.67 3.25
N ASP C 299 68.64 -14.09 4.44
CA ASP C 299 69.17 -14.68 5.66
C ASP C 299 68.12 -15.40 6.52
N ILE C 300 66.93 -15.62 5.97
CA ILE C 300 65.87 -16.33 6.70
C ILE C 300 66.20 -17.80 6.96
N SER C 301 65.75 -18.34 8.08
CA SER C 301 66.08 -19.71 8.44
C SER C 301 65.28 -20.75 7.64
N LYS C 302 65.91 -21.90 7.41
CA LYS C 302 65.32 -22.94 6.60
C LYS C 302 64.00 -23.39 7.20
N GLU C 303 63.95 -23.54 8.51
CA GLU C 303 62.71 -24.01 9.13
C GLU C 303 61.57 -23.00 8.91
N ALA C 304 61.87 -21.70 8.98
CA ALA C 304 60.86 -20.67 8.72
C ALA C 304 60.33 -20.78 7.28
N LYS C 305 61.24 -20.91 6.33
CA LYS C 305 60.84 -21.07 4.94
C LYS C 305 60.08 -22.38 4.73
N ASN C 306 60.50 -23.45 5.39
CA ASN C 306 59.80 -24.71 5.33
C ASN C 306 58.36 -24.58 5.83
N LEU C 307 58.17 -23.94 6.98
CA LEU C 307 56.82 -23.78 7.50
C LEU C 307 55.96 -22.95 6.54
N ILE C 308 56.53 -21.87 6.00
CA ILE C 308 55.80 -21.04 5.06
C ILE C 308 55.35 -21.89 3.86
N CYS C 309 56.28 -22.63 3.26
CA CYS C 309 55.95 -23.47 2.11
C CYS C 309 54.99 -24.61 2.45
N ALA C 310 55.04 -25.10 3.67
CA ALA C 310 54.12 -26.17 4.07
C ALA C 310 52.70 -25.61 4.21
N PHE C 311 52.60 -24.31 4.49
CA PHE C 311 51.29 -23.66 4.54
C PHE C 311 50.80 -23.26 3.15
N LEU C 312 51.70 -22.71 2.34
CA LEU C 312 51.23 -22.16 1.10
C LEU C 312 51.48 -23.24 0.03
N THR C 313 50.48 -24.05 -0.14
CA THR C 313 50.54 -25.15 -1.06
C THR C 313 49.12 -25.62 -1.16
N ASP C 314 48.87 -26.59 -2.04
CA ASP C 314 47.51 -27.05 -2.29
C ASP C 314 46.93 -27.70 -1.04
N ARG C 315 45.63 -27.54 -0.85
CA ARG C 315 45.04 -27.88 0.44
C ARG C 315 45.14 -29.35 0.80
N GLU C 316 45.13 -30.22 -0.19
CA GLU C 316 45.13 -31.65 0.11
C GLU C 316 46.41 -32.03 0.86
N VAL C 317 47.52 -31.38 0.53
CA VAL C 317 48.76 -31.59 1.25
C VAL C 317 49.14 -30.51 2.29
N ARG C 318 48.28 -29.52 2.51
CA ARG C 318 48.63 -28.39 3.37
C ARG C 318 48.91 -28.80 4.82
N LEU C 319 49.95 -28.23 5.42
CA LEU C 319 50.18 -28.45 6.85
C LEU C 319 48.93 -28.03 7.64
N GLY C 320 48.45 -28.92 8.50
CA GLY C 320 47.24 -28.67 9.26
C GLY C 320 46.09 -29.53 8.76
N ARG C 321 46.27 -30.10 7.57
CA ARG C 321 45.25 -30.94 6.98
C ARG C 321 44.88 -32.06 7.92
N ASN C 322 45.88 -32.68 8.54
CA ASN C 322 45.66 -33.82 9.41
C ASN C 322 45.34 -33.44 10.86
N GLY C 323 45.54 -32.18 11.21
CA GLY C 323 45.07 -31.67 12.49
C GLY C 323 46.00 -30.57 12.92
N VAL C 324 45.65 -29.90 14.01
CA VAL C 324 46.46 -28.77 14.47
C VAL C 324 47.77 -29.24 15.09
N GLU C 325 47.77 -30.47 15.61
CA GLU C 325 48.95 -31.01 16.28
C GLU C 325 50.17 -31.04 15.36
N GLU C 326 49.95 -31.31 14.07
CA GLU C 326 51.07 -31.39 13.15
C GLU C 326 51.66 -30.01 12.87
N ILE C 327 50.87 -28.97 13.05
CA ILE C 327 51.38 -27.61 12.96
C ILE C 327 52.26 -27.32 14.18
N LYS C 328 51.74 -27.64 15.37
CA LYS C 328 52.44 -27.35 16.62
C LYS C 328 53.80 -28.04 16.76
N ARG C 329 53.91 -29.22 16.16
CA ARG C 329 55.16 -29.97 16.21
C ARG C 329 56.20 -29.49 15.20
N HIS C 330 55.81 -28.59 14.28
CA HIS C 330 56.77 -28.14 13.29
C HIS C 330 58.01 -27.55 13.92
N LEU C 331 59.16 -27.87 13.35
CA LEU C 331 60.44 -27.42 13.87
C LEU C 331 60.58 -25.90 14.03
N PHE C 332 59.87 -25.12 13.23
CA PHE C 332 59.99 -23.67 13.39
C PHE C 332 59.64 -23.20 14.80
N PHE C 333 58.72 -23.89 15.47
CA PHE C 333 58.24 -23.44 16.77
C PHE C 333 59.11 -23.87 17.92
N LYS C 334 59.98 -24.85 17.68
CA LYS C 334 60.84 -25.40 18.71
C LYS C 334 61.67 -24.26 19.35
N ASN C 335 61.54 -24.10 20.67
CA ASN C 335 62.21 -23.02 21.39
C ASN C 335 62.28 -23.30 22.90
N ASP C 336 63.20 -22.61 23.58
CA ASP C 336 63.41 -22.73 25.03
C ASP C 336 62.52 -21.86 25.92
N GLN C 337 61.96 -20.79 25.34
CA GLN C 337 61.26 -19.78 26.13
C GLN C 337 59.83 -20.15 26.53
N TRP C 338 59.07 -20.72 25.61
CA TRP C 338 57.67 -20.98 25.89
C TRP C 338 57.20 -22.35 25.46
N ALA C 339 56.11 -22.82 26.06
CA ALA C 339 55.46 -24.06 25.68
C ALA C 339 54.04 -23.73 25.24
N TRP C 340 53.44 -24.62 24.44
CA TRP C 340 52.13 -24.37 23.83
C TRP C 340 51.00 -24.13 24.81
N GLU C 341 50.95 -24.95 25.85
CA GLU C 341 49.88 -24.92 26.84
C GLU C 341 49.87 -23.64 27.68
N THR C 342 51.04 -23.10 27.97
CA THR C 342 51.17 -21.87 28.73
C THR C 342 51.52 -20.57 27.97
N LEU C 343 51.56 -20.64 26.64
CA LEU C 343 52.05 -19.51 25.83
C LEU C 343 51.45 -18.15 26.20
N ARG C 344 50.16 -18.11 26.51
CA ARG C 344 49.55 -16.82 26.79
C ARG C 344 49.88 -16.28 28.19
N ASP C 345 50.58 -17.07 29.01
CA ASP C 345 51.01 -16.58 30.31
C ASP C 345 52.40 -15.91 30.27
N THR C 346 53.06 -15.97 29.12
CA THR C 346 54.45 -15.49 29.03
C THR C 346 54.53 -14.00 28.76
N VAL C 347 55.74 -13.44 28.72
CA VAL C 347 55.89 -12.02 28.42
C VAL C 347 55.91 -11.80 26.92
N ALA C 348 54.92 -11.09 26.42
CA ALA C 348 54.80 -10.84 24.99
C ALA C 348 55.98 -10.02 24.52
N PRO C 349 56.31 -10.09 23.22
CA PRO C 349 57.46 -9.37 22.65
C PRO C 349 57.36 -7.84 22.75
N VAL C 350 56.18 -7.30 22.54
CA VAL C 350 55.99 -5.86 22.66
C VAL C 350 54.82 -5.57 23.58
N VAL C 351 55.12 -5.02 24.75
CA VAL C 351 54.05 -4.63 25.65
C VAL C 351 53.80 -3.13 25.41
N PRO C 352 52.57 -2.79 25.00
CA PRO C 352 52.33 -1.40 24.63
C PRO C 352 52.52 -0.43 25.80
N ASP C 353 52.95 0.78 25.46
CA ASP C 353 53.09 1.81 26.46
C ASP C 353 51.94 2.81 26.28
N LEU C 354 50.98 2.80 27.20
CA LEU C 354 49.76 3.58 27.02
C LEU C 354 49.67 4.79 27.94
N SER C 355 49.32 5.95 27.39
CA SER C 355 49.22 7.18 28.18
C SER C 355 47.95 7.26 29.02
N SER C 356 46.88 6.63 28.57
CA SER C 356 45.61 6.65 29.28
C SER C 356 44.74 5.51 28.81
N ASP C 357 43.55 5.37 29.38
CA ASP C 357 42.64 4.32 28.95
C ASP C 357 42.03 4.65 27.57
N ILE C 358 42.29 5.88 27.12
CA ILE C 358 41.78 6.40 25.85
C ILE C 358 42.82 6.42 24.71
N ASP C 359 44.00 5.86 24.96
CA ASP C 359 45.12 6.01 24.03
C ASP C 359 44.87 5.25 22.72
N THR C 360 44.84 5.99 21.62
CA THR C 360 44.73 5.46 20.25
C THR C 360 46.02 5.41 19.43
N SER C 361 47.16 5.68 20.07
CA SER C 361 48.43 5.83 19.36
C SER C 361 48.77 4.64 18.45
N ASN C 362 48.22 3.48 18.76
CA ASN C 362 48.44 2.27 17.94
C ASN C 362 47.43 2.07 16.81
N PHE C 363 46.58 3.06 16.59
CA PHE C 363 45.63 3.04 15.49
C PHE C 363 45.82 4.22 14.55
N ASP C 364 45.80 3.96 13.24
CA ASP C 364 45.91 5.03 12.26
C ASP C 364 44.81 6.07 12.41
N ASP C 365 45.22 7.33 12.33
CA ASP C 365 44.27 8.43 12.43
C ASP C 365 43.21 8.21 11.36
N LEU C 366 41.95 8.20 11.79
CA LEU C 366 40.87 8.10 10.82
C LEU C 366 39.97 9.33 10.92
N GLU C 367 39.69 9.91 9.76
CA GLU C 367 38.88 11.10 9.66
C GLU C 367 37.53 10.84 10.32
N GLU C 368 36.96 11.87 10.92
CA GLU C 368 35.61 11.75 11.43
C GLU C 368 34.75 12.38 10.35
N ASP C 369 34.06 11.55 9.59
CA ASP C 369 33.38 12.02 8.39
C ASP C 369 34.33 12.82 7.49
N LYS C 370 34.05 14.12 7.35
CA LYS C 370 34.66 15.01 6.35
C LYS C 370 33.83 14.93 5.08
N GLY C 371 32.87 14.01 5.08
CA GLY C 371 31.90 13.87 4.01
C GLY C 371 30.50 14.28 4.44
N GLU C 372 29.50 13.76 3.75
CA GLU C 372 28.10 14.07 4.00
C GLU C 372 27.33 12.83 4.51
N GLU C 373 26.01 12.96 4.67
CA GLU C 373 25.18 11.93 5.31
C GLU C 373 24.50 10.97 4.32
N GLU C 374 23.63 10.11 4.86
CA GLU C 374 22.99 9.04 4.11
C GLU C 374 21.49 8.89 4.48
N THR C 375 20.76 8.00 3.80
CA THR C 375 19.28 7.90 3.90
C THR C 375 18.72 6.50 3.63
N PHE C 376 17.38 6.41 3.49
CA PHE C 376 16.67 5.16 3.14
C PHE C 376 15.42 5.51 2.32
N PRO C 377 15.02 4.62 1.38
CA PRO C 377 13.84 4.88 0.53
C PRO C 377 12.49 4.66 1.22
N ILE C 378 11.50 5.50 0.90
CA ILE C 378 10.22 5.53 1.61
C ILE C 378 9.15 4.59 1.06
N PRO C 379 8.66 3.66 1.89
CA PRO C 379 7.70 2.64 1.48
C PRO C 379 6.30 3.20 1.23
N LYS C 380 5.67 2.78 0.15
CA LYS C 380 4.24 3.02 -0.06
C LYS C 380 3.43 1.77 0.27
N ALA C 381 4.13 0.70 0.63
CA ALA C 381 3.51 -0.48 1.23
C ALA C 381 4.49 -1.07 2.24
N PHE C 382 4.01 -1.94 3.11
CA PHE C 382 4.89 -2.50 4.13
C PHE C 382 6.00 -3.30 3.44
N VAL C 383 7.24 -2.85 3.64
CA VAL C 383 8.45 -3.56 3.21
C VAL C 383 9.04 -4.57 4.22
N GLY C 384 9.06 -4.20 5.50
CA GLY C 384 9.71 -5.01 6.52
C GLY C 384 11.23 -4.99 6.48
N ASN C 385 11.82 -3.83 6.21
CA ASN C 385 13.29 -3.74 6.15
C ASN C 385 13.96 -3.92 7.51
N GLN C 386 13.18 -3.81 8.60
CA GLN C 386 13.72 -4.07 9.93
C GLN C 386 13.65 -5.55 10.35
N LEU C 387 12.87 -6.35 9.63
CA LEU C 387 12.64 -7.75 10.04
C LEU C 387 13.88 -8.64 10.15
N PRO C 388 14.81 -8.49 9.20
CA PRO C 388 15.99 -9.35 9.32
C PRO C 388 16.85 -9.06 10.57
N PHE C 389 16.63 -7.93 11.22
CA PHE C 389 17.44 -7.58 12.39
C PHE C 389 16.81 -7.88 13.75
N VAL C 390 15.57 -8.37 13.74
CA VAL C 390 14.89 -8.69 14.99
C VAL C 390 15.63 -9.81 15.70
N GLY C 391 15.95 -9.61 16.97
CA GLY C 391 16.66 -10.61 17.73
C GLY C 391 18.14 -10.30 17.95
N PHE C 392 18.65 -9.24 17.33
CA PHE C 392 20.07 -8.91 17.41
C PHE C 392 20.50 -8.35 18.76
N THR C 393 19.62 -7.58 19.40
CA THR C 393 19.93 -6.95 20.67
C THR C 393 20.42 -7.98 21.67
N TYR C 394 21.45 -7.64 22.44
CA TYR C 394 21.95 -8.57 23.46
C TYR C 394 22.56 -7.85 24.64
N TYR C 395 22.30 -8.37 25.85
CA TYR C 395 22.92 -7.86 27.07
C TYR C 395 23.70 -8.96 27.78
N SER C 396 25.01 -8.75 27.95
CA SER C 396 25.79 -9.68 28.77
C SER C 396 25.36 -9.44 30.22
N ASN C 397 25.11 -10.51 30.95
CA ASN C 397 24.61 -10.36 32.33
C ASN C 397 24.85 -11.57 33.24
N SER D 1 13.73 7.45 45.63
CA SER D 1 12.84 6.89 44.61
C SER D 1 13.49 6.61 43.23
N PHE D 2 14.80 6.86 43.11
CA PHE D 2 15.49 6.71 41.83
C PHE D 2 15.65 5.27 41.34
N GLU D 3 15.33 5.06 40.06
CA GLU D 3 15.55 3.76 39.44
C GLU D 3 16.31 3.97 38.15
N THR D 4 17.25 3.06 37.84
CA THR D 4 17.92 3.11 36.56
C THR D 4 16.94 2.77 35.44
N ARG D 5 17.26 3.24 34.23
CA ARG D 5 16.52 2.92 33.01
C ARG D 5 16.32 1.41 32.86
N PHE D 6 17.39 0.67 33.13
CA PHE D 6 17.32 -0.77 33.05
C PHE D 6 16.29 -1.34 34.04
N GLU D 7 16.25 -0.81 35.26
CA GLU D 7 15.24 -1.25 36.23
C GLU D 7 13.84 -0.91 35.75
N LYS D 8 13.67 0.31 35.26
CA LYS D 8 12.39 0.76 34.74
C LYS D 8 11.92 -0.18 33.62
N MET D 9 12.81 -0.48 32.67
CA MET D 9 12.42 -1.33 31.54
C MET D 9 12.00 -2.70 32.07
N ASP D 10 12.75 -3.20 33.05
CA ASP D 10 12.46 -4.48 33.64
C ASP D 10 11.11 -4.50 34.38
N ASN D 11 10.76 -3.38 35.01
CA ASN D 11 9.45 -3.28 35.66
C ASN D 11 8.35 -3.33 34.61
N LEU D 12 8.51 -2.55 33.55
CA LEU D 12 7.57 -2.56 32.43
C LEU D 12 7.27 -3.97 31.91
N LEU D 13 8.29 -4.81 31.83
CA LEU D 13 8.08 -6.15 31.32
C LEU D 13 7.24 -7.01 32.26
N ARG D 14 7.34 -6.74 33.55
CA ARG D 14 6.65 -7.57 34.56
C ARG D 14 5.35 -7.00 35.10
N ASP D 15 5.01 -5.79 34.72
CA ASP D 15 3.85 -5.10 35.26
C ASP D 15 2.61 -5.47 34.43
N PRO D 16 1.61 -6.10 35.08
CA PRO D 16 0.39 -6.57 34.43
C PRO D 16 -0.40 -5.42 33.80
N LYS D 17 -0.19 -4.20 34.28
CA LYS D 17 -0.90 -3.06 33.70
C LYS D 17 -0.10 -2.44 32.57
N SER D 18 1.06 -3.02 32.28
CA SER D 18 1.90 -2.48 31.22
C SER D 18 1.51 -3.04 29.85
N GLU D 19 1.56 -2.18 28.85
CA GLU D 19 1.30 -2.54 27.47
C GLU D 19 2.50 -3.28 26.88
N VAL D 20 3.65 -3.13 27.51
CA VAL D 20 4.85 -3.86 27.13
C VAL D 20 5.24 -5.06 27.96
N ASN D 21 4.37 -5.53 28.84
CA ASN D 21 4.75 -6.74 29.54
C ASN D 21 4.88 -7.90 28.56
N SER D 22 5.56 -8.94 29.00
CA SER D 22 5.96 -10.06 28.14
C SER D 22 4.80 -10.62 27.33
N ASP D 23 3.65 -10.77 27.97
CA ASP D 23 2.48 -11.34 27.31
C ASP D 23 1.98 -10.44 26.19
N CYS D 24 2.01 -9.14 26.42
CA CYS D 24 1.65 -8.19 25.39
C CYS D 24 2.57 -8.25 24.18
N LEU D 25 3.86 -8.47 24.43
CA LEU D 25 4.86 -8.48 23.36
C LEU D 25 4.81 -9.78 22.58
N LEU D 26 4.45 -10.86 23.26
CA LEU D 26 4.21 -12.11 22.57
C LEU D 26 3.07 -11.93 21.57
N ASP D 27 2.01 -11.23 22.00
CA ASP D 27 0.88 -10.90 21.11
C ASP D 27 1.36 -10.30 19.81
N GLY D 28 2.26 -9.32 19.91
CA GLY D 28 2.76 -8.62 18.74
C GLY D 28 3.40 -9.58 17.76
N LEU D 29 4.25 -10.46 18.27
CA LEU D 29 4.94 -11.40 17.42
C LEU D 29 3.92 -12.31 16.75
N ASP D 30 3.00 -12.81 17.56
CA ASP D 30 1.96 -13.73 17.10
C ASP D 30 1.12 -13.10 15.97
N ALA D 31 0.76 -11.83 16.14
CA ALA D 31 -0.11 -11.15 15.20
C ALA D 31 0.63 -10.94 13.88
N LEU D 32 1.90 -10.59 14.01
CA LEU D 32 2.72 -10.28 12.85
C LEU D 32 2.84 -11.52 11.99
N VAL D 33 3.06 -12.65 12.65
CA VAL D 33 3.16 -13.92 11.96
C VAL D 33 1.86 -14.27 11.25
N TYR D 34 0.74 -14.11 11.94
CA TYR D 34 -0.56 -14.30 11.31
C TYR D 34 -0.71 -13.42 10.08
N ASP D 35 -0.43 -12.14 10.24
CA ASP D 35 -0.73 -11.17 9.19
C ASP D 35 0.25 -11.20 8.03
N LEU D 36 1.44 -11.76 8.25
CA LEU D 36 2.40 -11.87 7.16
C LEU D 36 2.39 -13.21 6.44
N ASP D 37 1.75 -14.24 6.99
CA ASP D 37 2.07 -15.53 6.40
C ASP D 37 1.01 -15.91 5.37
N PHE D 38 1.29 -15.50 4.15
CA PHE D 38 0.45 -15.77 2.98
C PHE D 38 1.43 -15.85 1.82
N PRO D 39 1.08 -16.64 0.80
CA PRO D 39 2.02 -16.82 -0.32
C PRO D 39 2.37 -15.52 -1.05
N ALA D 40 1.43 -14.59 -1.19
CA ALA D 40 1.78 -13.32 -1.86
C ALA D 40 2.82 -12.47 -1.08
N LEU D 41 2.62 -12.34 0.23
CA LEU D 41 3.52 -11.55 1.07
C LEU D 41 4.92 -12.17 1.16
N ARG D 42 4.98 -13.50 1.16
CA ARG D 42 6.25 -14.23 1.20
C ARG D 42 7.13 -14.04 -0.04
N LYS D 43 6.60 -13.42 -1.09
CA LYS D 43 7.46 -13.06 -2.23
C LYS D 43 8.46 -11.96 -1.86
N ASN D 44 8.22 -11.29 -0.74
CA ASN D 44 9.17 -10.35 -0.19
C ASN D 44 10.13 -11.17 0.67
N LYS D 45 11.41 -11.11 0.36
CA LYS D 45 12.40 -11.92 1.07
C LYS D 45 12.58 -11.53 2.55
N ASN D 46 12.44 -10.24 2.88
CA ASN D 46 12.42 -9.83 4.28
C ASN D 46 11.40 -10.64 5.04
N ILE D 47 10.19 -10.71 4.48
CA ILE D 47 9.09 -11.40 5.15
C ILE D 47 9.29 -12.90 5.14
N ASP D 48 9.76 -13.42 4.00
CA ASP D 48 9.92 -14.86 3.84
C ASP D 48 11.00 -15.41 4.77
N ASN D 49 12.14 -14.75 4.83
CA ASN D 49 13.21 -15.18 5.73
C ASN D 49 12.79 -15.05 7.21
N PHE D 50 12.12 -13.94 7.54
CA PHE D 50 11.62 -13.72 8.89
C PHE D 50 10.74 -14.87 9.36
N LEU D 51 9.76 -15.25 8.54
CA LEU D 51 8.81 -16.31 8.88
C LEU D 51 9.48 -17.68 9.00
N SER D 52 10.49 -17.92 8.17
CA SER D 52 11.26 -19.17 8.29
C SER D 52 12.04 -19.23 9.60
N ARG D 53 12.67 -18.13 9.98
CA ARG D 53 13.37 -18.09 11.27
C ARG D 53 12.42 -18.46 12.39
N TYR D 54 11.25 -17.82 12.39
CA TYR D 54 10.39 -17.80 13.56
C TYR D 54 9.26 -18.80 13.66
N LYS D 55 9.07 -19.63 12.64
CA LYS D 55 7.86 -20.44 12.62
C LYS D 55 7.88 -21.71 13.47
N ASP D 56 9.06 -22.29 13.66
CA ASP D 56 9.19 -23.37 14.65
C ASP D 56 8.87 -22.83 16.04
N THR D 57 9.59 -21.79 16.43
CA THR D 57 9.36 -21.14 17.71
C THR D 57 7.89 -20.75 17.87
N ILE D 58 7.35 -20.10 16.85
CA ILE D 58 5.98 -19.62 16.90
C ILE D 58 4.95 -20.74 17.13
N ASN D 59 5.13 -21.87 16.46
CA ASN D 59 4.25 -23.01 16.69
C ASN D 59 4.39 -23.52 18.13
N LYS D 60 5.62 -23.64 18.58
CA LYS D 60 5.90 -24.07 19.93
C LYS D 60 5.23 -23.14 20.93
N ILE D 61 5.46 -21.85 20.78
CA ILE D 61 4.81 -20.82 21.59
C ILE D 61 3.28 -20.95 21.61
N ARG D 62 2.66 -21.06 20.44
CA ARG D 62 1.21 -21.12 20.37
C ARG D 62 0.70 -22.36 21.08
N ASP D 63 1.58 -23.34 21.20
CA ASP D 63 1.25 -24.58 21.89
C ASP D 63 1.27 -24.42 23.42
N LEU D 64 2.27 -23.72 23.94
CA LEU D 64 2.42 -23.55 25.38
C LEU D 64 1.42 -22.56 25.96
N ARG D 65 1.27 -21.40 25.32
CA ARG D 65 0.41 -20.35 25.84
C ARG D 65 -1.02 -20.84 25.92
N MET D 66 -1.78 -20.30 26.87
CA MET D 66 -3.18 -20.67 27.06
C MET D 66 -3.94 -20.56 25.73
N LYS D 67 -4.87 -21.49 25.52
CA LYS D 67 -5.65 -21.54 24.27
C LYS D 67 -7.03 -22.17 24.43
N ALA D 68 -7.90 -21.94 23.46
CA ALA D 68 -9.28 -22.38 23.59
C ALA D 68 -9.37 -23.87 23.89
N GLU D 69 -8.48 -24.65 23.30
CA GLU D 69 -8.55 -26.10 23.40
C GLU D 69 -8.28 -26.57 24.83
N ASP D 70 -7.72 -25.67 25.65
CA ASP D 70 -7.46 -25.98 27.04
C ASP D 70 -8.75 -26.10 27.88
N TYR D 71 -9.88 -25.69 27.31
CA TYR D 71 -11.14 -25.65 28.05
C TYR D 71 -12.24 -26.46 27.36
N GLU D 72 -13.05 -27.18 28.14
CA GLU D 72 -14.24 -27.82 27.59
C GLU D 72 -15.49 -26.94 27.72
N VAL D 73 -16.31 -26.92 26.69
CA VAL D 73 -17.54 -26.16 26.72
C VAL D 73 -18.66 -27.00 27.29
N VAL D 74 -19.17 -26.61 28.45
CA VAL D 74 -20.28 -27.30 29.08
C VAL D 74 -21.64 -26.86 28.52
N LYS D 75 -21.77 -25.57 28.21
CA LYS D 75 -23.08 -25.04 27.86
C LYS D 75 -22.92 -23.58 27.46
N VAL D 76 -23.89 -23.05 26.71
CA VAL D 76 -23.87 -21.65 26.30
C VAL D 76 -24.89 -20.91 27.14
N ILE D 77 -24.41 -20.04 28.03
CA ILE D 77 -25.27 -19.28 28.92
C ILE D 77 -25.59 -17.83 28.54
N GLY D 78 -24.97 -17.32 27.47
CA GLY D 78 -25.31 -15.98 27.01
C GLY D 78 -24.89 -15.75 25.57
N ARG D 79 -25.56 -14.84 24.89
CA ARG D 79 -25.20 -14.52 23.51
C ARG D 79 -25.33 -13.03 23.19
N GLY D 80 -24.25 -12.45 22.66
CA GLY D 80 -24.23 -11.08 22.21
C GLY D 80 -24.15 -10.99 20.70
N ALA D 81 -23.91 -9.79 20.19
CA ALA D 81 -23.76 -9.58 18.74
C ALA D 81 -22.36 -9.97 18.24
N PHE D 82 -21.35 -9.74 19.08
CA PHE D 82 -19.98 -10.08 18.71
C PHE D 82 -19.54 -11.45 19.21
N GLY D 83 -20.44 -12.18 19.85
CA GLY D 83 -20.10 -13.51 20.32
C GLY D 83 -20.96 -13.97 21.46
N GLU D 84 -20.45 -14.90 22.26
CA GLU D 84 -21.26 -15.52 23.31
C GLU D 84 -20.48 -15.79 24.60
N VAL D 85 -21.19 -16.15 25.65
CA VAL D 85 -20.56 -16.60 26.88
C VAL D 85 -20.87 -18.07 27.15
N GLN D 86 -19.83 -18.84 27.44
CA GLN D 86 -19.93 -20.27 27.67
C GLN D 86 -19.47 -20.68 29.08
N LEU D 87 -20.18 -21.64 29.67
CA LEU D 87 -19.68 -22.30 30.88
C LEU D 87 -18.60 -23.27 30.42
N VAL D 88 -17.42 -23.16 30.99
CA VAL D 88 -16.31 -24.00 30.60
C VAL D 88 -15.69 -24.66 31.81
N ARG D 89 -14.92 -25.71 31.57
CA ARG D 89 -14.08 -26.29 32.59
C ARG D 89 -12.69 -26.42 32.04
N HIS D 90 -11.69 -26.01 32.82
CA HIS D 90 -10.31 -26.19 32.42
C HIS D 90 -9.96 -27.67 32.52
N LYS D 91 -9.24 -28.20 31.54
CA LYS D 91 -8.94 -29.62 31.46
C LYS D 91 -7.92 -30.14 32.48
N SER D 92 -6.77 -29.48 32.55
CA SER D 92 -5.76 -29.79 33.56
C SER D 92 -6.35 -29.60 34.96
N THR D 93 -6.69 -28.35 35.29
CA THR D 93 -7.08 -27.99 36.65
C THR D 93 -8.51 -28.36 37.04
N ARG D 94 -9.38 -28.53 36.05
CA ARG D 94 -10.78 -28.94 36.30
C ARG D 94 -11.68 -27.82 36.83
N LYS D 95 -11.12 -26.64 37.06
CA LYS D 95 -11.92 -25.52 37.58
C LYS D 95 -12.94 -25.00 36.56
N VAL D 96 -14.04 -24.45 37.07
CA VAL D 96 -15.17 -24.02 36.24
C VAL D 96 -15.23 -22.50 36.10
N TYR D 97 -15.51 -22.02 34.88
CA TYR D 97 -15.51 -20.57 34.59
C TYR D 97 -16.60 -20.18 33.61
N ALA D 98 -16.86 -18.88 33.53
CA ALA D 98 -17.60 -18.31 32.41
C ALA D 98 -16.59 -17.71 31.42
N MET D 99 -16.75 -18.02 30.13
CA MET D 99 -15.80 -17.56 29.14
C MET D 99 -16.48 -16.82 28.00
N LYS D 100 -16.06 -15.58 27.79
CA LYS D 100 -16.69 -14.76 26.77
C LYS D 100 -15.89 -14.86 25.48
N LEU D 101 -16.60 -15.08 24.38
CA LEU D 101 -15.94 -15.09 23.07
C LEU D 101 -16.29 -13.83 22.29
N LEU D 102 -15.27 -13.20 21.72
CA LEU D 102 -15.50 -12.07 20.81
C LEU D 102 -14.92 -12.38 19.45
N SER D 103 -15.74 -12.21 18.41
CA SER D 103 -15.35 -12.57 17.06
C SER D 103 -14.55 -11.48 16.37
N LYS D 104 -13.31 -11.81 16.03
CA LYS D 104 -12.48 -10.85 15.31
C LYS D 104 -13.05 -10.52 13.91
N PHE D 105 -13.63 -11.51 13.24
CA PHE D 105 -14.22 -11.23 11.93
C PHE D 105 -15.30 -10.15 12.03
N GLU D 106 -16.25 -10.34 12.94
CA GLU D 106 -17.35 -9.38 13.10
C GLU D 106 -16.89 -8.00 13.53
N MET D 107 -15.97 -7.95 14.49
CA MET D 107 -15.45 -6.67 14.97
C MET D 107 -14.76 -5.86 13.86
N ILE D 108 -13.93 -6.51 13.06
CA ILE D 108 -13.31 -5.86 11.92
C ILE D 108 -14.36 -5.45 10.89
N LYS D 109 -15.21 -6.40 10.52
CA LYS D 109 -16.24 -6.13 9.51
C LYS D 109 -17.11 -4.93 9.88
N ARG D 110 -17.45 -4.81 11.17
CA ARG D 110 -18.40 -3.80 11.61
C ARG D 110 -17.71 -2.53 12.09
N SER D 111 -16.40 -2.50 11.93
CA SER D 111 -15.60 -1.31 12.26
C SER D 111 -15.82 -0.73 13.66
N ASP D 112 -16.17 -1.55 14.63
CA ASP D 112 -15.76 -1.20 15.98
C ASP D 112 -14.96 -2.35 16.56
N SER D 113 -13.64 -2.16 16.53
CA SER D 113 -12.68 -3.11 17.07
C SER D 113 -11.94 -2.59 18.31
N ALA D 114 -12.32 -1.43 18.82
CA ALA D 114 -11.72 -0.81 20.00
C ALA D 114 -12.49 -0.83 21.34
N PHE D 115 -13.65 -1.48 21.39
CA PHE D 115 -14.58 -1.24 22.50
C PHE D 115 -14.35 -2.02 23.80
N PHE D 116 -13.57 -3.10 23.73
CA PHE D 116 -13.44 -4.06 24.82
C PHE D 116 -12.29 -3.79 25.79
N TRP D 117 -11.53 -2.72 25.58
CA TRP D 117 -10.41 -2.43 26.47
C TRP D 117 -10.83 -2.05 27.91
N GLU D 118 -11.89 -1.26 28.04
CA GLU D 118 -12.39 -0.84 29.35
C GLU D 118 -12.87 -2.04 30.16
N GLU D 119 -13.66 -2.88 29.51
CA GLU D 119 -14.16 -4.09 30.11
C GLU D 119 -13.00 -4.99 30.56
N ARG D 120 -11.96 -5.09 29.74
CA ARG D 120 -10.79 -5.86 30.14
C ARG D 120 -10.12 -5.24 31.37
N ASP D 121 -9.95 -3.92 31.35
CA ASP D 121 -9.23 -3.22 32.40
C ASP D 121 -10.00 -3.31 33.71
N ILE D 122 -11.31 -3.10 33.63
CA ILE D 122 -12.16 -3.14 34.80
C ILE D 122 -12.17 -4.52 35.46
N MET D 123 -12.42 -5.57 34.69
CA MET D 123 -12.55 -6.89 35.26
C MET D 123 -11.23 -7.47 35.72
N ALA D 124 -10.14 -7.07 35.06
CA ALA D 124 -8.83 -7.53 35.48
C ALA D 124 -8.40 -6.87 36.77
N PHE D 125 -8.56 -5.55 36.81
CA PHE D 125 -7.98 -4.71 37.85
C PHE D 125 -8.87 -4.09 38.96
N ALA D 126 -10.19 -4.19 38.86
CA ALA D 126 -11.06 -3.54 39.85
C ALA D 126 -10.72 -4.03 41.24
N ASN D 127 -10.48 -5.33 41.37
CA ASN D 127 -10.17 -5.96 42.65
C ASN D 127 -11.20 -5.58 43.72
N SER D 128 -12.46 -5.81 43.39
CA SER D 128 -13.60 -5.49 44.25
C SER D 128 -14.57 -6.67 44.33
N PRO D 129 -15.17 -6.88 45.52
CA PRO D 129 -16.17 -7.94 45.64
C PRO D 129 -17.42 -7.60 44.82
N TRP D 130 -17.53 -6.34 44.39
CA TRP D 130 -18.67 -5.89 43.59
C TRP D 130 -18.51 -6.04 42.07
N VAL D 131 -17.43 -6.65 41.63
CA VAL D 131 -17.16 -6.72 40.21
C VAL D 131 -16.63 -8.08 39.78
N VAL D 132 -17.27 -8.68 38.78
CA VAL D 132 -16.86 -9.99 38.25
C VAL D 132 -15.40 -9.92 37.81
N GLN D 133 -14.58 -10.84 38.29
CA GLN D 133 -13.14 -10.76 38.00
C GLN D 133 -12.78 -11.49 36.71
N LEU D 134 -11.86 -10.92 35.95
CA LEU D 134 -11.25 -11.60 34.80
C LEU D 134 -9.97 -12.30 35.23
N PHE D 135 -9.95 -13.62 35.09
CA PHE D 135 -8.74 -14.40 35.38
C PHE D 135 -7.72 -14.45 34.24
N TYR D 136 -8.21 -14.72 33.04
CA TYR D 136 -7.33 -14.80 31.87
C TYR D 136 -8.00 -14.22 30.63
N ALA D 137 -7.23 -13.43 29.91
CA ALA D 137 -7.62 -12.97 28.58
C ALA D 137 -6.57 -13.54 27.63
N PHE D 138 -7.05 -14.19 26.57
CA PHE D 138 -6.15 -14.68 25.53
C PHE D 138 -6.84 -14.61 24.18
N GLN D 139 -6.15 -15.01 23.13
CA GLN D 139 -6.71 -14.90 21.79
C GLN D 139 -6.06 -15.85 20.79
N ASP D 140 -6.78 -16.12 19.71
CA ASP D 140 -6.18 -16.73 18.53
C ASP D 140 -6.53 -15.85 17.32
N ASP D 141 -6.26 -16.32 16.10
CA ASP D 141 -6.57 -15.50 14.93
C ASP D 141 -8.06 -15.23 14.73
N ARG D 142 -8.93 -16.11 15.22
CA ARG D 142 -10.40 -15.90 15.16
C ARG D 142 -11.11 -15.15 16.29
N TYR D 143 -10.66 -15.34 17.52
CA TYR D 143 -11.44 -14.87 18.67
C TYR D 143 -10.61 -14.24 19.78
N LEU D 144 -11.25 -13.34 20.52
CA LEU D 144 -10.76 -12.89 21.80
C LEU D 144 -11.49 -13.74 22.83
N TYR D 145 -10.81 -14.11 23.90
CA TYR D 145 -11.39 -14.93 24.96
C TYR D 145 -11.21 -14.29 26.35
N MET D 146 -12.28 -14.25 27.14
CA MET D 146 -12.19 -13.74 28.50
C MET D 146 -12.65 -14.78 29.50
N VAL D 147 -11.73 -15.29 30.32
CA VAL D 147 -12.11 -16.30 31.30
C VAL D 147 -12.45 -15.61 32.62
N MET D 148 -13.71 -15.67 33.01
CA MET D 148 -14.23 -14.91 34.16
C MET D 148 -14.79 -15.82 35.25
N GLU D 149 -14.90 -15.29 36.47
CA GLU D 149 -15.52 -16.09 37.52
C GLU D 149 -16.96 -16.39 37.11
N TYR D 150 -17.33 -17.65 37.25
CA TYR D 150 -18.71 -18.07 36.99
C TYR D 150 -19.65 -17.58 38.11
N MET D 151 -20.83 -17.08 37.72
CA MET D 151 -21.80 -16.57 38.68
C MET D 151 -23.10 -17.38 38.62
N PRO D 152 -23.13 -18.52 39.32
CA PRO D 152 -24.23 -19.50 39.24
C PRO D 152 -25.58 -18.98 39.73
N GLY D 153 -25.57 -17.85 40.44
CA GLY D 153 -26.81 -17.21 40.86
C GLY D 153 -27.68 -16.68 39.73
N GLY D 154 -27.08 -16.42 38.57
CA GLY D 154 -27.86 -15.87 37.46
C GLY D 154 -28.08 -14.38 37.62
N ASP D 155 -28.86 -13.77 36.73
CA ASP D 155 -29.00 -12.32 36.81
C ASP D 155 -30.31 -11.88 37.42
N LEU D 156 -30.46 -10.57 37.59
CA LEU D 156 -31.61 -10.05 38.29
C LEU D 156 -32.89 -10.01 37.48
N VAL D 157 -32.77 -10.15 36.16
CA VAL D 157 -33.96 -10.29 35.34
C VAL D 157 -34.61 -11.63 35.68
N ASN D 158 -33.80 -12.67 35.77
CA ASN D 158 -34.28 -13.99 36.10
C ASN D 158 -34.93 -13.93 37.49
N LEU D 159 -34.21 -13.41 38.47
CA LEU D 159 -34.74 -13.34 39.83
C LEU D 159 -36.07 -12.59 39.90
N MET D 160 -36.17 -11.45 39.21
CA MET D 160 -37.42 -10.68 39.21
C MET D 160 -38.56 -11.42 38.52
N SER D 161 -38.23 -12.37 37.64
CA SER D 161 -39.26 -13.15 36.96
C SER D 161 -39.74 -14.32 37.81
N ASN D 162 -38.84 -14.90 38.60
CA ASN D 162 -39.16 -16.02 39.50
C ASN D 162 -39.73 -15.64 40.87
N TYR D 163 -39.65 -14.37 41.24
CA TYR D 163 -40.15 -13.92 42.55
C TYR D 163 -40.94 -12.62 42.50
N ASP D 164 -41.75 -12.44 43.52
CA ASP D 164 -42.34 -11.14 43.78
C ASP D 164 -41.43 -10.47 44.80
N VAL D 165 -40.93 -9.29 44.48
CA VAL D 165 -39.90 -8.68 45.31
C VAL D 165 -40.44 -7.66 46.30
N PRO D 166 -40.33 -8.00 47.58
CA PRO D 166 -40.70 -7.12 48.69
C PRO D 166 -39.69 -5.99 48.88
N GLU D 167 -40.12 -4.89 49.47
CA GLU D 167 -39.24 -3.77 49.73
C GLU D 167 -37.91 -4.16 50.38
N LYS D 168 -37.95 -5.11 51.30
CA LYS D 168 -36.74 -5.48 52.05
C LYS D 168 -35.66 -6.08 51.15
N TRP D 169 -36.07 -6.91 50.19
CA TRP D 169 -35.16 -7.45 49.19
C TRP D 169 -34.64 -6.32 48.29
N ALA D 170 -35.56 -5.54 47.75
CA ALA D 170 -35.21 -4.44 46.85
C ALA D 170 -34.16 -3.51 47.48
N ARG D 171 -34.38 -3.17 48.76
CA ARG D 171 -33.45 -2.31 49.50
C ARG D 171 -32.06 -2.93 49.50
N PHE D 172 -32.01 -4.25 49.66
CA PHE D 172 -30.73 -4.94 49.65
C PHE D 172 -30.00 -4.89 48.29
N TYR D 173 -30.68 -5.32 47.23
CA TYR D 173 -30.08 -5.31 45.90
C TYR D 173 -29.70 -3.92 45.44
N THR D 174 -30.58 -2.96 45.67
CA THR D 174 -30.30 -1.56 45.40
C THR D 174 -29.02 -1.08 46.09
N ALA D 175 -28.90 -1.36 47.39
CA ALA D 175 -27.70 -1.01 48.15
C ALA D 175 -26.45 -1.65 47.58
N GLU D 176 -26.53 -2.92 47.21
CA GLU D 176 -25.36 -3.58 46.62
C GLU D 176 -24.98 -2.98 45.26
N VAL D 177 -25.99 -2.54 44.49
CA VAL D 177 -25.74 -1.86 43.23
C VAL D 177 -25.09 -0.49 43.48
N VAL D 178 -25.60 0.23 44.46
CA VAL D 178 -25.00 1.52 44.82
C VAL D 178 -23.50 1.38 45.09
N LEU D 179 -23.12 0.33 45.82
CA LEU D 179 -21.71 0.10 46.13
C LEU D 179 -20.91 -0.35 44.91
N ALA D 180 -21.50 -1.23 44.09
CA ALA D 180 -20.83 -1.68 42.87
C ALA D 180 -20.52 -0.48 41.97
N LEU D 181 -21.54 0.34 41.72
CA LEU D 181 -21.35 1.53 40.90
C LEU D 181 -20.33 2.49 41.49
N ASP D 182 -20.35 2.66 42.82
CA ASP D 182 -19.41 3.58 43.43
C ASP D 182 -17.98 3.07 43.19
N ALA D 183 -17.82 1.74 43.21
CA ALA D 183 -16.50 1.16 42.98
C ALA D 183 -16.01 1.53 41.58
N ILE D 184 -16.89 1.35 40.59
CA ILE D 184 -16.58 1.68 39.22
C ILE D 184 -16.31 3.17 39.00
N HIS D 185 -17.15 4.01 39.59
CA HIS D 185 -16.91 5.45 39.53
C HIS D 185 -15.55 5.80 40.11
N SER D 186 -15.22 5.19 41.25
CA SER D 186 -13.92 5.41 41.90
C SER D 186 -12.75 4.94 41.04
N MET D 187 -12.99 3.99 40.15
CA MET D 187 -11.95 3.54 39.22
C MET D 187 -11.81 4.53 38.07
N GLY D 188 -12.70 5.50 38.00
CA GLY D 188 -12.68 6.50 36.95
C GLY D 188 -13.57 6.22 35.75
N PHE D 189 -14.47 5.25 35.85
CA PHE D 189 -15.36 4.87 34.73
C PHE D 189 -16.84 5.19 34.95
N ILE D 190 -17.51 5.53 33.87
CA ILE D 190 -18.96 5.64 33.89
C ILE D 190 -19.51 4.40 33.19
N HIS D 191 -20.53 3.78 33.75
CA HIS D 191 -20.98 2.48 33.25
C HIS D 191 -21.79 2.59 31.96
N ARG D 192 -22.72 3.53 31.96
CA ARG D 192 -23.54 3.94 30.82
C ARG D 192 -24.71 3.04 30.43
N ASP D 193 -24.72 1.76 30.78
CA ASP D 193 -26.03 1.13 30.89
C ASP D 193 -26.11 0.16 32.05
N VAL D 194 -26.69 0.65 33.13
CA VAL D 194 -26.84 -0.18 34.28
C VAL D 194 -28.23 -0.79 34.13
N LYS D 195 -28.35 -2.08 34.37
CA LYS D 195 -29.65 -2.70 34.25
C LYS D 195 -29.55 -4.13 34.73
N PRO D 196 -30.70 -4.70 35.13
CA PRO D 196 -30.76 -5.99 35.83
C PRO D 196 -30.04 -7.06 35.03
N ASP D 197 -30.00 -6.90 33.72
CA ASP D 197 -29.31 -7.85 32.85
C ASP D 197 -27.83 -7.92 33.18
N ASN D 198 -27.26 -6.80 33.61
CA ASN D 198 -25.83 -6.69 33.93
C ASN D 198 -25.49 -7.02 35.39
N MET D 199 -26.50 -7.39 36.16
CA MET D 199 -26.27 -7.70 37.57
C MET D 199 -26.29 -9.21 37.77
N LEU D 200 -25.16 -9.79 38.17
CA LEU D 200 -25.11 -11.23 38.45
C LEU D 200 -25.05 -11.57 39.96
N LEU D 201 -25.60 -12.72 40.34
CA LEU D 201 -25.54 -13.21 41.72
C LEU D 201 -24.54 -14.34 41.87
N ASP D 202 -23.68 -14.26 42.89
CA ASP D 202 -22.68 -15.32 43.09
C ASP D 202 -23.26 -16.52 43.86
N LYS D 203 -22.41 -17.50 44.14
CA LYS D 203 -22.82 -18.70 44.87
C LYS D 203 -23.61 -18.38 46.16
N SER D 204 -23.19 -17.32 46.84
CA SER D 204 -23.82 -16.91 48.09
C SER D 204 -25.03 -15.99 47.90
N GLY D 205 -25.38 -15.70 46.64
CA GLY D 205 -26.51 -14.83 46.36
C GLY D 205 -26.21 -13.34 46.42
N HIS D 206 -24.92 -12.98 46.48
CA HIS D 206 -24.54 -11.57 46.48
C HIS D 206 -24.21 -11.05 45.09
N LEU D 207 -24.52 -9.78 44.86
CA LEU D 207 -24.49 -9.17 43.52
C LEU D 207 -23.10 -8.71 43.06
N LYS D 208 -22.82 -8.88 41.77
CA LYS D 208 -21.68 -8.22 41.10
C LYS D 208 -22.12 -7.64 39.76
N LEU D 209 -21.49 -6.54 39.35
CA LEU D 209 -21.72 -6.04 38.01
C LEU D 209 -20.89 -6.86 37.04
N ALA D 210 -21.46 -7.15 35.88
CA ALA D 210 -20.74 -7.79 34.78
C ALA D 210 -21.06 -7.07 33.46
N ASP D 211 -20.45 -7.48 32.36
CA ASP D 211 -20.71 -6.80 31.07
C ASP D 211 -20.38 -5.29 31.08
N PHE D 212 -19.10 -4.98 31.01
CA PHE D 212 -18.60 -3.60 30.98
C PHE D 212 -18.38 -2.98 29.58
N GLY D 213 -18.86 -3.66 28.55
CA GLY D 213 -18.70 -3.23 27.18
C GLY D 213 -19.01 -1.76 26.91
N THR D 214 -19.93 -1.14 27.64
CA THR D 214 -20.22 0.29 27.40
C THR D 214 -19.50 1.34 28.28
N CYS D 215 -18.63 0.89 29.20
CA CYS D 215 -17.96 1.83 30.12
C CYS D 215 -16.99 2.78 29.44
N MET D 216 -16.84 3.98 29.99
CA MET D 216 -15.91 4.97 29.49
C MET D 216 -15.18 5.70 30.62
N LYS D 217 -13.88 5.94 30.43
CA LYS D 217 -13.11 6.74 31.40
C LYS D 217 -13.60 8.18 31.40
N MET D 218 -13.82 8.73 32.59
CA MET D 218 -14.15 10.14 32.72
C MET D 218 -12.91 10.99 32.50
N ASN D 219 -13.10 12.19 31.98
CA ASN D 219 -11.99 13.11 31.86
C ASN D 219 -11.75 13.77 33.22
N LYS D 220 -10.94 14.83 33.25
CA LYS D 220 -10.63 15.52 34.49
C LYS D 220 -11.85 16.10 35.19
N GLU D 221 -12.87 16.42 34.40
CA GLU D 221 -14.12 16.99 34.93
C GLU D 221 -15.09 15.90 35.36
N GLY D 222 -14.73 14.64 35.12
CA GLY D 222 -15.61 13.52 35.37
C GLY D 222 -16.69 13.37 34.32
N MET D 223 -16.37 13.70 33.06
CA MET D 223 -17.36 13.68 31.99
C MET D 223 -16.92 12.79 30.88
N VAL D 224 -17.89 12.28 30.13
CA VAL D 224 -17.63 11.59 28.88
C VAL D 224 -18.66 12.01 27.81
N ARG D 225 -18.33 11.77 26.55
CA ARG D 225 -19.29 11.89 25.46
C ARG D 225 -19.21 10.61 24.64
N CYS D 226 -20.31 10.19 24.04
CA CYS D 226 -20.22 9.05 23.14
C CYS D 226 -21.06 9.13 21.88
N ASP D 227 -20.44 8.75 20.77
CA ASP D 227 -21.14 8.48 19.53
C ASP D 227 -21.69 7.05 19.49
N THR D 228 -21.11 6.17 20.32
CA THR D 228 -21.46 4.73 20.25
C THR D 228 -22.86 4.42 20.77
N ALA D 229 -23.59 3.69 19.94
CA ALA D 229 -25.00 3.48 20.13
C ALA D 229 -25.39 2.97 21.52
N VAL D 230 -26.46 3.56 22.05
CA VAL D 230 -27.22 2.96 23.13
C VAL D 230 -28.37 2.16 22.49
N GLY D 231 -28.37 0.83 22.66
CA GLY D 231 -29.42 0.04 22.02
C GLY D 231 -30.83 0.20 22.57
N THR D 232 -31.03 -0.19 23.82
CA THR D 232 -32.35 -0.13 24.45
C THR D 232 -32.35 1.01 25.44
N PRO D 233 -33.30 1.94 25.28
CA PRO D 233 -33.50 3.17 26.06
C PRO D 233 -34.04 3.00 27.49
N ASP D 234 -34.59 1.84 27.85
CA ASP D 234 -35.40 1.73 29.08
C ASP D 234 -34.75 2.29 30.35
N TYR D 235 -33.48 1.97 30.58
CA TYR D 235 -32.79 2.46 31.78
C TYR D 235 -31.95 3.72 31.57
N ILE D 236 -32.01 4.26 30.35
CA ILE D 236 -31.15 5.37 29.97
C ILE D 236 -31.73 6.73 30.35
N SER D 237 -30.88 7.60 30.91
CA SER D 237 -31.30 8.92 31.34
C SER D 237 -31.53 9.88 30.17
N PRO D 238 -32.30 10.95 30.41
CA PRO D 238 -32.66 11.95 29.41
C PRO D 238 -31.47 12.67 28.83
N GLU D 239 -30.44 12.89 29.65
CA GLU D 239 -29.30 13.65 29.17
C GLU D 239 -28.38 12.78 28.31
N VAL D 240 -28.36 11.49 28.56
CA VAL D 240 -27.65 10.58 27.67
C VAL D 240 -28.39 10.46 26.32
N LEU D 241 -29.71 10.41 26.36
CA LEU D 241 -30.49 10.36 25.12
C LEU D 241 -30.23 11.62 24.30
N LYS D 242 -30.33 12.78 24.94
CA LYS D 242 -30.06 14.06 24.29
C LYS D 242 -28.64 14.15 23.73
N SER D 243 -27.65 13.70 24.50
CA SER D 243 -26.26 13.80 24.07
C SER D 243 -26.00 13.00 22.80
N GLN D 244 -26.81 11.97 22.60
CA GLN D 244 -26.69 11.14 21.40
C GLN D 244 -26.99 11.97 20.14
N GLY D 245 -27.79 13.03 20.30
CA GLY D 245 -28.13 13.93 19.21
C GLY D 245 -27.19 15.11 19.04
N GLY D 246 -26.06 15.07 19.73
CA GLY D 246 -25.05 16.13 19.62
C GLY D 246 -25.03 17.09 20.79
N ASP D 247 -25.68 16.71 21.88
CA ASP D 247 -25.79 17.57 23.07
C ASP D 247 -24.60 17.44 24.02
N GLY D 248 -23.55 16.76 23.55
CA GLY D 248 -22.27 16.69 24.24
C GLY D 248 -22.16 15.82 25.50
N TYR D 249 -21.75 16.43 26.60
CA TYR D 249 -21.20 15.69 27.73
C TYR D 249 -22.15 15.44 28.88
N TYR D 250 -21.95 14.30 29.55
CA TYR D 250 -22.64 13.98 30.78
C TYR D 250 -21.67 13.33 31.78
N GLY D 251 -22.03 13.35 33.06
CA GLY D 251 -21.25 12.72 34.11
C GLY D 251 -21.86 11.46 34.72
N ARG D 252 -21.28 11.00 35.82
CA ARG D 252 -21.66 9.71 36.41
C ARG D 252 -23.09 9.67 36.94
N GLU D 253 -23.74 10.83 37.08
CA GLU D 253 -25.12 10.83 37.54
C GLU D 253 -26.07 10.09 36.60
N CYS D 254 -25.63 9.86 35.35
CA CYS D 254 -26.43 9.07 34.41
C CYS D 254 -26.65 7.65 34.95
N ASP D 255 -25.64 7.13 35.63
CA ASP D 255 -25.75 5.83 36.30
C ASP D 255 -26.78 5.80 37.43
N TRP D 256 -26.89 6.88 38.20
CA TRP D 256 -27.87 6.95 39.29
C TRP D 256 -29.31 7.03 38.79
N TRP D 257 -29.50 7.62 37.62
CA TRP D 257 -30.80 7.56 36.97
C TRP D 257 -31.20 6.10 36.79
N SER D 258 -30.31 5.31 36.22
CA SER D 258 -30.58 3.90 35.98
C SER D 258 -30.96 3.17 37.29
N VAL D 259 -30.29 3.49 38.39
CA VAL D 259 -30.61 2.87 39.67
C VAL D 259 -32.05 3.19 40.03
N GLY D 260 -32.44 4.46 39.89
CA GLY D 260 -33.81 4.86 40.04
C GLY D 260 -34.77 4.00 39.24
N VAL D 261 -34.44 3.74 37.98
CA VAL D 261 -35.32 2.94 37.14
C VAL D 261 -35.40 1.51 37.67
N PHE D 262 -34.26 0.97 38.06
CA PHE D 262 -34.15 -0.36 38.63
C PHE D 262 -34.99 -0.54 39.90
N LEU D 263 -35.00 0.47 40.76
CA LEU D 263 -35.73 0.34 42.02
C LEU D 263 -37.21 0.27 41.66
N TYR D 264 -37.64 1.18 40.79
CA TYR D 264 -39.01 1.21 40.33
C TYR D 264 -39.42 -0.14 39.76
N GLU D 265 -38.55 -0.76 38.97
CA GLU D 265 -38.93 -2.03 38.36
C GLU D 265 -39.09 -3.18 39.36
N MET D 266 -38.25 -3.20 40.38
CA MET D 266 -38.34 -4.26 41.38
C MET D 266 -39.62 -4.14 42.18
N LEU D 267 -39.96 -2.91 42.54
CA LEU D 267 -41.13 -2.66 43.37
C LEU D 267 -42.42 -2.76 42.59
N VAL D 268 -42.47 -2.07 41.47
CA VAL D 268 -43.68 -1.92 40.67
C VAL D 268 -43.93 -3.09 39.71
N GLY D 269 -42.86 -3.76 39.27
CA GLY D 269 -43.02 -4.91 38.39
C GLY D 269 -42.79 -4.58 36.92
N ASP D 270 -42.97 -3.32 36.58
CA ASP D 270 -42.63 -2.83 35.25
C ASP D 270 -41.66 -1.64 35.34
N THR D 271 -40.98 -1.43 34.24
CA THR D 271 -40.13 -0.26 34.04
C THR D 271 -40.98 1.01 33.93
N PRO D 272 -40.53 2.10 34.54
CA PRO D 272 -41.40 3.28 34.66
C PRO D 272 -41.71 3.98 33.34
N PHE D 273 -40.83 3.86 32.36
CA PHE D 273 -41.05 4.43 31.02
C PHE D 273 -41.46 3.42 29.97
N TYR D 274 -41.79 2.21 30.40
CA TYR D 274 -42.20 1.15 29.49
C TYR D 274 -43.24 1.63 28.45
N ALA D 275 -43.09 1.16 27.22
CA ALA D 275 -44.07 1.36 26.14
C ALA D 275 -43.83 0.24 25.13
N ASP D 276 -44.84 -0.11 24.32
CA ASP D 276 -44.63 -1.24 23.40
C ASP D 276 -43.76 -0.92 22.18
N SER D 277 -43.43 0.35 21.99
CA SER D 277 -42.41 0.70 21.00
C SER D 277 -41.22 1.44 21.61
N LEU D 278 -40.12 1.35 20.90
CA LEU D 278 -38.91 2.07 21.20
C LEU D 278 -39.18 3.58 21.25
N VAL D 279 -39.86 4.10 20.22
CA VAL D 279 -40.09 5.54 20.14
C VAL D 279 -41.03 6.03 21.24
N GLY D 280 -41.93 5.17 21.70
CA GLY D 280 -42.80 5.54 22.80
C GLY D 280 -42.07 5.72 24.12
N THR D 281 -41.11 4.83 24.37
CA THR D 281 -40.29 4.89 25.56
C THR D 281 -39.39 6.12 25.56
N TYR D 282 -38.73 6.35 24.42
CA TYR D 282 -37.89 7.52 24.22
C TYR D 282 -38.70 8.75 24.59
N SER D 283 -39.90 8.84 24.03
CA SER D 283 -40.76 9.97 24.32
C SER D 283 -41.10 10.09 25.81
N LYS D 284 -41.50 8.99 26.43
CA LYS D 284 -41.84 9.03 27.87
C LYS D 284 -40.65 9.53 28.71
N ILE D 285 -39.45 9.07 28.38
CA ILE D 285 -38.26 9.46 29.13
C ILE D 285 -37.99 10.95 29.05
N MET D 286 -38.00 11.50 27.84
CA MET D 286 -37.81 12.95 27.67
C MET D 286 -38.91 13.69 28.43
N ASN D 287 -40.09 13.11 28.42
CA ASN D 287 -41.27 13.68 29.05
C ASN D 287 -41.44 13.28 30.54
N HIS D 288 -40.38 12.72 31.12
CA HIS D 288 -40.44 12.13 32.48
C HIS D 288 -41.13 12.98 33.56
N LYS D 289 -41.01 14.30 33.47
CA LYS D 289 -41.65 15.15 34.47
C LYS D 289 -43.13 14.81 34.61
N ASN D 290 -43.79 14.69 33.46
CA ASN D 290 -45.18 14.26 33.40
C ASN D 290 -45.43 12.76 33.38
N SER D 291 -44.59 12.03 32.65
CA SER D 291 -44.86 10.62 32.38
C SER D 291 -44.67 9.68 33.58
N LEU D 292 -43.82 10.07 34.52
CA LEU D 292 -43.54 9.20 35.66
C LEU D 292 -44.71 9.25 36.64
N THR D 293 -45.31 8.09 36.88
CA THR D 293 -46.45 7.94 37.79
C THR D 293 -46.27 6.70 38.63
N PHE D 294 -46.97 6.70 39.76
CA PHE D 294 -46.90 5.56 40.66
C PHE D 294 -48.24 4.83 40.74
N PRO D 295 -48.18 3.52 40.99
CA PRO D 295 -49.21 2.56 40.59
C PRO D 295 -50.37 2.41 41.56
N ASP D 296 -51.26 1.50 41.17
CA ASP D 296 -52.46 1.14 41.93
C ASP D 296 -52.11 0.18 43.08
N ASP D 297 -51.10 -0.67 42.85
CA ASP D 297 -50.85 -1.84 43.69
C ASP D 297 -50.50 -1.51 45.14
N ASN D 298 -50.30 -0.23 45.42
CA ASN D 298 -50.13 0.23 46.79
C ASN D 298 -49.80 1.71 46.82
N ASP D 299 -49.81 2.26 48.03
CA ASP D 299 -48.88 3.33 48.33
C ASP D 299 -47.76 2.52 48.98
N ILE D 300 -46.66 2.33 48.26
CA ILE D 300 -45.57 1.54 48.80
C ILE D 300 -44.79 2.57 49.61
N SER D 301 -43.77 2.13 50.37
CA SER D 301 -43.23 3.04 51.36
C SER D 301 -42.92 4.39 50.71
N LYS D 302 -43.26 5.47 51.40
CA LYS D 302 -43.05 6.79 50.82
C LYS D 302 -41.56 7.09 50.73
N GLU D 303 -40.75 6.37 51.52
CA GLU D 303 -39.30 6.51 51.45
C GLU D 303 -38.80 5.93 50.12
N ALA D 304 -39.37 4.80 49.74
CA ALA D 304 -39.08 4.18 48.48
C ALA D 304 -39.45 5.13 47.33
N LYS D 305 -40.68 5.64 47.37
CA LYS D 305 -41.15 6.57 46.36
C LYS D 305 -40.27 7.80 46.33
N ASN D 306 -39.83 8.21 47.50
CA ASN D 306 -39.00 9.40 47.61
C ASN D 306 -37.62 9.21 46.98
N LEU D 307 -37.08 8.01 47.14
CA LEU D 307 -35.76 7.72 46.62
C LEU D 307 -35.83 7.66 45.09
N ILE D 308 -36.82 6.92 44.60
CA ILE D 308 -37.01 6.77 43.17
C ILE D 308 -37.11 8.14 42.51
N CYS D 309 -37.95 9.02 43.05
CA CYS D 309 -38.16 10.33 42.45
C CYS D 309 -36.91 11.19 42.57
N ALA D 310 -36.09 10.89 43.56
CA ALA D 310 -34.85 11.64 43.73
C ALA D 310 -33.85 11.25 42.65
N PHE D 311 -33.95 10.02 42.17
CA PHE D 311 -33.11 9.55 41.10
C PHE D 311 -33.63 10.01 39.74
N LEU D 312 -34.94 9.95 39.52
CA LEU D 312 -35.40 10.28 38.20
C LEU D 312 -35.84 11.72 38.22
N THR D 313 -34.90 12.59 37.88
CA THR D 313 -35.07 14.02 37.95
C THR D 313 -33.99 14.57 37.08
N ASP D 314 -34.08 15.85 36.73
CA ASP D 314 -32.99 16.50 36.00
C ASP D 314 -31.69 16.28 36.75
N ARG D 315 -30.58 16.21 36.00
CA ARG D 315 -29.30 15.87 36.58
C ARG D 315 -28.82 16.92 37.58
N GLU D 316 -29.17 18.18 37.34
CA GLU D 316 -28.72 19.26 38.21
C GLU D 316 -29.24 19.13 39.65
N VAL D 317 -30.46 18.61 39.79
CA VAL D 317 -31.04 18.30 41.11
C VAL D 317 -31.02 16.81 41.51
N ARG D 318 -30.45 15.95 40.67
CA ARG D 318 -30.49 14.51 40.94
C ARG D 318 -29.64 14.07 42.14
N LEU D 319 -30.21 13.18 42.96
CA LEU D 319 -29.49 12.55 44.06
C LEU D 319 -28.24 11.85 43.54
N GLY D 320 -27.11 12.09 44.20
CA GLY D 320 -25.84 11.52 43.79
C GLY D 320 -24.86 12.49 43.14
N ARG D 321 -25.36 13.66 42.74
CA ARG D 321 -24.48 14.67 42.14
C ARG D 321 -23.51 15.22 43.18
N ASN D 322 -23.90 15.16 44.45
CA ASN D 322 -23.04 15.62 45.55
C ASN D 322 -22.17 14.49 46.08
N GLY D 323 -22.19 13.35 45.38
CA GLY D 323 -21.40 12.20 45.79
C GLY D 323 -22.29 11.14 46.40
N VAL D 324 -21.70 10.00 46.73
CA VAL D 324 -22.45 8.80 47.10
C VAL D 324 -22.95 8.77 48.54
N GLU D 325 -22.38 9.63 49.38
CA GLU D 325 -22.79 9.67 50.78
C GLU D 325 -24.22 10.17 50.95
N GLU D 326 -24.62 11.13 50.12
CA GLU D 326 -25.98 11.63 50.25
C GLU D 326 -27.00 10.55 49.88
N ILE D 327 -26.55 9.57 49.11
CA ILE D 327 -27.40 8.44 48.75
C ILE D 327 -27.48 7.44 49.89
N LYS D 328 -26.32 7.13 50.47
CA LYS D 328 -26.25 6.15 51.53
C LYS D 328 -27.07 6.57 52.76
N ARG D 329 -27.23 7.88 52.92
CA ARG D 329 -27.96 8.44 54.06
C ARG D 329 -29.46 8.47 53.86
N HIS D 330 -29.92 8.20 52.64
CA HIS D 330 -31.36 8.24 52.39
C HIS D 330 -32.11 7.30 53.34
N LEU D 331 -33.22 7.80 53.88
CA LEU D 331 -34.03 7.04 54.82
C LEU D 331 -34.47 5.67 54.29
N PHE D 332 -34.58 5.53 52.97
CA PHE D 332 -35.00 4.25 52.40
C PHE D 332 -34.07 3.11 52.80
N PHE D 333 -32.80 3.44 53.05
CA PHE D 333 -31.82 2.40 53.37
C PHE D 333 -31.80 1.95 54.84
N LYS D 334 -32.45 2.72 55.72
CA LYS D 334 -32.52 2.38 57.15
C LYS D 334 -33.11 0.99 57.38
N ASN D 335 -32.40 0.14 58.12
CA ASN D 335 -32.92 -1.19 58.43
C ASN D 335 -32.17 -1.94 59.53
N ASP D 336 -32.68 -3.12 59.87
CA ASP D 336 -32.16 -3.99 60.94
C ASP D 336 -31.01 -4.94 60.61
N GLN D 337 -31.09 -5.56 59.45
CA GLN D 337 -30.23 -6.71 59.12
C GLN D 337 -28.81 -6.35 58.73
N TRP D 338 -28.63 -5.22 58.05
CA TRP D 338 -27.30 -4.90 57.56
C TRP D 338 -26.93 -3.43 57.72
N ALA D 339 -25.62 -3.18 57.71
CA ALA D 339 -25.06 -1.84 57.62
C ALA D 339 -24.22 -1.76 56.34
N TRP D 340 -23.99 -0.54 55.86
CA TRP D 340 -23.28 -0.34 54.60
C TRP D 340 -21.93 -1.07 54.56
N GLU D 341 -21.19 -1.03 55.65
CA GLU D 341 -19.87 -1.65 55.65
C GLU D 341 -19.93 -3.17 55.78
N THR D 342 -21.01 -3.69 56.35
CA THR D 342 -21.15 -5.12 56.55
C THR D 342 -22.02 -5.82 55.52
N LEU D 343 -22.53 -5.05 54.56
CA LEU D 343 -23.58 -5.53 53.66
C LEU D 343 -23.30 -6.90 53.06
N ARG D 344 -22.06 -7.14 52.61
CA ARG D 344 -21.78 -8.38 51.88
C ARG D 344 -21.54 -9.59 52.77
N ASP D 345 -21.47 -9.37 54.08
CA ASP D 345 -21.37 -10.48 55.03
C ASP D 345 -22.75 -10.96 55.47
N THR D 346 -23.78 -10.19 55.13
CA THR D 346 -25.16 -10.54 55.44
C THR D 346 -25.59 -11.77 54.65
N VAL D 347 -26.57 -12.51 55.17
CA VAL D 347 -27.20 -13.57 54.40
C VAL D 347 -28.11 -12.93 53.36
N ALA D 348 -28.00 -13.39 52.11
CA ALA D 348 -28.73 -12.77 51.01
C ALA D 348 -30.17 -13.27 50.91
N PRO D 349 -31.07 -12.43 50.40
CA PRO D 349 -32.50 -12.74 50.26
C PRO D 349 -32.71 -14.10 49.61
N VAL D 350 -31.94 -14.39 48.57
CA VAL D 350 -32.05 -15.64 47.83
C VAL D 350 -30.68 -16.29 47.69
N VAL D 351 -30.52 -17.44 48.33
CA VAL D 351 -29.27 -18.17 48.24
C VAL D 351 -29.51 -19.38 47.38
N PRO D 352 -28.79 -19.47 46.26
CA PRO D 352 -29.12 -20.45 45.23
C PRO D 352 -28.87 -21.90 45.67
N ASP D 353 -29.77 -22.78 45.25
CA ASP D 353 -29.63 -24.21 45.48
C ASP D 353 -28.97 -24.83 44.26
N LEU D 354 -27.75 -25.34 44.43
CA LEU D 354 -26.95 -25.77 43.30
C LEU D 354 -26.59 -27.25 43.38
N SER D 355 -27.01 -28.01 42.37
CA SER D 355 -26.80 -29.47 42.34
C SER D 355 -25.34 -29.85 42.12
N SER D 356 -24.65 -29.12 41.24
CA SER D 356 -23.22 -29.33 41.04
C SER D 356 -22.53 -28.02 40.74
N ASP D 357 -21.21 -28.09 40.60
CA ASP D 357 -20.41 -26.95 40.17
C ASP D 357 -20.77 -26.55 38.72
N ILE D 358 -21.47 -27.44 38.02
CA ILE D 358 -21.85 -27.24 36.62
C ILE D 358 -23.30 -26.77 36.43
N ASP D 359 -24.01 -26.53 37.53
CA ASP D 359 -25.42 -26.23 37.50
C ASP D 359 -25.71 -24.93 36.75
N THR D 360 -26.54 -25.04 35.71
CA THR D 360 -26.96 -23.94 34.83
C THR D 360 -28.36 -23.38 35.12
N SER D 361 -29.02 -23.92 36.15
CA SER D 361 -30.45 -23.70 36.36
C SER D 361 -30.92 -22.25 36.37
N ASN D 362 -30.06 -21.31 36.76
CA ASN D 362 -30.45 -19.91 36.79
C ASN D 362 -30.28 -19.18 35.45
N PHE D 363 -29.86 -19.93 34.43
CA PHE D 363 -29.64 -19.39 33.09
C PHE D 363 -30.55 -19.98 32.02
N ASP D 364 -31.12 -19.13 31.20
CA ASP D 364 -31.79 -19.61 30.01
C ASP D 364 -30.78 -20.35 29.16
N ASP D 365 -31.11 -21.58 28.80
CA ASP D 365 -30.21 -22.43 28.04
C ASP D 365 -30.20 -22.04 26.55
N LEU D 366 -29.04 -22.18 25.93
CA LEU D 366 -28.87 -21.81 24.54
C LEU D 366 -28.18 -22.96 23.84
N GLU D 367 -28.53 -23.20 22.59
CA GLU D 367 -28.13 -24.42 21.91
C GLU D 367 -26.65 -24.41 21.52
N GLU D 368 -26.32 -23.64 20.50
CA GLU D 368 -24.95 -23.52 20.03
C GLU D 368 -24.99 -22.66 18.79
N ASP D 369 -23.85 -22.09 18.41
CA ASP D 369 -23.79 -21.30 17.20
C ASP D 369 -23.88 -22.23 15.99
N LYS D 370 -22.98 -23.20 15.94
CA LYS D 370 -23.03 -24.23 14.91
C LYS D 370 -22.84 -23.64 13.51
N GLY D 371 -22.82 -22.31 13.44
CA GLY D 371 -22.67 -21.60 12.17
C GLY D 371 -21.25 -21.67 11.62
N GLU D 372 -21.07 -21.13 10.43
CA GLU D 372 -19.81 -21.28 9.69
C GLU D 372 -18.86 -20.10 9.88
N GLU D 373 -17.59 -20.42 10.11
CA GLU D 373 -16.57 -19.39 10.34
C GLU D 373 -16.27 -18.62 9.05
N GLU D 374 -16.39 -17.30 9.12
CA GLU D 374 -16.08 -16.44 7.98
C GLU D 374 -14.63 -15.97 8.02
N THR D 375 -14.04 -15.88 6.85
CA THR D 375 -12.64 -15.51 6.71
C THR D 375 -12.49 -14.26 5.85
N PHE D 376 -11.48 -13.45 6.17
CA PHE D 376 -11.17 -12.28 5.37
C PHE D 376 -10.62 -12.69 4.01
N PRO D 377 -10.78 -11.83 3.01
CA PRO D 377 -10.06 -12.04 1.74
C PRO D 377 -8.54 -12.08 1.98
N ILE D 378 -7.85 -12.97 1.29
CA ILE D 378 -6.41 -13.16 1.45
C ILE D 378 -5.62 -11.89 1.11
N PRO D 379 -4.84 -11.37 2.07
CA PRO D 379 -4.01 -10.18 1.87
C PRO D 379 -3.14 -10.28 0.61
N LYS D 380 -3.13 -9.23 -0.20
CA LYS D 380 -2.17 -9.13 -1.31
C LYS D 380 -0.96 -8.28 -0.90
N ALA D 381 -1.10 -7.61 0.24
CA ALA D 381 -0.09 -6.75 0.83
C ALA D 381 -0.47 -6.75 2.31
N PHE D 382 0.45 -6.34 3.18
CA PHE D 382 0.18 -6.28 4.61
C PHE D 382 -1.04 -5.42 4.90
N VAL D 383 -1.99 -6.04 5.59
CA VAL D 383 -3.29 -5.50 5.95
C VAL D 383 -3.31 -5.22 7.48
N GLY D 384 -2.95 -6.22 8.27
CA GLY D 384 -2.80 -6.06 9.71
C GLY D 384 -4.11 -6.11 10.48
N ASN D 385 -4.98 -7.05 10.09
CA ASN D 385 -6.23 -7.25 10.81
C ASN D 385 -6.06 -7.73 12.26
N GLN D 386 -4.87 -8.20 12.64
CA GLN D 386 -4.62 -8.57 14.03
C GLN D 386 -4.11 -7.40 14.90
N LEU D 387 -3.71 -6.31 14.26
CA LEU D 387 -3.12 -5.20 14.99
C LEU D 387 -4.02 -4.60 16.09
N PRO D 388 -5.34 -4.56 15.86
CA PRO D 388 -6.17 -3.94 16.89
C PRO D 388 -6.22 -4.79 18.15
N PHE D 389 -5.85 -6.06 18.03
CA PHE D 389 -5.95 -6.97 19.13
C PHE D 389 -4.64 -7.23 19.88
N VAL D 390 -3.56 -6.62 19.41
CA VAL D 390 -2.29 -6.76 20.10
C VAL D 390 -2.32 -6.12 21.51
N GLY D 391 -1.94 -6.89 22.53
CA GLY D 391 -1.96 -6.39 23.89
C GLY D 391 -3.13 -6.92 24.72
N PHE D 392 -3.98 -7.74 24.14
CA PHE D 392 -5.18 -8.21 24.82
C PHE D 392 -4.88 -9.26 25.89
N THR D 393 -3.85 -10.07 25.64
CA THR D 393 -3.59 -11.20 26.48
C THR D 393 -3.35 -10.74 27.91
N TYR D 394 -3.88 -11.47 28.88
CA TYR D 394 -3.65 -11.17 30.28
C TYR D 394 -3.74 -12.42 31.13
N TYR D 395 -2.85 -12.53 32.10
CA TYR D 395 -2.81 -13.68 33.02
C TYR D 395 -2.72 -13.20 34.46
N SER D 396 -3.72 -13.49 35.27
CA SER D 396 -3.67 -13.11 36.67
C SER D 396 -2.70 -14.08 37.37
N ASN D 397 -1.68 -13.53 38.01
CA ASN D 397 -0.47 -14.31 38.27
C ASN D 397 -0.21 -14.66 39.72
#